data_6ZE8
#
_entry.id   6ZE8
#
_cell.length_a   87.325
_cell.length_b   93.744
_cell.length_c   281.642
_cell.angle_alpha   90.000
_cell.angle_beta   90.000
_cell.angle_gamma   90.000
#
_symmetry.space_group_name_H-M   'P 21 21 21'
#
loop_
_entity.id
_entity.type
_entity.pdbx_description
1 polymer Chitotriosidase-1
2 non-polymer 5-(4-((2S,5S)-5-(4-chlorobenzyl)-2-methylmorpholino)piperidin-1-yl)-4H-1,2,4-triazol-3-amine
3 non-polymer 'SODIUM ION'
4 non-polymer GLYCEROL
5 water water
#
_entity_poly.entity_id   1
_entity_poly.type   'polypeptide(L)'
_entity_poly.pdbx_seq_one_letter_code
;AKLVCYFTNWAQYRQGEARFLPKDLDPSLCTHLIYAFAGMTNHQLSTTEWNDETLYQEFNGLKKMNPKLKTLLAIGGWNF
GTQKFTDMVATANNRQTFVNSAIRFLRKYSFDGLDLDWEYPGSQGSPAVDKERFTTLVQDLANAFQQEAQTSGKERLLLS
AAVPAGQTYVDAGYEVDKIAQNLDFVNLMAYDFHGSWEKVTGHNSPLYKRQEESGAAASLNVDAAVQQWLQKGTPASKLI
LGMPTYGRSFTLASSSDTRVGAPATGSGTPGPFTKEGGMLAYYEVCSWKGATKQRIQDQKVPYIFRDNQWVGFDDVESFK
TKVSYLKQKGLGGAMVWALDLDDFAGFSCNQGRYPLIQTLRQELS
;
_entity_poly.pdbx_strand_id   A,B,C,D,E,F
#
loop_
_chem_comp.id
_chem_comp.type
_chem_comp.name
_chem_comp.formula
GOL non-polymer GLYCEROL 'C3 H8 O3'
NA non-polymer 'SODIUM ION' 'Na 1'
QGB non-polymer 5-(4-((2S,5S)-5-(4-chlorobenzyl)-2-methylmorpholino)piperidin-1-yl)-4H-1,2,4-triazol-3-amine 'C19 H27 Cl N6 O'
#
# COMPACT_ATOMS: atom_id res chain seq x y z
N ALA A 1 -56.21 -15.41 21.27
CA ALA A 1 -55.79 -14.04 21.08
C ALA A 1 -54.44 -13.99 20.40
N LYS A 2 -54.26 -13.01 19.53
CA LYS A 2 -52.96 -12.80 18.92
C LYS A 2 -52.14 -11.82 19.74
N LEU A 3 -50.82 -12.00 19.72
CA LEU A 3 -49.87 -11.01 20.25
C LEU A 3 -48.84 -10.82 19.13
N VAL A 4 -49.01 -9.71 18.39
CA VAL A 4 -48.25 -9.43 17.15
C VAL A 4 -47.13 -8.45 17.52
N CYS A 5 -45.87 -8.85 17.33
CA CYS A 5 -44.74 -8.03 17.80
C CYS A 5 -43.83 -7.67 16.65
N TYR A 6 -43.45 -6.39 16.58
CA TYR A 6 -42.56 -5.93 15.50
C TYR A 6 -41.09 -5.91 15.93
N PHE A 7 -40.24 -6.48 15.05
CA PHE A 7 -38.78 -6.40 15.09
C PHE A 7 -38.35 -5.32 14.10
N THR A 8 -37.28 -4.59 14.42
CA THR A 8 -36.78 -3.56 13.50
C THR A 8 -35.33 -3.84 13.11
N ASN A 9 -35.04 -3.79 11.79
CA ASN A 9 -33.72 -4.18 11.30
C ASN A 9 -32.67 -3.07 11.41
N TRP A 10 -32.98 -1.95 12.05
CA TRP A 10 -31.98 -0.93 12.35
C TRP A 10 -31.64 -0.88 13.83
N ALA A 11 -32.34 -1.66 14.68
CA ALA A 11 -31.99 -1.68 16.10
C ALA A 11 -30.63 -2.34 16.33
N GLN A 12 -30.11 -3.06 15.33
CA GLN A 12 -28.77 -3.65 15.42
C GLN A 12 -27.68 -2.59 15.55
N TYR A 13 -27.98 -1.31 15.24
CA TYR A 13 -26.97 -0.24 15.29
C TYR A 13 -27.03 0.60 16.59
N ARG A 14 -27.93 0.28 17.52
CA ARG A 14 -28.01 1.01 18.79
C ARG A 14 -26.78 0.72 19.66
N GLN A 15 -26.34 1.73 20.42
CA GLN A 15 -25.11 1.59 21.21
C GLN A 15 -25.31 0.67 22.41
N GLY A 16 -24.24 0.00 22.80
CA GLY A 16 -24.18 -0.64 24.10
C GLY A 16 -25.27 -1.67 24.35
N GLU A 17 -25.88 -1.56 25.54
CA GLU A 17 -26.88 -2.51 26.00
CA GLU A 17 -26.86 -2.57 25.96
C GLU A 17 -28.16 -2.44 25.18
N ALA A 18 -28.34 -1.38 24.39
CA ALA A 18 -29.56 -1.21 23.58
C ALA A 18 -29.50 -1.91 22.22
N ARG A 19 -28.34 -2.44 21.81
N ARG A 19 -28.33 -2.40 21.79
CA ARG A 19 -28.22 -3.14 20.53
CA ARG A 19 -28.22 -3.12 20.52
C ARG A 19 -29.14 -4.35 20.50
C ARG A 19 -29.16 -4.32 20.52
N PHE A 20 -29.90 -4.51 19.40
CA PHE A 20 -30.90 -5.58 19.30
C PHE A 20 -30.75 -6.33 17.97
N LEU A 21 -30.49 -7.64 18.07
CA LEU A 21 -30.38 -8.57 16.94
C LEU A 21 -31.32 -9.74 17.20
N PRO A 22 -31.51 -10.65 16.25
CA PRO A 22 -32.42 -11.78 16.51
C PRO A 22 -32.08 -12.61 17.76
N LYS A 23 -30.80 -12.67 18.16
CA LYS A 23 -30.44 -13.38 19.39
C LYS A 23 -31.07 -12.78 20.64
N ASP A 24 -31.60 -11.55 20.56
CA ASP A 24 -32.25 -10.88 21.68
C ASP A 24 -33.75 -11.15 21.75
N LEU A 25 -34.31 -11.78 20.73
CA LEU A 25 -35.72 -12.13 20.66
C LEU A 25 -36.01 -13.39 21.46
N ASP A 26 -37.11 -13.38 22.24
CA ASP A 26 -37.59 -14.57 22.94
C ASP A 26 -38.61 -15.22 22.00
N PRO A 27 -38.32 -16.40 21.45
N PRO A 27 -38.36 -16.43 21.48
CA PRO A 27 -39.26 -17.05 20.51
CA PRO A 27 -39.29 -17.01 20.48
C PRO A 27 -40.64 -17.31 21.07
C PRO A 27 -40.64 -17.40 21.06
N SER A 28 -40.79 -17.44 22.39
CA SER A 28 -42.08 -17.76 23.01
C SER A 28 -42.91 -16.55 23.41
N LEU A 29 -42.41 -15.32 23.21
CA LEU A 29 -43.05 -14.15 23.78
C LEU A 29 -44.36 -13.80 23.06
N CYS A 30 -44.37 -13.90 21.72
CA CYS A 30 -45.46 -13.47 20.85
C CYS A 30 -46.00 -14.63 20.03
N THR A 31 -47.19 -14.43 19.44
CA THR A 31 -47.75 -15.41 18.52
C THR A 31 -47.35 -15.15 17.08
N HIS A 32 -47.07 -13.88 16.74
CA HIS A 32 -46.69 -13.47 15.41
C HIS A 32 -45.55 -12.46 15.53
N LEU A 33 -44.47 -12.66 14.76
CA LEU A 33 -43.36 -11.72 14.72
C LEU A 33 -43.33 -11.11 13.32
N ILE A 34 -43.25 -9.78 13.25
CA ILE A 34 -43.25 -9.08 11.97
C ILE A 34 -41.94 -8.31 11.83
N TYR A 35 -41.24 -8.54 10.72
CA TYR A 35 -39.92 -7.98 10.46
C TYR A 35 -40.08 -6.65 9.72
N ALA A 36 -39.69 -5.55 10.35
CA ALA A 36 -39.74 -4.22 9.74
C ALA A 36 -38.31 -3.73 9.42
N PHE A 37 -38.06 -3.23 8.19
CA PHE A 37 -38.98 -3.18 7.05
C PHE A 37 -38.23 -3.67 5.80
N ALA A 38 -38.98 -4.27 4.87
CA ALA A 38 -38.52 -4.48 3.50
C ALA A 38 -38.82 -3.23 2.67
N GLY A 39 -38.19 -3.17 1.50
CA GLY A 39 -38.35 -2.05 0.59
C GLY A 39 -38.91 -2.52 -0.75
N MET A 40 -38.78 -1.67 -1.76
CA MET A 40 -39.34 -1.98 -3.06
C MET A 40 -38.38 -1.48 -4.14
N THR A 41 -38.10 -2.32 -5.14
CA THR A 41 -37.19 -1.99 -6.24
C THR A 41 -37.85 -2.45 -7.52
N ASN A 42 -38.12 -1.53 -8.44
CA ASN A 42 -38.81 -1.90 -9.70
C ASN A 42 -40.05 -2.74 -9.46
N HIS A 43 -40.87 -2.29 -8.48
CA HIS A 43 -42.15 -2.89 -8.09
C HIS A 43 -42.01 -4.26 -7.45
N GLN A 44 -40.80 -4.64 -7.00
CA GLN A 44 -40.57 -5.93 -6.36
C GLN A 44 -40.09 -5.76 -4.91
N LEU A 45 -40.53 -6.70 -4.06
CA LEU A 45 -40.05 -6.78 -2.70
C LEU A 45 -38.52 -6.92 -2.66
N SER A 46 -37.88 -6.12 -1.80
CA SER A 46 -36.40 -6.13 -1.73
C SER A 46 -35.88 -5.82 -0.32
N THR A 47 -34.61 -6.18 -0.09
CA THR A 47 -33.99 -5.96 1.22
C THR A 47 -33.63 -4.48 1.40
N THR A 48 -33.43 -4.06 2.67
CA THR A 48 -33.01 -2.69 2.99
C THR A 48 -31.71 -2.59 3.77
N GLU A 49 -31.22 -3.68 4.36
CA GLU A 49 -29.96 -3.70 5.10
C GLU A 49 -29.05 -4.78 4.53
N TRP A 50 -27.73 -4.51 4.60
CA TRP A 50 -26.71 -5.40 4.03
C TRP A 50 -26.84 -6.85 4.51
N ASN A 51 -27.30 -7.06 5.75
CA ASN A 51 -27.36 -8.38 6.34
C ASN A 51 -28.77 -8.92 6.42
N ASP A 52 -29.73 -8.32 5.73
CA ASP A 52 -31.11 -8.86 5.79
C ASP A 52 -31.20 -10.35 5.47
N GLU A 53 -30.49 -10.84 4.44
CA GLU A 53 -30.64 -12.28 4.15
C GLU A 53 -30.22 -13.14 5.35
N THR A 54 -29.16 -12.73 6.03
CA THR A 54 -28.74 -13.47 7.23
C THR A 54 -29.74 -13.29 8.37
N LEU A 55 -30.15 -12.04 8.63
CA LEU A 55 -31.12 -11.82 9.72
C LEU A 55 -32.46 -12.51 9.44
N TYR A 56 -32.92 -12.52 8.21
CA TYR A 56 -34.17 -13.24 7.88
C TYR A 56 -34.06 -14.71 8.30
N GLN A 57 -32.91 -15.33 8.05
N GLN A 57 -32.92 -15.35 7.96
CA GLN A 57 -32.78 -16.76 8.33
CA GLN A 57 -32.69 -16.74 8.34
C GLN A 57 -32.62 -17.04 9.82
C GLN A 57 -32.78 -16.93 9.84
N GLU A 58 -32.05 -16.10 10.59
CA GLU A 58 -32.05 -16.24 12.05
C GLU A 58 -33.45 -16.01 12.60
N PHE A 59 -34.15 -14.99 12.08
CA PHE A 59 -35.49 -14.63 12.55
C PHE A 59 -36.47 -15.79 12.31
N ASN A 60 -36.53 -16.29 11.07
CA ASN A 60 -37.44 -17.40 10.80
C ASN A 60 -36.96 -18.70 11.43
N GLY A 61 -35.65 -18.82 11.71
CA GLY A 61 -35.16 -19.98 12.44
C GLY A 61 -35.66 -20.08 13.86
N LEU A 62 -36.17 -18.99 14.44
CA LEU A 62 -36.74 -19.07 15.79
C LEU A 62 -37.95 -19.99 15.83
N LYS A 63 -38.56 -20.27 14.67
CA LYS A 63 -39.66 -21.25 14.63
C LYS A 63 -39.19 -22.66 14.96
N LYS A 64 -37.88 -22.93 14.92
CA LYS A 64 -37.40 -24.23 15.43
C LYS A 64 -37.66 -24.36 16.93
N MET A 65 -37.59 -23.25 17.65
N MET A 65 -37.62 -23.27 17.67
CA MET A 65 -37.78 -23.22 19.11
CA MET A 65 -37.85 -23.40 19.10
C MET A 65 -39.25 -23.15 19.48
C MET A 65 -39.29 -23.17 19.50
N ASN A 66 -40.09 -22.58 18.62
CA ASN A 66 -41.51 -22.42 18.86
C ASN A 66 -42.22 -22.67 17.54
N PRO A 67 -42.56 -23.92 17.25
CA PRO A 67 -43.24 -24.23 15.98
C PRO A 67 -44.61 -23.59 15.82
N LYS A 68 -45.26 -23.08 16.88
CA LYS A 68 -46.53 -22.38 16.74
C LYS A 68 -46.36 -20.97 16.19
N LEU A 69 -45.15 -20.43 16.26
CA LEU A 69 -44.89 -19.04 15.88
C LEU A 69 -45.10 -18.87 14.37
N LYS A 70 -45.72 -17.75 13.99
CA LYS A 70 -45.82 -17.35 12.58
C LYS A 70 -45.03 -16.06 12.36
N THR A 71 -44.37 -15.94 11.21
CA THR A 71 -43.59 -14.75 10.89
C THR A 71 -44.11 -14.04 9.65
N LEU A 72 -43.99 -12.72 9.64
CA LEU A 72 -44.37 -11.92 8.46
C LEU A 72 -43.27 -10.90 8.17
N LEU A 73 -43.19 -10.45 6.92
CA LEU A 73 -42.30 -9.39 6.54
C LEU A 73 -43.12 -8.14 6.20
N ALA A 74 -42.78 -6.99 6.83
CA ALA A 74 -43.50 -5.73 6.65
C ALA A 74 -42.80 -4.91 5.58
N ILE A 75 -43.57 -4.38 4.63
CA ILE A 75 -43.03 -3.53 3.55
C ILE A 75 -43.54 -2.10 3.75
N GLY A 76 -42.63 -1.12 3.66
CA GLY A 76 -43.04 0.27 3.77
C GLY A 76 -42.39 0.99 4.94
N GLY A 77 -43.21 1.64 5.77
CA GLY A 77 -42.70 2.40 6.91
C GLY A 77 -42.81 3.89 6.66
N TRP A 78 -42.19 4.67 7.56
CA TRP A 78 -42.27 6.14 7.47
C TRP A 78 -41.12 6.77 6.69
N ASN A 79 -40.03 6.03 6.47
CA ASN A 79 -39.00 6.43 5.51
C ASN A 79 -39.18 5.51 4.31
N PHE A 80 -39.72 6.05 3.22
CA PHE A 80 -40.02 5.24 2.04
C PHE A 80 -40.17 6.16 0.84
N GLY A 81 -39.67 5.71 -0.31
CA GLY A 81 -39.77 6.51 -1.53
C GLY A 81 -41.19 6.94 -1.83
N THR A 82 -41.38 8.23 -2.09
CA THR A 82 -42.72 8.81 -2.02
C THR A 82 -43.70 8.27 -3.08
N GLN A 83 -43.21 7.71 -4.19
N GLN A 83 -43.24 7.72 -4.19
CA GLN A 83 -44.04 7.25 -5.29
CA GLN A 83 -44.18 7.22 -5.20
C GLN A 83 -44.05 5.73 -5.47
C GLN A 83 -44.04 5.72 -5.48
N LYS A 84 -43.33 4.98 -4.64
CA LYS A 84 -43.15 3.55 -4.89
C LYS A 84 -44.47 2.77 -4.80
N PHE A 85 -45.24 2.93 -3.71
CA PHE A 85 -46.53 2.23 -3.67
C PHE A 85 -47.46 2.73 -4.77
N THR A 86 -47.52 4.04 -4.98
CA THR A 86 -48.44 4.60 -5.98
C THR A 86 -48.15 4.03 -7.37
N ASP A 87 -46.87 3.99 -7.78
CA ASP A 87 -46.56 3.49 -9.11
C ASP A 87 -46.80 1.99 -9.24
N MET A 88 -46.58 1.25 -8.16
CA MET A 88 -46.81 -0.20 -8.20
C MET A 88 -48.31 -0.54 -8.29
N VAL A 89 -49.17 0.17 -7.53
CA VAL A 89 -50.62 -0.14 -7.61
C VAL A 89 -51.31 0.44 -8.84
N ALA A 90 -50.63 1.30 -9.60
CA ALA A 90 -51.24 2.04 -10.71
C ALA A 90 -51.65 1.17 -11.89
N THR A 91 -51.01 0.01 -12.07
CA THR A 91 -51.30 -0.84 -13.23
C THR A 91 -51.42 -2.30 -12.82
N ALA A 92 -52.29 -3.03 -13.53
CA ALA A 92 -52.43 -4.45 -13.26
C ALA A 92 -51.10 -5.16 -13.46
N ASN A 93 -50.33 -4.74 -14.47
CA ASN A 93 -49.04 -5.39 -14.70
C ASN A 93 -48.08 -5.17 -13.53
N ASN A 94 -48.02 -3.96 -12.98
CA ASN A 94 -47.10 -3.72 -11.86
C ASN A 94 -47.56 -4.40 -10.58
N ARG A 95 -48.88 -4.49 -10.36
CA ARG A 95 -49.38 -5.29 -9.24
C ARG A 95 -49.00 -6.76 -9.38
N GLN A 96 -49.10 -7.30 -10.61
CA GLN A 96 -48.70 -8.70 -10.83
C GLN A 96 -47.22 -8.90 -10.57
N THR A 97 -46.39 -7.96 -11.03
CA THR A 97 -44.96 -8.01 -10.74
C THR A 97 -44.72 -8.08 -9.25
N PHE A 98 -45.41 -7.23 -8.48
CA PHE A 98 -45.20 -7.19 -7.04
C PHE A 98 -45.68 -8.48 -6.37
N VAL A 99 -46.89 -8.94 -6.75
CA VAL A 99 -47.46 -10.13 -6.11
C VAL A 99 -46.57 -11.33 -6.35
N ASN A 100 -46.14 -11.54 -7.60
CA ASN A 100 -45.30 -12.68 -7.92
C ASN A 100 -43.95 -12.60 -7.20
N SER A 101 -43.36 -11.40 -7.12
CA SER A 101 -42.09 -11.25 -6.40
C SER A 101 -42.25 -11.54 -4.91
N ALA A 102 -43.38 -11.13 -4.32
CA ALA A 102 -43.63 -11.37 -2.90
C ALA A 102 -43.68 -12.87 -2.61
N ILE A 103 -44.43 -13.61 -3.43
CA ILE A 103 -44.51 -15.05 -3.22
C ILE A 103 -43.12 -15.67 -3.27
N ARG A 104 -42.34 -15.32 -4.30
CA ARG A 104 -41.02 -15.95 -4.43
C ARG A 104 -40.11 -15.59 -3.25
N PHE A 105 -40.10 -14.31 -2.87
CA PHE A 105 -39.24 -13.78 -1.81
C PHE A 105 -39.62 -14.37 -0.45
N LEU A 106 -40.92 -14.36 -0.12
CA LEU A 106 -41.36 -14.89 1.18
C LEU A 106 -41.01 -16.38 1.32
N ARG A 107 -41.26 -17.16 0.25
CA ARG A 107 -40.95 -18.60 0.33
C ARG A 107 -39.44 -18.85 0.41
N LYS A 108 -38.65 -18.07 -0.32
CA LYS A 108 -37.20 -18.26 -0.32
C LYS A 108 -36.65 -18.15 1.09
N TYR A 109 -37.13 -17.17 1.87
CA TYR A 109 -36.56 -16.89 3.18
C TYR A 109 -37.36 -17.51 4.32
N SER A 110 -38.49 -18.20 4.03
CA SER A 110 -39.29 -18.92 5.01
C SER A 110 -40.10 -17.97 5.89
N PHE A 111 -40.62 -16.89 5.30
CA PHE A 111 -41.65 -16.09 5.99
C PHE A 111 -43.03 -16.71 5.76
N ASP A 112 -43.92 -16.51 6.73
CA ASP A 112 -45.30 -17.02 6.65
C ASP A 112 -46.30 -16.01 6.09
N GLY A 113 -45.89 -14.78 5.77
CA GLY A 113 -46.83 -13.85 5.18
C GLY A 113 -46.24 -12.47 5.02
N LEU A 114 -47.08 -11.53 4.58
CA LEU A 114 -46.70 -10.17 4.19
C LEU A 114 -47.58 -9.20 5.00
N ASP A 115 -46.95 -8.16 5.58
CA ASP A 115 -47.64 -7.08 6.27
C ASP A 115 -47.44 -5.82 5.44
N LEU A 116 -48.56 -5.14 5.09
CA LEU A 116 -48.47 -3.91 4.30
C LEU A 116 -48.41 -2.69 5.21
N ASP A 117 -47.32 -1.89 5.07
CA ASP A 117 -47.15 -0.69 5.92
C ASP A 117 -46.99 0.57 5.06
N TRP A 118 -47.90 0.80 4.13
CA TRP A 118 -47.91 2.02 3.34
C TRP A 118 -48.38 3.20 4.21
N GLU A 119 -47.57 4.27 4.28
CA GLU A 119 -47.97 5.53 4.95
C GLU A 119 -48.07 6.67 3.93
N TYR A 120 -49.27 6.98 3.41
CA TYR A 120 -50.56 6.25 3.52
C TYR A 120 -51.25 6.44 2.16
N PRO A 121 -52.00 5.45 1.67
CA PRO A 121 -52.77 5.68 0.45
C PRO A 121 -53.71 6.86 0.62
N GLY A 122 -53.77 7.73 -0.40
CA GLY A 122 -54.65 8.87 -0.37
C GLY A 122 -54.19 10.08 0.42
N SER A 123 -53.03 10.03 1.07
CA SER A 123 -52.56 11.15 1.87
C SER A 123 -51.07 11.30 1.63
N GLN A 124 -50.54 12.45 2.08
CA GLN A 124 -49.09 12.73 2.03
C GLN A 124 -48.49 12.55 0.62
N GLY A 125 -49.16 13.10 -0.37
CA GLY A 125 -48.70 12.99 -1.75
C GLY A 125 -49.43 11.94 -2.54
N SER A 126 -50.02 10.96 -1.90
CA SER A 126 -50.67 9.89 -2.63
C SER A 126 -52.03 10.37 -3.12
N PRO A 127 -52.31 10.24 -4.43
CA PRO A 127 -53.58 10.74 -4.98
C PRO A 127 -54.81 10.03 -4.46
N ALA A 128 -55.94 10.72 -4.57
CA ALA A 128 -57.22 10.19 -4.10
C ALA A 128 -57.52 8.79 -4.64
N VAL A 129 -57.09 8.50 -5.88
CA VAL A 129 -57.42 7.20 -6.47
C VAL A 129 -56.72 6.04 -5.79
N ASP A 130 -55.67 6.30 -4.99
CA ASP A 130 -54.96 5.19 -4.35
C ASP A 130 -55.81 4.52 -3.27
N LYS A 131 -56.90 5.17 -2.84
CA LYS A 131 -57.81 4.50 -1.91
C LYS A 131 -58.39 3.25 -2.55
N GLU A 132 -58.92 3.39 -3.76
CA GLU A 132 -59.45 2.22 -4.46
C GLU A 132 -58.35 1.29 -4.96
N ARG A 133 -57.21 1.83 -5.39
CA ARG A 133 -56.14 0.95 -5.87
C ARG A 133 -55.52 0.13 -4.73
N PHE A 134 -55.50 0.67 -3.50
CA PHE A 134 -55.09 -0.14 -2.36
C PHE A 134 -56.02 -1.35 -2.15
N THR A 135 -57.31 -1.15 -2.33
CA THR A 135 -58.22 -2.29 -2.23
C THR A 135 -57.89 -3.36 -3.28
N THR A 136 -57.64 -2.94 -4.51
CA THR A 136 -57.30 -3.89 -5.57
C THR A 136 -56.01 -4.64 -5.24
N LEU A 137 -55.01 -3.93 -4.71
CA LEU A 137 -53.76 -4.58 -4.31
C LEU A 137 -54.02 -5.68 -3.28
N VAL A 138 -54.79 -5.34 -2.25
CA VAL A 138 -55.11 -6.31 -1.20
C VAL A 138 -55.84 -7.53 -1.79
N GLN A 139 -56.80 -7.29 -2.70
CA GLN A 139 -57.47 -8.40 -3.39
C GLN A 139 -56.51 -9.24 -4.20
N ASP A 140 -55.66 -8.59 -4.99
CA ASP A 140 -54.69 -9.33 -5.82
C ASP A 140 -53.78 -10.21 -4.94
N LEU A 141 -53.30 -9.68 -3.81
CA LEU A 141 -52.45 -10.48 -2.94
C LEU A 141 -53.21 -11.67 -2.36
N ALA A 142 -54.41 -11.42 -1.83
CA ALA A 142 -55.20 -12.50 -1.26
C ALA A 142 -55.49 -13.58 -2.30
N ASN A 143 -55.84 -13.19 -3.52
CA ASN A 143 -56.14 -14.19 -4.56
C ASN A 143 -54.91 -15.04 -4.87
N ALA A 144 -53.75 -14.38 -5.05
CA ALA A 144 -52.55 -15.10 -5.44
C ALA A 144 -52.02 -15.99 -4.32
N PHE A 145 -52.15 -15.55 -3.05
CA PHE A 145 -51.75 -16.37 -1.92
C PHE A 145 -52.63 -17.63 -1.83
N GLN A 146 -53.93 -17.47 -2.04
CA GLN A 146 -54.81 -18.62 -2.03
C GLN A 146 -54.41 -19.62 -3.10
N GLN A 147 -54.13 -19.14 -4.32
CA GLN A 147 -53.78 -20.07 -5.40
C GLN A 147 -52.42 -20.74 -5.15
N GLU A 148 -51.44 -19.99 -4.63
CA GLU A 148 -50.11 -20.56 -4.43
C GLU A 148 -50.12 -21.68 -3.42
N ALA A 149 -50.97 -21.59 -2.39
CA ALA A 149 -51.04 -22.67 -1.42
C ALA A 149 -51.46 -23.97 -2.11
N GLN A 150 -52.34 -23.88 -3.09
CA GLN A 150 -52.84 -25.10 -3.74
C GLN A 150 -51.79 -25.69 -4.66
N THR A 151 -51.01 -24.85 -5.34
CA THR A 151 -49.96 -25.36 -6.22
C THR A 151 -48.76 -25.85 -5.42
N SER A 152 -48.41 -25.18 -4.32
CA SER A 152 -47.20 -25.55 -3.60
C SER A 152 -47.42 -26.59 -2.52
N GLY A 153 -48.63 -26.69 -1.99
CA GLY A 153 -48.86 -27.59 -0.88
C GLY A 153 -48.36 -27.09 0.46
N LYS A 154 -47.99 -25.81 0.57
CA LYS A 154 -47.62 -25.22 1.85
C LYS A 154 -48.82 -24.52 2.47
N GLU A 155 -48.67 -24.08 3.74
CA GLU A 155 -49.67 -23.26 4.41
C GLU A 155 -49.85 -21.95 3.65
N ARG A 156 -51.10 -21.51 3.49
CA ARG A 156 -51.37 -20.28 2.74
C ARG A 156 -50.68 -19.10 3.41
N LEU A 157 -50.02 -18.28 2.59
CA LEU A 157 -49.36 -17.10 3.13
C LEU A 157 -50.38 -16.14 3.75
N LEU A 158 -50.03 -15.58 4.90
CA LEU A 158 -50.88 -14.61 5.59
C LEU A 158 -50.72 -13.21 4.99
N LEU A 159 -51.76 -12.39 5.10
CA LEU A 159 -51.77 -11.00 4.64
C LEU A 159 -52.35 -10.12 5.74
N SER A 160 -51.56 -9.14 6.22
CA SER A 160 -52.03 -8.15 7.17
C SER A 160 -51.67 -6.75 6.68
N ALA A 161 -52.18 -5.75 7.39
CA ALA A 161 -51.81 -4.37 7.10
C ALA A 161 -51.77 -3.56 8.38
N ALA A 162 -50.79 -2.66 8.47
CA ALA A 162 -50.70 -1.67 9.56
C ALA A 162 -51.46 -0.41 9.13
N VAL A 163 -52.49 -0.03 9.89
CA VAL A 163 -53.41 1.03 9.48
C VAL A 163 -53.46 2.18 10.48
N PRO A 164 -53.69 3.41 10.00
CA PRO A 164 -53.65 4.58 10.87
C PRO A 164 -54.88 4.75 11.74
N ALA A 165 -54.66 5.45 12.85
CA ALA A 165 -55.75 5.79 13.76
C ALA A 165 -56.40 7.12 13.41
N GLY A 166 -55.69 8.02 12.73
CA GLY A 166 -56.20 9.36 12.49
C GLY A 166 -57.35 9.35 11.49
N GLN A 167 -58.44 10.02 11.86
CA GLN A 167 -59.68 9.93 11.07
C GLN A 167 -59.51 10.40 9.63
N THR A 168 -58.74 11.47 9.42
CA THR A 168 -58.59 11.98 8.05
C THR A 168 -57.75 11.04 7.19
N TYR A 169 -56.79 10.31 7.77
CA TYR A 169 -56.08 9.32 6.98
C TYR A 169 -56.97 8.14 6.63
N VAL A 170 -57.83 7.73 7.58
CA VAL A 170 -58.71 6.57 7.36
C VAL A 170 -59.71 6.88 6.25
N ASP A 171 -60.34 8.05 6.30
CA ASP A 171 -61.34 8.41 5.31
C ASP A 171 -60.71 8.59 3.92
N ALA A 172 -59.49 9.13 3.86
CA ALA A 172 -58.81 9.35 2.58
C ALA A 172 -58.24 8.08 1.95
N GLY A 173 -57.96 7.03 2.74
CA GLY A 173 -57.19 5.95 2.17
C GLY A 173 -57.76 4.56 2.14
N TYR A 174 -58.82 4.26 2.91
CA TYR A 174 -59.17 2.86 3.20
C TYR A 174 -60.64 2.60 2.97
N GLU A 175 -60.94 1.66 2.08
CA GLU A 175 -62.28 1.08 1.97
C GLU A 175 -62.35 -0.06 2.99
N VAL A 176 -62.66 0.33 4.24
CA VAL A 176 -62.46 -0.55 5.39
C VAL A 176 -63.16 -1.89 5.22
N ASP A 177 -64.44 -1.84 4.84
CA ASP A 177 -65.23 -3.07 4.74
C ASP A 177 -64.69 -4.02 3.68
N LYS A 178 -64.16 -3.49 2.57
CA LYS A 178 -63.63 -4.34 1.50
C LYS A 178 -62.29 -4.94 1.90
N ILE A 179 -61.37 -4.14 2.42
CA ILE A 179 -60.05 -4.69 2.72
C ILE A 179 -60.11 -5.63 3.90
N ALA A 180 -61.02 -5.39 4.86
CA ALA A 180 -61.08 -6.29 6.02
C ALA A 180 -61.46 -7.71 5.63
N GLN A 181 -62.18 -7.90 4.52
CA GLN A 181 -62.50 -9.26 4.08
C GLN A 181 -61.26 -10.03 3.63
N ASN A 182 -60.31 -9.36 2.98
CA ASN A 182 -59.16 -10.05 2.41
C ASN A 182 -57.96 -10.05 3.33
N LEU A 183 -57.93 -9.21 4.36
CA LEU A 183 -56.85 -9.23 5.32
C LEU A 183 -57.12 -10.27 6.39
N ASP A 184 -56.08 -11.04 6.75
CA ASP A 184 -56.21 -12.01 7.85
C ASP A 184 -56.35 -11.30 9.21
N PHE A 185 -55.66 -10.17 9.37
CA PHE A 185 -55.80 -9.32 10.55
C PHE A 185 -55.35 -7.91 10.21
N VAL A 186 -55.75 -6.97 11.08
CA VAL A 186 -55.59 -5.53 10.85
C VAL A 186 -54.86 -4.97 12.05
N ASN A 187 -53.64 -4.46 11.84
CA ASN A 187 -52.78 -3.96 12.92
C ASN A 187 -53.03 -2.46 13.09
N LEU A 188 -53.87 -2.08 14.07
CA LEU A 188 -54.26 -0.69 14.26
C LEU A 188 -53.15 0.07 15.00
N MET A 189 -52.58 1.09 14.34
N MET A 189 -52.57 1.08 14.32
CA MET A 189 -51.46 1.87 14.90
CA MET A 189 -51.47 1.89 14.88
C MET A 189 -51.95 2.91 15.90
C MET A 189 -52.02 2.92 15.89
N ALA A 190 -52.39 2.42 17.07
CA ALA A 190 -53.05 3.25 18.09
C ALA A 190 -52.04 4.00 18.98
N TYR A 191 -51.28 4.91 18.35
CA TYR A 191 -50.21 5.68 18.98
C TYR A 191 -49.86 6.83 18.04
N ASP A 192 -48.87 7.65 18.42
CA ASP A 192 -48.54 8.90 17.71
C ASP A 192 -49.74 9.86 17.66
N PHE A 193 -50.59 9.84 18.70
CA PHE A 193 -51.76 10.72 18.68
C PHE A 193 -51.40 12.18 18.92
N HIS A 194 -50.29 12.45 19.62
CA HIS A 194 -49.79 13.78 19.91
C HIS A 194 -48.29 13.73 19.86
N GLY A 195 -47.66 14.89 19.68
CA GLY A 195 -46.23 14.90 19.48
C GLY A 195 -45.74 16.31 19.35
N SER A 196 -44.43 16.45 19.19
CA SER A 196 -43.85 17.78 19.32
C SER A 196 -44.13 18.69 18.13
N TRP A 197 -44.86 18.22 17.12
CA TRP A 197 -45.42 19.14 16.13
C TRP A 197 -46.49 20.04 16.75
N GLU A 198 -47.01 19.68 17.92
CA GLU A 198 -48.00 20.50 18.61
C GLU A 198 -47.34 21.44 19.61
N LYS A 199 -48.02 22.54 19.94
CA LYS A 199 -47.47 23.57 20.81
C LYS A 199 -47.81 23.35 22.29
N VAL A 200 -48.49 22.26 22.64
CA VAL A 200 -48.80 21.93 24.03
C VAL A 200 -48.52 20.45 24.22
N THR A 201 -48.28 20.04 25.48
CA THR A 201 -48.07 18.63 25.78
C THR A 201 -49.35 17.83 25.54
N GLY A 202 -49.19 16.57 25.13
CA GLY A 202 -50.27 15.63 24.91
C GLY A 202 -49.68 14.25 24.90
N HIS A 203 -50.51 13.26 25.19
CA HIS A 203 -50.02 11.89 25.34
C HIS A 203 -49.94 11.14 24.00
N ASN A 204 -48.86 10.37 23.82
CA ASN A 204 -48.69 9.52 22.64
C ASN A 204 -49.88 8.60 22.40
N SER A 205 -50.48 8.05 23.48
CA SER A 205 -51.45 6.97 23.25
C SER A 205 -52.47 6.92 24.38
N PRO A 206 -53.31 7.95 24.51
CA PRO A 206 -54.32 7.94 25.57
C PRO A 206 -55.50 7.06 25.19
N LEU A 207 -56.10 6.42 26.21
CA LEU A 207 -57.18 5.48 25.91
C LEU A 207 -58.49 6.20 25.57
N TYR A 208 -58.81 7.28 26.30
CA TYR A 208 -60.00 8.08 26.13
C TYR A 208 -59.63 9.55 26.02
N LYS A 209 -60.62 10.38 25.71
CA LYS A 209 -60.40 11.81 25.63
C LYS A 209 -60.29 12.41 27.03
N ARG A 210 -59.77 13.63 27.09
CA ARG A 210 -59.82 14.46 28.28
C ARG A 210 -61.14 15.20 28.25
N GLN A 211 -61.66 15.52 29.45
CA GLN A 211 -62.93 16.21 29.53
C GLN A 211 -62.89 17.51 28.75
N GLU A 212 -61.75 18.19 28.77
CA GLU A 212 -61.63 19.50 28.12
C GLU A 212 -61.63 19.41 26.59
N GLU A 213 -61.40 18.23 26.02
CA GLU A 213 -61.29 18.09 24.56
C GLU A 213 -62.65 17.93 23.90
N SER A 214 -62.84 18.65 22.78
CA SER A 214 -64.04 18.46 21.97
C SER A 214 -63.72 18.64 20.50
N GLY A 215 -64.73 18.39 19.67
CA GLY A 215 -64.51 18.43 18.24
C GLY A 215 -63.55 17.35 17.79
N ALA A 216 -62.73 17.70 16.78
CA ALA A 216 -61.75 16.75 16.24
C ALA A 216 -60.77 16.27 17.32
N ALA A 217 -60.42 17.14 18.27
CA ALA A 217 -59.50 16.75 19.33
C ALA A 217 -60.06 15.59 20.14
N ALA A 218 -61.39 15.49 20.25
CA ALA A 218 -62.03 14.41 20.99
C ALA A 218 -61.87 13.04 20.33
N SER A 219 -61.35 12.98 19.11
CA SER A 219 -61.07 11.69 18.49
C SER A 219 -59.59 11.30 18.55
N LEU A 220 -58.75 12.09 19.21
CA LEU A 220 -57.33 11.77 19.31
C LEU A 220 -57.08 10.80 20.49
N ASN A 221 -57.68 9.61 20.40
CA ASN A 221 -57.49 8.63 21.46
C ASN A 221 -57.78 7.22 20.94
N VAL A 222 -57.30 6.23 21.69
CA VAL A 222 -57.40 4.83 21.26
C VAL A 222 -58.86 4.41 21.04
N ASP A 223 -59.74 4.71 22.01
CA ASP A 223 -61.12 4.26 21.92
C ASP A 223 -61.79 4.79 20.65
N ALA A 224 -61.56 6.06 20.34
CA ALA A 224 -62.16 6.65 19.13
C ALA A 224 -61.69 5.93 17.87
N ALA A 225 -60.41 5.55 17.83
CA ALA A 225 -59.83 4.86 16.66
C ALA A 225 -60.39 3.46 16.50
N VAL A 226 -60.50 2.72 17.60
CA VAL A 226 -61.08 1.39 17.58
C VAL A 226 -62.54 1.47 17.12
N GLN A 227 -63.31 2.43 17.66
N GLN A 227 -63.31 2.42 17.67
CA GLN A 227 -64.72 2.54 17.28
CA GLN A 227 -64.71 2.53 17.26
C GLN A 227 -64.89 2.89 15.80
C GLN A 227 -64.84 2.81 15.77
N GLN A 228 -63.98 3.67 15.23
CA GLN A 228 -64.07 4.01 13.82
C GLN A 228 -63.81 2.79 12.93
N TRP A 229 -62.76 2.01 13.26
CA TRP A 229 -62.45 0.83 12.46
C TRP A 229 -63.55 -0.23 12.56
N LEU A 230 -64.17 -0.38 13.74
CA LEU A 230 -65.28 -1.34 13.87
C LEU A 230 -66.51 -0.82 13.14
N GLN A 231 -66.85 0.46 13.35
CA GLN A 231 -68.08 1.00 12.75
C GLN A 231 -68.01 0.98 11.24
N LYS A 232 -66.82 1.10 10.66
CA LYS A 232 -66.66 1.07 9.21
C LYS A 232 -66.58 -0.35 8.65
N GLY A 233 -66.65 -1.38 9.50
CA GLY A 233 -66.82 -2.73 9.00
C GLY A 233 -65.71 -3.74 9.29
N THR A 234 -64.75 -3.43 10.17
CA THR A 234 -63.74 -4.44 10.51
C THR A 234 -64.34 -5.41 11.51
N PRO A 235 -64.36 -6.71 11.24
CA PRO A 235 -64.78 -7.66 12.28
C PRO A 235 -63.89 -7.53 13.50
N ALA A 236 -64.50 -7.54 14.69
CA ALA A 236 -63.73 -7.34 15.91
C ALA A 236 -62.58 -8.33 16.02
N SER A 237 -62.82 -9.59 15.60
CA SER A 237 -61.79 -10.61 15.75
CA SER A 237 -61.80 -10.63 15.73
C SER A 237 -60.59 -10.36 14.85
N LYS A 238 -60.74 -9.54 13.81
CA LYS A 238 -59.60 -9.19 12.95
C LYS A 238 -58.87 -7.94 13.37
N LEU A 239 -59.42 -7.15 14.31
CA LEU A 239 -58.78 -5.88 14.69
C LEU A 239 -57.82 -6.16 15.84
N ILE A 240 -56.55 -5.80 15.64
CA ILE A 240 -55.47 -6.05 16.60
C ILE A 240 -55.01 -4.69 17.13
N LEU A 241 -55.13 -4.49 18.45
CA LEU A 241 -54.91 -3.18 19.06
C LEU A 241 -53.42 -2.91 19.26
N GLY A 242 -52.89 -1.93 18.52
CA GLY A 242 -51.49 -1.52 18.71
C GLY A 242 -51.25 -0.89 20.08
N MET A 243 -50.05 -1.17 20.63
N MET A 243 -50.04 -1.13 20.61
CA MET A 243 -49.55 -0.73 21.94
CA MET A 243 -49.61 -0.60 21.91
C MET A 243 -48.13 -0.22 21.74
C MET A 243 -48.14 -0.24 21.84
N PRO A 244 -47.76 0.95 22.33
CA PRO A 244 -46.38 1.43 22.16
C PRO A 244 -45.47 1.15 23.35
N THR A 245 -44.28 0.58 23.10
CA THR A 245 -43.24 0.48 24.11
C THR A 245 -42.31 1.66 24.06
N TYR A 246 -42.81 2.82 23.61
CA TYR A 246 -42.09 4.08 23.57
C TYR A 246 -43.05 5.19 23.98
N GLY A 247 -42.48 6.36 24.31
CA GLY A 247 -43.26 7.55 24.60
C GLY A 247 -42.84 8.71 23.73
N ARG A 248 -43.62 9.80 23.81
CA ARG A 248 -43.30 11.02 23.08
C ARG A 248 -43.05 12.16 24.05
N SER A 249 -41.97 12.89 23.79
CA SER A 249 -41.41 13.86 24.72
C SER A 249 -41.54 15.29 24.21
N PHE A 250 -41.54 16.22 25.16
CA PHE A 250 -41.68 17.64 24.86
C PHE A 250 -40.69 18.42 25.73
N THR A 251 -40.22 19.56 25.21
CA THR A 251 -39.59 20.55 26.07
C THR A 251 -40.66 21.54 26.48
N LEU A 252 -40.83 21.71 27.80
CA LEU A 252 -41.84 22.61 28.35
C LEU A 252 -41.38 24.06 28.24
N ALA A 253 -42.34 24.96 28.02
CA ALA A 253 -42.01 26.38 28.02
C ALA A 253 -41.56 26.84 29.40
N SER A 254 -42.13 26.28 30.46
CA SER A 254 -41.69 26.58 31.80
C SER A 254 -41.78 25.33 32.66
N SER A 255 -40.74 25.11 33.46
CA SER A 255 -40.71 24.00 34.40
C SER A 255 -41.79 24.09 35.47
N SER A 256 -42.43 25.24 35.63
CA SER A 256 -43.48 25.36 36.62
C SER A 256 -44.87 25.03 36.08
N ASP A 257 -45.02 24.77 34.78
CA ASP A 257 -46.31 24.34 34.24
C ASP A 257 -46.08 22.98 33.58
N THR A 258 -46.52 21.92 34.24
CA THR A 258 -46.21 20.55 33.84
C THR A 258 -47.45 19.73 33.51
N ARG A 259 -48.63 20.36 33.45
CA ARG A 259 -49.87 19.66 33.20
C ARG A 259 -49.94 19.13 31.77
N VAL A 260 -50.85 18.19 31.54
CA VAL A 260 -51.20 17.84 30.16
CA VAL A 260 -51.18 17.84 30.16
C VAL A 260 -51.86 19.05 29.53
N GLY A 261 -51.42 19.40 28.33
CA GLY A 261 -51.90 20.61 27.70
C GLY A 261 -51.10 21.86 28.04
N ALA A 262 -49.98 21.71 28.74
CA ALA A 262 -49.15 22.85 29.09
C ALA A 262 -48.34 23.30 27.88
N PRO A 263 -48.02 24.60 27.78
CA PRO A 263 -47.26 25.10 26.62
C PRO A 263 -45.92 24.39 26.50
N ALA A 264 -45.53 24.08 25.26
CA ALA A 264 -44.29 23.39 24.96
C ALA A 264 -43.56 24.14 23.84
N THR A 265 -42.23 24.09 23.86
CA THR A 265 -41.43 24.82 22.87
C THR A 265 -40.84 23.94 21.76
N GLY A 266 -40.97 22.63 21.85
CA GLY A 266 -40.44 21.75 20.82
C GLY A 266 -40.30 20.35 21.39
N SER A 267 -39.57 19.52 20.64
CA SER A 267 -39.33 18.16 21.05
C SER A 267 -38.52 18.08 22.35
N GLY A 268 -38.75 17.00 23.08
CA GLY A 268 -37.89 16.68 24.20
C GLY A 268 -36.49 16.29 23.75
N THR A 269 -35.53 16.45 24.68
CA THR A 269 -34.14 16.12 24.42
C THR A 269 -34.02 14.69 23.90
N PRO A 270 -33.20 14.43 22.87
CA PRO A 270 -33.02 13.05 22.40
C PRO A 270 -32.53 12.13 23.53
N GLY A 271 -32.99 10.86 23.49
CA GLY A 271 -32.53 9.87 24.43
C GLY A 271 -31.11 9.44 24.15
N PRO A 272 -30.42 8.93 25.17
CA PRO A 272 -29.02 8.49 25.00
C PRO A 272 -28.85 7.36 24.02
N PHE A 273 -29.84 6.47 23.89
CA PHE A 273 -29.75 5.31 23.01
C PHE A 273 -30.53 5.47 21.72
N THR A 274 -31.77 6.00 21.77
CA THR A 274 -32.57 6.13 20.55
C THR A 274 -32.25 7.39 19.75
N LYS A 275 -31.63 8.41 20.39
CA LYS A 275 -30.99 9.53 19.68
C LYS A 275 -31.92 10.19 18.65
N GLU A 276 -33.15 10.51 19.06
CA GLU A 276 -34.13 11.09 18.15
C GLU A 276 -35.08 11.98 18.95
N GLY A 277 -34.94 13.29 18.80
CA GLY A 277 -35.74 14.22 19.58
C GLY A 277 -37.22 13.95 19.43
N GLY A 278 -37.94 14.00 20.56
CA GLY A 278 -39.38 13.79 20.53
C GLY A 278 -39.85 12.38 20.87
N MET A 279 -38.96 11.38 20.89
CA MET A 279 -39.28 10.00 21.20
CA MET A 279 -39.31 10.01 21.23
C MET A 279 -38.34 9.48 22.27
N LEU A 280 -38.80 8.53 23.08
CA LEU A 280 -37.95 7.81 24.03
C LEU A 280 -38.45 6.36 24.12
N ALA A 281 -37.51 5.40 24.15
CA ALA A 281 -37.88 4.02 24.46
C ALA A 281 -38.37 3.92 25.91
N TYR A 282 -39.19 2.89 26.20
CA TYR A 282 -39.59 2.64 27.59
C TYR A 282 -38.37 2.51 28.49
N TYR A 283 -37.31 1.83 28.02
CA TYR A 283 -36.14 1.66 28.87
C TYR A 283 -35.38 2.97 29.12
N GLU A 284 -35.64 4.04 28.35
CA GLU A 284 -35.05 5.34 28.60
C GLU A 284 -35.85 6.16 29.61
N VAL A 285 -37.17 5.92 29.72
CA VAL A 285 -38.01 6.66 30.67
C VAL A 285 -38.17 5.94 32.00
N CYS A 286 -38.12 4.61 32.03
CA CYS A 286 -38.64 3.86 33.18
C CYS A 286 -37.77 4.08 34.40
N SER A 287 -36.59 4.64 34.17
CA SER A 287 -35.45 4.71 35.08
C SER A 287 -35.19 6.09 35.65
N TRP A 288 -35.82 7.14 35.10
CA TRP A 288 -35.47 8.52 35.41
C TRP A 288 -35.40 8.76 36.91
N LYS A 289 -34.29 9.35 37.36
CA LYS A 289 -34.10 9.71 38.75
C LYS A 289 -34.50 11.18 38.98
N GLY A 290 -35.04 11.45 40.16
CA GLY A 290 -35.45 12.81 40.49
C GLY A 290 -36.58 13.35 39.63
N ALA A 291 -37.47 12.49 39.17
CA ALA A 291 -38.59 12.89 38.33
C ALA A 291 -39.89 12.78 39.10
N THR A 292 -40.97 13.23 38.46
CA THR A 292 -42.30 13.13 39.03
C THR A 292 -43.21 12.45 38.02
N LYS A 293 -43.84 11.33 38.42
CA LYS A 293 -44.74 10.56 37.57
C LYS A 293 -46.17 10.82 38.03
N GLN A 294 -47.06 11.03 37.07
CA GLN A 294 -48.48 11.25 37.36
C GLN A 294 -49.30 10.43 36.38
N ARG A 295 -50.55 10.15 36.71
CA ARG A 295 -51.48 9.54 35.75
C ARG A 295 -52.50 10.57 35.31
N ILE A 296 -52.86 10.53 34.02
CA ILE A 296 -53.95 11.35 33.47
C ILE A 296 -55.24 10.60 33.76
N GLN A 297 -56.08 11.14 34.66
CA GLN A 297 -57.21 10.40 35.20
C GLN A 297 -58.18 9.98 34.09
N ASP A 298 -58.53 10.89 33.18
CA ASP A 298 -59.52 10.53 32.16
C ASP A 298 -58.94 9.60 31.12
N GLN A 299 -57.63 9.65 30.88
CA GLN A 299 -57.06 8.95 29.73
C GLN A 299 -56.37 7.64 30.08
N LYS A 300 -56.18 7.35 31.39
CA LYS A 300 -55.72 6.04 31.90
C LYS A 300 -54.26 5.73 31.56
N VAL A 301 -53.43 6.75 31.41
CA VAL A 301 -52.03 6.57 31.00
C VAL A 301 -51.16 7.55 31.77
N PRO A 302 -49.89 7.21 31.97
CA PRO A 302 -49.00 8.09 32.74
C PRO A 302 -48.21 9.09 31.92
N TYR A 303 -47.70 10.10 32.62
CA TYR A 303 -46.63 10.96 32.12
C TYR A 303 -45.65 11.21 33.25
N ILE A 304 -44.45 11.64 32.87
CA ILE A 304 -43.39 11.92 33.83
C ILE A 304 -42.71 13.22 33.40
N PHE A 305 -42.30 14.02 34.38
CA PHE A 305 -41.57 15.25 34.05
C PHE A 305 -40.41 15.43 35.01
N ARG A 306 -39.42 16.20 34.53
CA ARG A 306 -38.23 16.55 35.31
C ARG A 306 -37.66 17.80 34.69
N ASP A 307 -37.51 18.87 35.47
CA ASP A 307 -37.10 20.19 34.95
C ASP A 307 -38.02 20.55 33.79
N ASN A 308 -37.49 20.88 32.61
CA ASN A 308 -38.33 21.28 31.48
C ASN A 308 -38.60 20.14 30.50
N GLN A 309 -38.47 18.89 30.93
CA GLN A 309 -38.73 17.73 30.08
C GLN A 309 -39.97 16.99 30.56
N TRP A 310 -40.83 16.60 29.60
CA TRP A 310 -42.15 16.03 29.82
C TRP A 310 -42.36 14.89 28.83
N VAL A 311 -42.73 13.70 29.33
CA VAL A 311 -42.86 12.50 28.47
C VAL A 311 -44.17 11.78 28.81
N GLY A 312 -45.00 11.58 27.79
CA GLY A 312 -46.14 10.67 27.88
C GLY A 312 -45.74 9.30 27.33
N PHE A 313 -45.98 8.26 28.12
CA PHE A 313 -45.55 6.91 27.76
C PHE A 313 -46.55 5.90 28.34
N ASP A 314 -46.33 4.62 28.05
CA ASP A 314 -47.15 3.53 28.60
C ASP A 314 -46.34 2.70 29.59
N ASP A 315 -47.00 2.22 30.65
CA ASP A 315 -46.37 1.41 31.69
C ASP A 315 -47.11 0.08 31.84
N VAL A 316 -46.69 -0.75 32.80
CA VAL A 316 -47.36 -2.03 33.00
C VAL A 316 -48.85 -1.81 33.26
N GLU A 317 -49.19 -0.84 34.11
CA GLU A 317 -50.58 -0.62 34.45
C GLU A 317 -51.41 -0.19 33.23
N SER A 318 -50.88 0.69 32.37
CA SER A 318 -51.68 1.11 31.22
C SER A 318 -51.82 0.00 30.20
N PHE A 319 -50.78 -0.83 30.04
CA PHE A 319 -50.93 -2.01 29.20
C PHE A 319 -52.01 -2.95 29.74
N LYS A 320 -52.06 -3.17 31.07
CA LYS A 320 -53.13 -3.99 31.64
C LYS A 320 -54.50 -3.41 31.33
N THR A 321 -54.63 -2.08 31.43
CA THR A 321 -55.92 -1.43 31.20
C THR A 321 -56.33 -1.56 29.74
N LYS A 322 -55.36 -1.43 28.83
CA LYS A 322 -55.69 -1.55 27.41
C LYS A 322 -56.03 -2.99 27.02
N VAL A 323 -55.45 -3.99 27.68
CA VAL A 323 -55.87 -5.37 27.41
C VAL A 323 -57.28 -5.61 27.93
N SER A 324 -57.60 -5.09 29.11
CA SER A 324 -58.98 -5.20 29.60
C SER A 324 -59.94 -4.59 28.60
N TYR A 325 -59.56 -3.43 28.04
CA TYR A 325 -60.37 -2.75 27.03
C TYR A 325 -60.55 -3.59 25.77
N LEU A 326 -59.46 -4.12 25.22
CA LEU A 326 -59.61 -4.88 23.97
C LEU A 326 -60.46 -6.14 24.17
N LYS A 327 -60.35 -6.78 25.34
CA LYS A 327 -61.17 -7.95 25.62
C LYS A 327 -62.64 -7.57 25.73
N GLN A 328 -62.92 -6.43 26.39
CA GLN A 328 -64.30 -5.95 26.50
C GLN A 328 -64.90 -5.72 25.11
N LYS A 329 -64.09 -5.26 24.15
CA LYS A 329 -64.56 -5.04 22.77
C LYS A 329 -64.50 -6.29 21.90
N GLY A 330 -63.98 -7.41 22.43
CA GLY A 330 -63.88 -8.63 21.64
C GLY A 330 -62.85 -8.57 20.53
N LEU A 331 -61.80 -7.76 20.68
CA LEU A 331 -60.80 -7.65 19.65
C LEU A 331 -59.95 -8.92 19.54
N GLY A 332 -59.22 -9.01 18.42
CA GLY A 332 -58.46 -10.21 18.11
C GLY A 332 -57.15 -10.37 18.87
N GLY A 333 -56.69 -9.33 19.54
CA GLY A 333 -55.45 -9.39 20.31
C GLY A 333 -54.79 -8.02 20.35
N ALA A 334 -53.50 -8.03 20.65
CA ALA A 334 -52.69 -6.82 20.77
C ALA A 334 -51.51 -6.91 19.81
N MET A 335 -51.02 -5.74 19.39
CA MET A 335 -49.88 -5.56 18.49
C MET A 335 -48.96 -4.60 19.22
N VAL A 336 -47.65 -4.76 19.04
N VAL A 336 -47.64 -4.79 19.04
CA VAL A 336 -46.74 -3.91 19.81
CA VAL A 336 -46.63 -4.01 19.76
C VAL A 336 -45.60 -3.40 18.94
C VAL A 336 -45.66 -3.37 18.78
N TRP A 337 -45.41 -2.08 18.95
CA TRP A 337 -44.25 -1.38 18.38
C TRP A 337 -43.42 -0.85 19.55
N ALA A 338 -42.22 -1.43 19.83
CA ALA A 338 -41.57 -2.51 19.09
C ALA A 338 -40.72 -3.33 20.10
N LEU A 339 -40.28 -4.52 19.69
CA LEU A 339 -39.55 -5.40 20.61
C LEU A 339 -38.33 -4.71 21.23
N ASP A 340 -37.57 -3.96 20.43
CA ASP A 340 -36.28 -3.42 20.88
C ASP A 340 -36.45 -2.14 21.71
N LEU A 341 -37.70 -1.68 21.95
CA LEU A 341 -37.94 -0.49 22.76
C LEU A 341 -38.44 -0.83 24.15
N ASP A 342 -38.95 -2.05 24.37
CA ASP A 342 -39.16 -2.56 25.71
C ASP A 342 -37.79 -2.82 26.35
N ASP A 343 -37.77 -3.11 27.66
CA ASP A 343 -36.50 -3.46 28.32
C ASP A 343 -36.26 -4.94 28.06
N PHE A 344 -35.74 -5.21 26.86
CA PHE A 344 -35.76 -6.57 26.33
C PHE A 344 -34.77 -7.51 27.02
N ALA A 345 -33.77 -6.99 27.76
CA ALA A 345 -32.84 -7.87 28.47
C ALA A 345 -32.70 -7.49 29.95
N GLY A 346 -33.69 -6.77 30.48
CA GLY A 346 -33.65 -6.47 31.90
C GLY A 346 -32.47 -5.60 32.31
N PHE A 347 -32.09 -4.62 31.49
CA PHE A 347 -30.88 -3.84 31.75
C PHE A 347 -31.15 -2.46 32.31
N SER A 348 -32.41 -2.07 32.46
CA SER A 348 -32.72 -0.70 32.87
C SER A 348 -33.81 -0.56 33.94
N CYS A 349 -34.91 -1.30 33.79
CA CYS A 349 -36.14 -0.99 34.51
C CYS A 349 -36.28 -1.73 35.83
N ASN A 350 -35.41 -2.71 36.10
CA ASN A 350 -35.54 -3.54 37.31
C ASN A 350 -36.89 -4.25 37.36
N GLN A 351 -37.40 -4.65 36.19
CA GLN A 351 -38.69 -5.33 36.06
C GLN A 351 -38.57 -6.65 35.29
N GLY A 352 -37.35 -7.18 35.16
CA GLY A 352 -37.10 -8.40 34.41
C GLY A 352 -37.06 -8.16 32.90
N ARG A 353 -37.02 -9.26 32.14
CA ARG A 353 -36.99 -9.20 30.68
C ARG A 353 -38.37 -8.85 30.13
N TYR A 354 -38.41 -7.99 29.11
CA TYR A 354 -39.65 -7.65 28.42
C TYR A 354 -40.82 -7.29 29.35
N PRO A 355 -40.63 -6.37 30.30
CA PRO A 355 -41.70 -6.15 31.28
C PRO A 355 -43.02 -5.74 30.64
N LEU A 356 -43.00 -4.88 29.60
CA LEU A 356 -44.25 -4.48 28.95
C LEU A 356 -44.84 -5.61 28.12
N ILE A 357 -44.06 -6.24 27.26
CA ILE A 357 -44.63 -7.24 26.36
C ILE A 357 -44.99 -8.52 27.12
N GLN A 358 -44.22 -8.88 28.16
CA GLN A 358 -44.62 -10.01 28.99
C GLN A 358 -45.95 -9.73 29.70
N THR A 359 -46.21 -8.47 30.05
CA THR A 359 -47.52 -8.13 30.60
C THR A 359 -48.63 -8.48 29.60
N LEU A 360 -48.45 -8.11 28.33
CA LEU A 360 -49.45 -8.47 27.31
C LEU A 360 -49.64 -9.98 27.23
N ARG A 361 -48.53 -10.74 27.14
CA ARG A 361 -48.62 -12.20 27.04
C ARG A 361 -49.41 -12.79 28.20
N GLN A 362 -49.15 -12.32 29.42
CA GLN A 362 -49.83 -12.89 30.58
C GLN A 362 -51.30 -12.49 30.60
N GLU A 363 -51.60 -11.22 30.28
CA GLU A 363 -52.97 -10.74 30.40
C GLU A 363 -53.84 -11.30 29.29
N LEU A 364 -53.25 -11.57 28.13
CA LEU A 364 -54.02 -12.17 27.04
C LEU A 364 -54.27 -13.66 27.25
N SER A 365 -53.56 -14.28 28.20
CA SER A 365 -53.66 -15.72 28.47
C SER A 365 -54.97 -16.06 29.13
N ALA B 1 -26.82 3.10 -6.84
CA ALA B 1 -26.55 4.52 -6.58
C ALA B 1 -25.67 4.67 -5.32
N LYS B 2 -24.72 5.61 -5.35
CA LYS B 2 -23.91 5.95 -4.17
C LYS B 2 -24.55 7.10 -3.43
N LEU B 3 -24.42 7.09 -2.10
CA LEU B 3 -24.77 8.22 -1.24
C LEU B 3 -23.50 8.49 -0.42
N VAL B 4 -22.78 9.54 -0.78
CA VAL B 4 -21.46 9.85 -0.24
C VAL B 4 -21.65 10.98 0.76
N CYS B 5 -21.34 10.76 2.04
CA CYS B 5 -21.60 11.76 3.07
C CYS B 5 -20.32 12.18 3.79
N TYR B 6 -20.13 13.50 3.96
CA TYR B 6 -18.96 14.03 4.66
C TYR B 6 -19.20 14.22 6.16
N PHE B 7 -18.27 13.71 6.96
CA PHE B 7 -18.13 13.95 8.40
C PHE B 7 -17.05 15.02 8.55
N THR B 8 -17.21 15.92 9.55
CA THR B 8 -16.18 16.94 9.80
C THR B 8 -15.64 16.83 11.22
N ASN B 9 -14.30 16.92 11.35
CA ASN B 9 -13.65 16.66 12.64
C ASN B 9 -13.62 17.88 13.56
N TRP B 10 -14.27 18.98 13.17
CA TRP B 10 -14.44 20.12 14.07
C TRP B 10 -15.87 20.24 14.62
N ALA B 11 -16.80 19.42 14.12
CA ALA B 11 -18.18 19.50 14.62
C ALA B 11 -18.26 19.02 16.06
N GLN B 12 -17.27 18.26 16.53
CA GLN B 12 -17.23 17.79 17.92
C GLN B 12 -17.06 18.93 18.91
N TYR B 13 -16.72 20.15 18.44
CA TYR B 13 -16.50 21.29 19.31
C TYR B 13 -17.70 22.22 19.37
N ARG B 14 -18.80 21.90 18.65
CA ARG B 14 -20.01 22.70 18.80
C ARG B 14 -20.66 22.41 20.14
N GLN B 15 -21.45 23.37 20.62
CA GLN B 15 -22.04 23.26 21.94
C GLN B 15 -23.49 22.79 21.90
N GLY B 16 -23.97 22.34 23.05
CA GLY B 16 -25.34 21.88 23.19
C GLY B 16 -25.66 20.72 22.25
N GLU B 17 -26.90 20.71 21.76
CA GLU B 17 -27.34 19.60 20.93
C GLU B 17 -26.68 19.56 19.55
N ALA B 18 -25.93 20.60 19.16
CA ALA B 18 -25.26 20.61 17.85
C ALA B 18 -23.94 19.84 17.83
N ARG B 19 -23.41 19.44 18.99
CA ARG B 19 -22.14 18.71 19.02
C ARG B 19 -22.28 17.38 18.29
N PHE B 20 -21.33 17.06 17.41
CA PHE B 20 -21.41 15.89 16.55
C PHE B 20 -20.15 15.04 16.70
N LEU B 21 -20.34 13.76 17.11
CA LEU B 21 -19.26 12.81 17.29
C LEU B 21 -19.54 11.56 16.45
N PRO B 22 -18.56 10.67 16.25
CA PRO B 22 -18.87 9.44 15.49
C PRO B 22 -20.11 8.64 15.98
N LYS B 23 -20.42 8.68 17.28
CA LYS B 23 -21.59 7.96 17.79
C LYS B 23 -22.89 8.52 17.22
N ASP B 24 -22.85 9.72 16.63
CA ASP B 24 -24.03 10.34 16.02
C ASP B 24 -24.25 9.93 14.58
N LEU B 25 -23.33 9.15 14.00
CA LEU B 25 -23.47 8.64 12.65
C LEU B 25 -24.41 7.45 12.63
N ASP B 26 -25.24 7.40 11.60
CA ASP B 26 -26.06 6.24 11.33
C ASP B 26 -25.26 5.29 10.41
N PRO B 27 -24.95 4.05 10.83
CA PRO B 27 -24.00 3.22 10.05
C PRO B 27 -24.46 2.83 8.65
N SER B 28 -25.77 2.82 8.37
CA SER B 28 -26.26 2.45 7.06
C SER B 28 -27.01 3.58 6.35
N LEU B 29 -26.91 4.82 6.84
CA LEU B 29 -27.52 5.95 6.15
C LEU B 29 -26.90 6.18 4.78
N CYS B 30 -25.57 6.16 4.72
CA CYS B 30 -24.82 6.42 3.49
C CYS B 30 -24.07 5.17 3.03
N THR B 31 -23.71 5.14 1.74
CA THR B 31 -22.88 4.04 1.24
C THR B 31 -21.39 4.30 1.45
N HIS B 32 -20.99 5.58 1.44
CA HIS B 32 -19.60 5.98 1.62
C HIS B 32 -19.59 7.14 2.60
N LEU B 33 -18.68 7.07 3.61
CA LEU B 33 -18.47 8.17 4.54
C LEU B 33 -17.07 8.71 4.29
N ILE B 34 -16.94 10.04 4.16
CA ILE B 34 -15.65 10.68 3.93
C ILE B 34 -15.32 11.59 5.10
N TYR B 35 -14.13 11.40 5.69
CA TYR B 35 -13.70 12.10 6.90
C TYR B 35 -12.92 13.37 6.50
N ALA B 36 -13.44 14.54 6.86
CA ALA B 36 -12.80 15.81 6.52
C ALA B 36 -12.24 16.45 7.78
N PHE B 37 -10.95 16.84 7.80
CA PHE B 37 -9.93 16.67 6.78
C PHE B 37 -8.64 16.22 7.45
N ALA B 38 -7.83 15.50 6.69
CA ALA B 38 -6.41 15.33 6.97
C ALA B 38 -5.58 16.46 6.35
N GLY B 39 -4.35 16.61 6.85
CA GLY B 39 -3.40 17.58 6.29
C GLY B 39 -2.16 16.93 5.71
N MET B 40 -1.08 17.70 5.57
CA MET B 40 0.14 17.24 4.95
C MET B 40 1.32 17.87 5.69
N THR B 41 2.30 17.05 6.01
CA THR B 41 3.55 17.52 6.60
C THR B 41 4.70 16.79 5.91
N ASN B 42 5.66 17.55 5.38
CA ASN B 42 6.81 16.94 4.71
C ASN B 42 6.37 15.98 3.61
N HIS B 43 5.33 16.37 2.88
CA HIS B 43 4.77 15.62 1.75
C HIS B 43 4.07 14.34 2.15
N GLN B 44 3.66 14.19 3.43
CA GLN B 44 3.05 12.95 3.92
C GLN B 44 1.74 13.27 4.64
N LEU B 45 0.78 12.32 4.59
CA LEU B 45 -0.52 12.51 5.26
C LEU B 45 -0.33 12.76 6.75
N SER B 46 -1.12 13.67 7.32
CA SER B 46 -1.03 13.93 8.75
C SER B 46 -2.40 14.28 9.32
N THR B 47 -2.55 14.06 10.63
CA THR B 47 -3.76 14.45 11.34
C THR B 47 -3.84 15.96 11.53
N THR B 48 -5.07 16.46 11.79
CA THR B 48 -5.27 17.88 12.02
C THR B 48 -5.87 18.23 13.37
N GLU B 49 -6.46 17.27 14.09
CA GLU B 49 -6.96 17.50 15.43
C GLU B 49 -6.32 16.51 16.40
N TRP B 50 -6.12 16.98 17.64
CA TRP B 50 -5.40 16.21 18.66
C TRP B 50 -5.93 14.80 18.84
N ASN B 51 -7.25 14.60 18.63
CA ASN B 51 -7.85 13.29 18.91
C ASN B 51 -8.26 12.55 17.65
N ASP B 52 -7.68 12.93 16.49
CA ASP B 52 -8.03 12.24 15.24
C ASP B 52 -7.83 10.72 15.34
N GLU B 53 -6.77 10.25 16.00
CA GLU B 53 -6.57 8.81 16.03
C GLU B 53 -7.74 8.10 16.71
N THR B 54 -8.26 8.68 17.79
CA THR B 54 -9.42 8.11 18.45
C THR B 54 -10.67 8.18 17.58
N LEU B 55 -10.92 9.36 16.99
CA LEU B 55 -12.09 9.48 16.10
C LEU B 55 -11.98 8.56 14.89
N TYR B 56 -10.78 8.43 14.30
CA TYR B 56 -10.61 7.48 13.19
C TYR B 56 -11.03 6.08 13.61
N GLN B 57 -10.65 5.66 14.82
CA GLN B 57 -10.99 4.30 15.24
C GLN B 57 -12.50 4.15 15.43
N GLU B 58 -13.18 5.17 15.96
CA GLU B 58 -14.62 5.06 16.14
C GLU B 58 -15.34 5.12 14.79
N PHE B 59 -14.84 5.98 13.88
CA PHE B 59 -15.44 6.17 12.56
C PHE B 59 -15.32 4.89 11.73
N ASN B 60 -14.09 4.37 11.59
CA ASN B 60 -13.93 3.12 10.83
C ASN B 60 -14.50 1.92 11.59
N GLY B 61 -14.65 2.03 12.91
CA GLY B 61 -15.29 0.98 13.69
C GLY B 61 -16.75 0.76 13.36
N LEU B 62 -17.40 1.72 12.69
CA LEU B 62 -18.77 1.48 12.23
C LEU B 62 -18.84 0.26 11.32
N LYS B 63 -17.74 -0.06 10.63
CA LYS B 63 -17.70 -1.23 9.74
C LYS B 63 -17.76 -2.55 10.48
N LYS B 64 -17.55 -2.56 11.81
CA LYS B 64 -17.82 -3.79 12.54
C LYS B 64 -19.33 -4.07 12.58
N MET B 65 -20.16 -3.04 12.48
CA MET B 65 -21.61 -3.26 12.42
C MET B 65 -22.14 -3.35 11.00
N ASN B 66 -21.48 -2.69 10.04
CA ASN B 66 -21.91 -2.69 8.64
C ASN B 66 -20.67 -2.81 7.79
N PRO B 67 -20.21 -4.04 7.52
CA PRO B 67 -18.95 -4.21 6.78
C PRO B 67 -19.00 -3.82 5.32
N LYS B 68 -20.19 -3.55 4.77
CA LYS B 68 -20.33 -3.09 3.40
C LYS B 68 -20.14 -1.57 3.24
N LEU B 69 -20.23 -0.83 4.33
CA LEU B 69 -19.90 0.59 4.33
C LEU B 69 -18.44 0.82 3.89
N LYS B 70 -18.21 1.80 3.03
CA LYS B 70 -16.84 2.16 2.64
C LYS B 70 -16.48 3.51 3.25
N THR B 71 -15.25 3.64 3.77
CA THR B 71 -14.82 4.91 4.33
C THR B 71 -13.63 5.48 3.56
N LEU B 72 -13.58 6.81 3.44
CA LEU B 72 -12.43 7.48 2.84
C LEU B 72 -11.99 8.65 3.71
N LEU B 73 -10.71 9.01 3.57
CA LEU B 73 -10.12 10.16 4.26
C LEU B 73 -9.88 11.28 3.25
N ALA B 74 -10.44 12.47 3.52
CA ALA B 74 -10.26 13.64 2.63
C ALA B 74 -9.03 14.46 3.06
N ILE B 75 -8.17 14.82 2.11
CA ILE B 75 -6.99 15.62 2.41
C ILE B 75 -7.15 17.03 1.85
N GLY B 76 -6.84 18.04 2.67
CA GLY B 76 -6.79 19.41 2.21
C GLY B 76 -7.97 20.25 2.68
N GLY B 77 -8.83 20.66 1.75
CA GLY B 77 -10.00 21.47 2.10
C GLY B 77 -9.85 22.93 1.67
N TRP B 78 -10.97 23.63 1.73
CA TRP B 78 -11.05 24.97 1.14
C TRP B 78 -10.15 26.00 1.82
N ASN B 79 -9.80 25.83 3.09
CA ASN B 79 -8.91 26.75 3.80
C ASN B 79 -7.46 26.27 3.84
N PHE B 80 -7.15 25.15 3.20
CA PHE B 80 -5.81 24.54 3.31
C PHE B 80 -4.76 25.31 2.51
N GLY B 81 -5.17 26.00 1.46
CA GLY B 81 -4.23 26.63 0.53
C GLY B 81 -3.78 25.67 -0.56
N THR B 82 -2.80 26.14 -1.33
CA THR B 82 -2.28 25.35 -2.45
C THR B 82 -0.82 24.96 -2.32
N GLN B 83 -0.03 25.66 -1.49
CA GLN B 83 1.42 25.51 -1.58
C GLN B 83 1.88 24.08 -1.32
N LYS B 84 1.30 23.42 -0.29
CA LYS B 84 1.73 22.06 0.03
C LYS B 84 1.38 21.07 -1.06
N PHE B 85 0.22 21.25 -1.71
CA PHE B 85 -0.08 20.39 -2.86
C PHE B 85 0.92 20.64 -4.01
N THR B 86 1.14 21.92 -4.36
CA THR B 86 2.10 22.25 -5.42
C THR B 86 3.48 21.65 -5.15
N ASP B 87 3.96 21.76 -3.92
CA ASP B 87 5.29 21.24 -3.61
C ASP B 87 5.33 19.73 -3.74
N MET B 88 4.27 19.06 -3.27
CA MET B 88 4.25 17.60 -3.26
C MET B 88 4.19 17.03 -4.68
N VAL B 89 3.45 17.71 -5.59
CA VAL B 89 3.31 17.20 -6.96
C VAL B 89 4.47 17.63 -7.85
N ALA B 90 5.31 18.55 -7.38
CA ALA B 90 6.32 19.16 -8.26
C ALA B 90 7.40 18.18 -8.70
N THR B 91 7.68 17.16 -7.89
CA THR B 91 8.75 16.23 -8.22
C THR B 91 8.30 14.80 -8.06
N ALA B 92 8.87 13.91 -8.87
CA ALA B 92 8.56 12.50 -8.75
C ALA B 92 8.91 11.95 -7.36
N ASN B 93 10.04 12.38 -6.79
CA ASN B 93 10.39 11.94 -5.43
C ASN B 93 9.28 12.28 -4.44
N ASN B 94 8.72 13.51 -4.51
CA ASN B 94 7.71 13.91 -3.54
C ASN B 94 6.39 13.18 -3.77
N ARG B 95 6.04 12.91 -5.03
CA ARG B 95 4.82 12.14 -5.27
C ARG B 95 4.94 10.72 -4.73
N GLN B 96 6.12 10.10 -4.87
CA GLN B 96 6.35 8.78 -4.29
C GLN B 96 6.28 8.79 -2.76
N THR B 97 6.91 9.78 -2.13
CA THR B 97 6.79 9.94 -0.68
C THR B 97 5.33 10.03 -0.25
N PHE B 98 4.54 10.83 -0.96
CA PHE B 98 3.14 11.02 -0.58
C PHE B 98 2.33 9.76 -0.78
N VAL B 99 2.46 9.13 -1.93
CA VAL B 99 1.70 7.93 -2.26
C VAL B 99 2.00 6.83 -1.23
N ASN B 100 3.28 6.62 -0.91
CA ASN B 100 3.63 5.60 0.07
C ASN B 100 3.07 5.92 1.44
N SER B 101 3.12 7.19 1.86
CA SER B 101 2.55 7.57 3.14
CA SER B 101 2.56 7.59 3.14
C SER B 101 1.05 7.41 3.17
N ALA B 102 0.37 7.66 2.04
CA ALA B 102 -1.09 7.47 2.01
C ALA B 102 -1.46 6.02 2.23
N ILE B 103 -0.79 5.11 1.53
CA ILE B 103 -1.09 3.68 1.70
C ILE B 103 -0.90 3.28 3.17
N ARG B 104 0.23 3.68 3.77
N ARG B 104 0.25 3.65 3.74
CA ARG B 104 0.54 3.28 5.14
CA ARG B 104 0.55 3.30 5.13
C ARG B 104 -0.47 3.85 6.13
C ARG B 104 -0.53 3.83 6.08
N PHE B 105 -0.85 5.12 5.93
CA PHE B 105 -1.77 5.79 6.86
C PHE B 105 -3.18 5.21 6.75
N LEU B 106 -3.68 5.07 5.51
CA LEU B 106 -5.03 4.53 5.32
C LEU B 106 -5.13 3.10 5.86
N ARG B 107 -4.11 2.27 5.61
CA ARG B 107 -4.16 0.89 6.13
C ARG B 107 -4.03 0.87 7.65
N LYS B 108 -3.16 1.71 8.22
CA LYS B 108 -3.00 1.73 9.67
C LYS B 108 -4.33 2.00 10.39
N TYR B 109 -5.11 2.96 9.88
CA TYR B 109 -6.33 3.39 10.54
C TYR B 109 -7.60 2.74 9.99
N SER B 110 -7.48 1.88 8.98
CA SER B 110 -8.61 1.14 8.41
C SER B 110 -9.55 2.03 7.60
N PHE B 111 -8.99 2.97 6.83
CA PHE B 111 -9.77 3.65 5.80
C PHE B 111 -9.74 2.83 4.50
N ASP B 112 -10.80 2.98 3.68
CA ASP B 112 -10.89 2.26 2.41
C ASP B 112 -10.42 3.07 1.20
N GLY B 113 -10.01 4.31 1.40
CA GLY B 113 -9.60 5.13 0.26
C GLY B 113 -9.26 6.56 0.67
N LEU B 114 -8.91 7.34 -0.35
CA LEU B 114 -8.46 8.72 -0.19
C LEU B 114 -9.29 9.63 -1.09
N ASP B 115 -9.75 10.77 -0.54
CA ASP B 115 -10.46 11.79 -1.31
C ASP B 115 -9.57 13.03 -1.36
N LEU B 116 -9.33 13.54 -2.58
CA LEU B 116 -8.47 14.72 -2.76
C LEU B 116 -9.30 16.00 -2.75
N ASP B 117 -8.98 16.95 -1.88
CA ASP B 117 -9.75 18.20 -1.77
C ASP B 117 -8.82 19.41 -1.89
N TRP B 118 -8.08 19.48 -3.01
CA TRP B 118 -7.20 20.61 -3.32
C TRP B 118 -8.03 21.72 -3.96
N GLU B 119 -8.01 22.92 -3.35
CA GLU B 119 -8.71 24.11 -3.89
C GLU B 119 -7.66 25.19 -4.24
N TYR B 120 -7.18 25.22 -5.49
CA TYR B 120 -7.42 24.28 -6.58
C TYR B 120 -6.11 24.25 -7.39
N PRO B 121 -5.83 23.17 -8.10
CA PRO B 121 -4.68 23.20 -9.03
C PRO B 121 -4.91 24.31 -10.07
N GLY B 122 -3.86 25.10 -10.36
CA GLY B 122 -3.94 26.10 -11.40
C GLY B 122 -4.56 27.41 -10.98
N SER B 123 -5.05 27.53 -9.73
CA SER B 123 -5.72 28.74 -9.24
C SER B 123 -5.30 29.03 -7.81
N GLN B 124 -5.71 30.21 -7.30
CA GLN B 124 -5.51 30.57 -5.88
C GLN B 124 -4.04 30.45 -5.45
N GLY B 125 -3.13 30.80 -6.37
CA GLY B 125 -1.70 30.80 -6.15
C GLY B 125 -0.95 29.65 -6.82
N SER B 126 -1.63 28.60 -7.20
CA SER B 126 -0.98 27.44 -7.80
C SER B 126 -0.64 27.72 -9.27
N PRO B 127 0.57 27.36 -9.73
CA PRO B 127 0.98 27.67 -11.11
C PRO B 127 0.24 26.83 -12.15
N ALA B 128 0.29 27.32 -13.40
CA ALA B 128 -0.46 26.67 -14.48
C ALA B 128 -0.02 25.23 -14.71
N VAL B 129 1.26 24.92 -14.44
CA VAL B 129 1.76 23.55 -14.59
C VAL B 129 1.03 22.56 -13.70
N ASP B 130 0.39 23.03 -12.61
CA ASP B 130 -0.29 22.09 -11.72
C ASP B 130 -1.51 21.42 -12.36
N LYS B 131 -2.02 21.94 -13.48
CA LYS B 131 -3.08 21.22 -14.18
C LYS B 131 -2.61 19.83 -14.62
N GLU B 132 -1.45 19.76 -15.29
CA GLU B 132 -0.93 18.45 -15.72
C GLU B 132 -0.37 17.66 -14.55
N ARG B 133 0.21 18.32 -13.56
CA ARG B 133 0.77 17.59 -12.44
C ARG B 133 -0.30 16.99 -11.54
N PHE B 134 -1.48 17.63 -11.45
CA PHE B 134 -2.60 17.00 -10.78
C PHE B 134 -2.98 15.69 -11.47
N THR B 135 -2.94 15.68 -12.82
CA THR B 135 -3.19 14.42 -13.53
C THR B 135 -2.16 13.37 -13.16
N THR B 136 -0.89 13.75 -13.13
CA THR B 136 0.16 12.81 -12.73
C THR B 136 -0.04 12.27 -11.32
N LEU B 137 -0.42 13.15 -10.37
CA LEU B 137 -0.67 12.69 -9.00
C LEU B 137 -1.79 11.66 -8.95
N VAL B 138 -2.90 11.95 -9.66
CA VAL B 138 -4.02 11.01 -9.68
C VAL B 138 -3.60 9.68 -10.31
N GLN B 139 -2.82 9.74 -11.39
CA GLN B 139 -2.33 8.50 -12.01
C GLN B 139 -1.40 7.75 -11.07
N ASP B 140 -0.49 8.48 -10.39
CA ASP B 140 0.45 7.83 -9.48
C ASP B 140 -0.27 7.14 -8.31
N LEU B 141 -1.28 7.81 -7.75
CA LEU B 141 -2.08 7.20 -6.68
C LEU B 141 -2.79 5.95 -7.19
N ALA B 142 -3.46 6.05 -8.34
CA ALA B 142 -4.19 4.91 -8.89
C ALA B 142 -3.25 3.73 -9.14
N ASN B 143 -2.06 3.98 -9.73
CA ASN B 143 -1.07 2.92 -9.97
CA ASN B 143 -1.11 2.89 -9.97
C ASN B 143 -0.65 2.25 -8.66
N ALA B 144 -0.30 3.05 -7.66
CA ALA B 144 0.21 2.47 -6.41
C ALA B 144 -0.88 1.73 -5.66
N PHE B 145 -2.10 2.25 -5.64
CA PHE B 145 -3.19 1.55 -4.96
C PHE B 145 -3.46 0.22 -5.64
N GLN B 146 -3.39 0.20 -6.97
N GLN B 146 -3.40 0.20 -6.97
CA GLN B 146 -3.62 -1.05 -7.70
CA GLN B 146 -3.62 -1.06 -7.70
C GLN B 146 -2.58 -2.11 -7.34
C GLN B 146 -2.58 -2.11 -7.31
N GLN B 147 -1.30 -1.70 -7.25
CA GLN B 147 -0.23 -2.66 -6.95
CA GLN B 147 -0.25 -2.68 -6.96
C GLN B 147 -0.25 -3.09 -5.50
N GLU B 148 -0.58 -2.17 -4.57
CA GLU B 148 -0.59 -2.55 -3.16
C GLU B 148 -1.62 -3.63 -2.87
N ALA B 149 -2.77 -3.57 -3.53
CA ALA B 149 -3.81 -4.55 -3.30
C ALA B 149 -3.36 -5.94 -3.73
N GLN B 150 -2.58 -6.02 -4.81
CA GLN B 150 -2.05 -7.29 -5.26
C GLN B 150 -1.09 -7.89 -4.26
N THR B 151 -0.25 -7.06 -3.65
CA THR B 151 0.74 -7.59 -2.71
C THR B 151 0.13 -7.85 -1.33
N SER B 152 -0.74 -6.97 -0.85
CA SER B 152 -1.29 -7.12 0.49
C SER B 152 -2.45 -8.11 0.54
N GLY B 153 -3.11 -8.33 -0.60
CA GLY B 153 -4.30 -9.14 -0.59
C GLY B 153 -5.53 -8.50 0.00
N LYS B 154 -5.51 -7.19 0.30
CA LYS B 154 -6.68 -6.47 0.76
C LYS B 154 -7.41 -5.82 -0.41
N GLU B 155 -8.64 -5.36 -0.16
N GLU B 155 -8.61 -5.32 -0.13
CA GLU B 155 -9.41 -4.69 -1.20
CA GLU B 155 -9.39 -4.59 -1.11
C GLU B 155 -8.70 -3.41 -1.63
C GLU B 155 -8.61 -3.40 -1.62
N ARG B 156 -8.63 -3.19 -2.94
CA ARG B 156 -7.91 -2.04 -3.50
CA ARG B 156 -7.94 -2.04 -3.53
C ARG B 156 -8.45 -0.73 -2.92
N LEU B 157 -7.53 0.14 -2.50
CA LEU B 157 -7.94 1.44 -1.97
C LEU B 157 -8.65 2.26 -3.06
N LEU B 158 -9.69 2.99 -2.64
CA LEU B 158 -10.46 3.85 -3.54
C LEU B 158 -9.82 5.22 -3.63
N LEU B 159 -10.03 5.89 -4.77
CA LEU B 159 -9.53 7.25 -4.99
C LEU B 159 -10.64 8.13 -5.55
N SER B 160 -10.97 9.22 -4.85
CA SER B 160 -11.96 10.19 -5.30
C SER B 160 -11.38 11.59 -5.21
N ALA B 161 -12.07 12.57 -5.81
CA ALA B 161 -11.69 13.97 -5.73
C ALA B 161 -12.93 14.82 -5.65
N ALA B 162 -12.87 15.90 -4.84
CA ALA B 162 -13.92 16.90 -4.75
C ALA B 162 -13.55 18.04 -5.69
N VAL B 163 -14.43 18.35 -6.64
CA VAL B 163 -14.10 19.24 -7.78
C VAL B 163 -15.03 20.44 -7.88
N PRO B 164 -14.55 21.58 -8.40
CA PRO B 164 -15.37 22.80 -8.46
C PRO B 164 -16.36 22.82 -9.61
N ALA B 165 -17.39 23.67 -9.44
CA ALA B 165 -18.40 23.88 -10.47
C ALA B 165 -17.96 24.86 -11.57
N GLY B 166 -17.22 25.90 -11.23
CA GLY B 166 -17.01 27.02 -12.18
C GLY B 166 -16.01 26.74 -13.28
N GLN B 167 -16.39 27.10 -14.53
CA GLN B 167 -15.54 26.85 -15.69
C GLN B 167 -14.15 27.45 -15.53
N THR B 168 -14.06 28.63 -14.89
CA THR B 168 -12.75 29.26 -14.69
C THR B 168 -11.80 28.31 -13.96
N TYR B 169 -12.24 27.73 -12.85
CA TYR B 169 -11.38 26.81 -12.10
C TYR B 169 -11.22 25.48 -12.83
N VAL B 170 -12.28 25.00 -13.47
CA VAL B 170 -12.20 23.72 -14.17
C VAL B 170 -11.17 23.78 -15.29
N ASP B 171 -11.22 24.85 -16.11
CA ASP B 171 -10.27 24.95 -17.22
C ASP B 171 -8.85 25.22 -16.73
N ALA B 172 -8.67 25.91 -15.61
CA ALA B 172 -7.32 26.21 -15.15
C ALA B 172 -6.64 24.99 -14.53
N GLY B 173 -7.42 24.03 -14.02
CA GLY B 173 -6.82 23.01 -13.17
C GLY B 173 -7.05 21.55 -13.51
N TYR B 174 -8.01 21.22 -14.36
CA TYR B 174 -8.45 19.83 -14.44
C TYR B 174 -8.46 19.30 -15.86
N GLU B 175 -7.68 18.25 -16.12
CA GLU B 175 -7.78 17.53 -17.39
C GLU B 175 -8.88 16.51 -17.16
N VAL B 176 -10.12 16.95 -17.36
CA VAL B 176 -11.32 16.24 -16.89
C VAL B 176 -11.33 14.80 -17.41
N ASP B 177 -11.11 14.63 -18.71
CA ASP B 177 -11.19 13.28 -19.25
C ASP B 177 -10.10 12.36 -18.67
N LYS B 178 -8.87 12.86 -18.51
CA LYS B 178 -7.79 12.00 -18.00
C LYS B 178 -7.96 11.66 -16.53
N ILE B 179 -8.32 12.66 -15.69
CA ILE B 179 -8.48 12.30 -14.27
C ILE B 179 -9.67 11.37 -14.06
N ALA B 180 -10.73 11.51 -14.86
CA ALA B 180 -11.89 10.66 -14.64
C ALA B 180 -11.58 9.19 -14.94
N GLN B 181 -10.63 8.93 -15.84
CA GLN B 181 -10.18 7.57 -16.08
C GLN B 181 -9.60 6.93 -14.82
N ASN B 182 -8.96 7.72 -13.98
CA ASN B 182 -8.18 7.22 -12.85
C ASN B 182 -8.89 7.37 -11.52
N LEU B 183 -9.97 8.11 -11.45
CA LEU B 183 -10.73 8.25 -10.21
C LEU B 183 -11.86 7.22 -10.18
N ASP B 184 -12.13 6.68 -8.98
CA ASP B 184 -13.29 5.81 -8.81
C ASP B 184 -14.58 6.61 -8.89
N PHE B 185 -14.58 7.84 -8.36
CA PHE B 185 -15.73 8.72 -8.48
C PHE B 185 -15.31 10.16 -8.23
N VAL B 186 -16.17 11.08 -8.69
CA VAL B 186 -15.88 12.51 -8.77
C VAL B 186 -16.98 13.20 -7.97
N ASN B 187 -16.60 13.88 -6.88
CA ASN B 187 -17.58 14.53 -5.99
C ASN B 187 -17.74 15.99 -6.41
N LEU B 188 -18.85 16.31 -7.10
CA LEU B 188 -19.05 17.65 -7.66
C LEU B 188 -19.60 18.60 -6.60
N MET B 189 -18.85 19.68 -6.32
CA MET B 189 -19.20 20.63 -5.25
C MET B 189 -20.20 21.66 -5.78
N ALA B 190 -21.44 21.19 -5.97
CA ALA B 190 -22.49 21.97 -6.61
C ALA B 190 -23.25 22.85 -5.58
N TYR B 191 -22.51 23.76 -4.97
CA TYR B 191 -23.04 24.67 -3.96
C TYR B 191 -22.09 25.85 -3.88
N ASP B 192 -22.36 26.82 -2.98
CA ASP B 192 -21.57 28.07 -2.87
C ASP B 192 -21.63 28.88 -4.18
N PHE B 193 -22.74 28.76 -4.92
CA PHE B 193 -22.85 29.50 -6.18
C PHE B 193 -23.02 30.99 -5.95
N HIS B 194 -23.57 31.38 -4.80
CA HIS B 194 -23.82 32.77 -4.47
C HIS B 194 -23.57 32.93 -2.99
N GLY B 195 -23.35 34.17 -2.58
CA GLY B 195 -23.09 34.46 -1.18
C GLY B 195 -22.84 35.94 -1.02
N SER B 196 -22.57 36.31 0.22
CA SER B 196 -22.56 37.71 0.58
C SER B 196 -21.38 38.49 -0.01
N TRP B 197 -20.45 37.84 -0.72
CA TRP B 197 -19.49 38.62 -1.52
C TRP B 197 -20.18 39.38 -2.66
N GLU B 198 -21.39 39.02 -2.99
CA GLU B 198 -22.19 39.73 -3.95
C GLU B 198 -23.07 40.72 -3.20
N LYS B 199 -23.48 41.77 -3.90
CA LYS B 199 -24.22 42.83 -3.23
C LYS B 199 -25.72 42.67 -3.33
N VAL B 200 -26.20 41.48 -3.74
CA VAL B 200 -27.62 41.16 -3.83
C VAL B 200 -27.81 39.72 -3.36
N THR B 201 -29.03 39.39 -2.91
CA THR B 201 -29.32 38.02 -2.53
C THR B 201 -29.27 37.10 -3.75
N GLY B 202 -28.85 35.85 -3.47
CA GLY B 202 -28.83 34.78 -4.47
C GLY B 202 -28.72 33.47 -3.73
N HIS B 203 -29.14 32.39 -4.37
CA HIS B 203 -29.26 31.08 -3.72
C HIS B 203 -27.94 30.31 -3.74
N ASN B 204 -27.63 29.68 -2.61
CA ASN B 204 -26.47 28.81 -2.44
C ASN B 204 -26.36 27.74 -3.54
N SER B 205 -27.50 27.14 -3.95
CA SER B 205 -27.45 25.92 -4.77
C SER B 205 -28.73 25.79 -5.62
N PRO B 206 -28.93 26.70 -6.57
CA PRO B 206 -30.12 26.60 -7.43
C PRO B 206 -29.91 25.57 -8.52
N LEU B 207 -31.01 24.89 -8.93
CA LEU B 207 -30.87 23.84 -9.94
C LEU B 207 -30.69 24.40 -11.36
N TYR B 208 -31.43 25.47 -11.71
CA TYR B 208 -31.38 26.10 -13.03
C TYR B 208 -31.15 27.60 -12.85
N LYS B 209 -30.90 28.28 -13.96
CA LYS B 209 -30.76 29.73 -13.90
C LYS B 209 -32.11 30.42 -13.70
N ARG B 210 -32.05 31.68 -13.27
CA ARG B 210 -33.23 32.55 -13.30
C ARG B 210 -33.40 33.13 -14.70
N GLN B 211 -34.65 33.41 -15.07
CA GLN B 211 -34.91 33.98 -16.40
C GLN B 211 -34.06 35.23 -16.63
N GLU B 212 -33.89 36.06 -15.58
CA GLU B 212 -33.14 37.31 -15.70
C GLU B 212 -31.65 37.10 -15.96
N GLU B 213 -31.09 35.91 -15.71
CA GLU B 213 -29.65 35.74 -15.77
C GLU B 213 -29.19 35.46 -17.20
N SER B 214 -28.04 36.05 -17.57
CA SER B 214 -27.45 35.83 -18.88
C SER B 214 -25.94 35.88 -18.77
N GLY B 215 -25.27 35.46 -19.84
CA GLY B 215 -23.81 35.46 -19.83
C GLY B 215 -23.26 34.52 -18.76
N ALA B 216 -22.16 34.96 -18.12
CA ALA B 216 -21.49 34.15 -17.11
C ALA B 216 -22.44 33.79 -15.96
N ALA B 217 -23.31 34.74 -15.60
CA ALA B 217 -24.26 34.49 -14.50
C ALA B 217 -25.16 33.32 -14.81
N ALA B 218 -25.40 33.02 -16.08
CA ALA B 218 -26.28 31.91 -16.44
C ALA B 218 -25.65 30.55 -16.19
N SER B 219 -24.36 30.49 -15.81
CA SER B 219 -23.75 29.22 -15.43
C SER B 219 -23.69 28.98 -13.93
N LEU B 220 -24.20 29.91 -13.12
CA LEU B 220 -24.17 29.79 -11.65
C LEU B 220 -25.33 28.93 -11.13
N ASN B 221 -25.36 27.65 -11.54
CA ASN B 221 -26.42 26.74 -11.15
C ASN B 221 -25.97 25.29 -11.36
N VAL B 222 -26.67 24.38 -10.65
CA VAL B 222 -26.29 22.97 -10.60
C VAL B 222 -26.25 22.37 -12.01
N ASP B 223 -27.30 22.62 -12.81
CA ASP B 223 -27.41 21.99 -14.12
C ASP B 223 -26.23 22.40 -15.04
N ALA B 224 -25.81 23.66 -14.99
CA ALA B 224 -24.67 24.06 -15.81
C ALA B 224 -23.39 23.35 -15.37
N ALA B 225 -23.22 23.18 -14.05
CA ALA B 225 -22.02 22.51 -13.54
C ALA B 225 -22.00 21.04 -13.96
N VAL B 226 -23.13 20.35 -13.83
CA VAL B 226 -23.22 18.95 -14.24
C VAL B 226 -22.95 18.80 -15.74
N GLN B 227 -23.59 19.64 -16.56
CA GLN B 227 -23.36 19.56 -18.01
C GLN B 227 -21.89 19.77 -18.34
N GLN B 228 -21.22 20.71 -17.67
CA GLN B 228 -19.80 20.94 -17.93
C GLN B 228 -18.96 19.69 -17.68
N TRP B 229 -19.12 19.06 -16.52
CA TRP B 229 -18.29 17.90 -16.20
C TRP B 229 -18.60 16.72 -17.11
N LEU B 230 -19.86 16.55 -17.51
CA LEU B 230 -20.18 15.48 -18.46
C LEU B 230 -19.62 15.76 -19.85
N GLN B 231 -19.78 17.00 -20.33
CA GLN B 231 -19.34 17.35 -21.69
C GLN B 231 -17.83 17.24 -21.81
N LYS B 232 -17.11 17.46 -20.73
CA LYS B 232 -15.65 17.39 -20.76
C LYS B 232 -15.11 15.99 -20.54
N GLY B 233 -15.98 14.99 -20.40
CA GLY B 233 -15.56 13.60 -20.46
C GLY B 233 -15.72 12.81 -19.18
N THR B 234 -16.46 13.29 -18.17
CA THR B 234 -16.67 12.44 -16.99
C THR B 234 -17.76 11.42 -17.31
N PRO B 235 -17.49 10.12 -17.17
CA PRO B 235 -18.56 9.13 -17.33
C PRO B 235 -19.65 9.43 -16.32
N ALA B 236 -20.90 9.41 -16.76
CA ALA B 236 -21.98 9.84 -15.88
C ALA B 236 -22.01 9.03 -14.59
N SER B 237 -21.73 7.73 -14.70
CA SER B 237 -21.81 6.90 -13.50
C SER B 237 -20.70 7.20 -12.49
N LYS B 238 -19.67 7.94 -12.88
CA LYS B 238 -18.64 8.36 -11.94
C LYS B 238 -18.91 9.75 -11.34
N LEU B 239 -19.87 10.51 -11.88
CA LEU B 239 -20.13 11.88 -11.40
C LEU B 239 -21.16 11.81 -10.27
N ILE B 240 -20.79 12.32 -9.08
CA ILE B 240 -21.65 12.24 -7.90
C ILE B 240 -22.06 13.68 -7.56
N LEU B 241 -23.38 13.93 -7.47
CA LEU B 241 -23.90 15.30 -7.38
C LEU B 241 -23.92 15.76 -5.92
N GLY B 242 -23.07 16.76 -5.61
CA GLY B 242 -23.08 17.38 -4.28
C GLY B 242 -24.37 18.13 -3.99
N MET B 243 -24.83 18.03 -2.73
CA MET B 243 -26.03 18.67 -2.22
C MET B 243 -25.74 19.22 -0.83
N PRO B 244 -26.20 20.42 -0.53
CA PRO B 244 -25.85 21.03 0.76
C PRO B 244 -26.94 20.91 1.84
N THR B 245 -26.55 20.52 3.05
CA THR B 245 -27.46 20.59 4.20
C THR B 245 -27.28 21.89 4.99
N TYR B 246 -26.88 22.95 4.30
CA TYR B 246 -26.70 24.28 4.85
C TYR B 246 -27.19 25.28 3.81
N GLY B 247 -27.37 26.54 4.26
CA GLY B 247 -27.74 27.62 3.37
C GLY B 247 -26.77 28.78 3.50
N ARG B 248 -26.95 29.76 2.62
CA ARG B 248 -26.14 30.99 2.67
C ARG B 248 -27.01 32.20 2.93
N SER B 249 -26.61 33.02 3.90
CA SER B 249 -27.47 34.07 4.41
C SER B 249 -26.92 35.46 4.10
N PHE B 250 -27.83 36.44 4.16
CA PHE B 250 -27.54 37.83 3.81
C PHE B 250 -28.28 38.73 4.78
N THR B 251 -27.69 39.90 5.05
CA THR B 251 -28.41 41.02 5.64
C THR B 251 -28.95 41.86 4.49
N LEU B 252 -30.28 42.02 4.45
CA LEU B 252 -30.94 42.85 3.44
C LEU B 252 -30.70 44.33 3.71
N ALA B 253 -30.57 45.10 2.61
CA ALA B 253 -30.54 46.55 2.74
C ALA B 253 -31.84 47.10 3.30
N SER B 254 -32.97 46.45 2.99
CA SER B 254 -34.26 46.88 3.52
C SER B 254 -35.17 45.67 3.70
N SER B 255 -35.82 45.58 4.87
CA SER B 255 -36.76 44.51 5.15
C SER B 255 -37.99 44.54 4.25
N SER B 256 -38.21 45.61 3.49
CA SER B 256 -39.33 45.65 2.56
C SER B 256 -38.96 45.16 1.15
N ASP B 257 -37.71 44.81 0.90
CA ASP B 257 -37.34 44.24 -0.39
C ASP B 257 -36.68 42.88 -0.14
N THR B 258 -37.44 41.81 -0.36
CA THR B 258 -37.02 40.46 0.02
C THR B 258 -36.89 39.51 -1.16
N ARG B 259 -36.97 40.00 -2.40
CA ARG B 259 -36.89 39.14 -3.57
C ARG B 259 -35.50 38.50 -3.69
N VAL B 260 -35.42 37.44 -4.50
CA VAL B 260 -34.09 37.01 -4.95
C VAL B 260 -33.57 38.11 -5.87
N GLY B 261 -32.31 38.53 -5.64
CA GLY B 261 -31.77 39.67 -6.34
C GLY B 261 -31.92 41.00 -5.62
N ALA B 262 -32.54 41.01 -4.43
CA ALA B 262 -32.71 42.26 -3.71
C ALA B 262 -31.36 42.74 -3.14
N PRO B 263 -31.20 44.03 -2.91
CA PRO B 263 -29.91 44.54 -2.39
C PRO B 263 -29.61 44.00 -1.00
N ALA B 264 -28.34 43.69 -0.79
CA ALA B 264 -27.87 43.15 0.48
C ALA B 264 -26.68 43.98 0.95
N THR B 265 -26.54 44.13 2.27
CA THR B 265 -25.44 44.93 2.82
C THR B 265 -24.28 44.08 3.31
N GLY B 266 -24.44 42.76 3.39
CA GLY B 266 -23.37 41.89 3.83
C GLY B 266 -23.94 40.54 4.22
N SER B 267 -23.11 39.77 4.93
CA SER B 267 -23.52 38.44 5.36
C SER B 267 -24.66 38.53 6.39
N GLY B 268 -25.42 37.44 6.47
CA GLY B 268 -26.42 37.31 7.51
C GLY B 268 -25.81 37.09 8.89
N THR B 269 -26.62 37.37 9.92
CA THR B 269 -26.21 37.16 11.31
C THR B 269 -25.70 35.73 11.50
N PRO B 270 -24.61 35.52 12.24
CA PRO B 270 -24.13 34.16 12.51
C PRO B 270 -25.20 33.34 13.25
N GLY B 271 -25.22 32.04 12.97
CA GLY B 271 -26.14 31.11 13.61
C GLY B 271 -25.76 30.86 15.06
N PRO B 272 -26.74 30.45 15.88
CA PRO B 272 -26.46 30.26 17.31
C PRO B 272 -25.53 29.10 17.62
N PHE B 273 -25.40 28.13 16.72
CA PHE B 273 -24.51 26.99 16.92
C PHE B 273 -23.32 27.00 16.01
N THR B 274 -23.49 27.38 14.73
CA THR B 274 -22.37 27.32 13.79
C THR B 274 -21.51 28.59 13.80
N LYS B 275 -22.07 29.71 14.25
CA LYS B 275 -21.27 30.89 14.61
C LYS B 275 -20.36 31.37 13.48
N GLU B 276 -20.90 31.42 12.24
CA GLU B 276 -20.11 31.86 11.08
C GLU B 276 -21.01 32.69 10.17
N GLY B 277 -20.83 34.02 10.20
CA GLY B 277 -21.65 34.91 9.39
C GLY B 277 -21.68 34.50 7.92
N GLY B 278 -22.88 34.51 7.32
CA GLY B 278 -23.07 34.12 5.92
C GLY B 278 -23.48 32.68 5.69
N MET B 279 -23.44 31.80 6.72
CA MET B 279 -23.81 30.40 6.58
C MET B 279 -24.74 30.03 7.74
N LEU B 280 -25.65 29.08 7.48
CA LEU B 280 -26.50 28.50 8.52
C LEU B 280 -26.70 27.02 8.23
N ALA B 281 -26.66 26.19 9.28
CA ALA B 281 -27.02 24.77 9.13
C ALA B 281 -28.52 24.65 8.83
N TYR B 282 -28.92 23.55 8.18
CA TYR B 282 -30.37 23.31 7.98
C TYR B 282 -31.12 23.41 9.31
N TYR B 283 -30.58 22.83 10.38
CA TYR B 283 -31.26 22.87 11.68
C TYR B 283 -31.35 24.28 12.26
N GLU B 284 -30.55 25.25 11.79
CA GLU B 284 -30.68 26.64 12.23
C GLU B 284 -31.74 27.40 11.45
N VAL B 285 -32.13 26.92 10.29
CA VAL B 285 -33.10 27.60 9.43
C VAL B 285 -34.48 26.99 9.63
N CYS B 286 -34.53 25.69 9.89
CA CYS B 286 -35.77 24.96 9.61
C CYS B 286 -36.86 25.28 10.62
N SER B 287 -36.52 25.91 11.75
CA SER B 287 -37.53 26.17 12.77
C SER B 287 -37.68 27.66 13.10
N TRP B 288 -37.19 28.57 12.23
CA TRP B 288 -37.33 30.02 12.45
C TRP B 288 -38.79 30.35 12.71
N LYS B 289 -39.05 31.07 13.79
CA LYS B 289 -40.38 31.56 14.10
C LYS B 289 -40.60 32.93 13.48
N GLY B 290 -41.82 33.17 12.99
CA GLY B 290 -42.17 34.48 12.49
C GLY B 290 -41.59 34.81 11.13
N ALA B 291 -41.15 33.82 10.38
CA ALA B 291 -40.48 34.05 9.11
C ALA B 291 -41.42 33.68 7.97
N THR B 292 -40.99 34.01 6.76
CA THR B 292 -41.76 33.74 5.56
C THR B 292 -40.91 32.92 4.61
N LYS B 293 -41.45 31.77 4.17
CA LYS B 293 -40.76 30.89 3.23
C LYS B 293 -41.36 31.06 1.84
N GLN B 294 -40.50 31.09 0.81
CA GLN B 294 -40.94 31.18 -0.57
C GLN B 294 -40.06 30.25 -1.40
N ARG B 295 -40.54 29.86 -2.58
CA ARG B 295 -39.74 29.10 -3.53
C ARG B 295 -39.38 29.97 -4.72
N ILE B 296 -38.19 29.78 -5.26
CA ILE B 296 -37.78 30.44 -6.50
C ILE B 296 -38.23 29.54 -7.63
N GLN B 297 -39.28 29.95 -8.37
CA GLN B 297 -39.93 29.04 -9.31
C GLN B 297 -38.97 28.54 -10.37
N ASP B 298 -38.18 29.44 -10.96
CA ASP B 298 -37.24 29.04 -12.01
C ASP B 298 -36.18 28.06 -11.49
N GLN B 299 -35.79 28.18 -10.21
CA GLN B 299 -34.60 27.50 -9.70
C GLN B 299 -34.89 26.28 -8.83
N LYS B 300 -36.16 26.06 -8.45
N LYS B 300 -36.16 26.07 -8.45
CA LYS B 300 -36.63 24.85 -7.77
CA LYS B 300 -36.63 24.87 -7.77
C LYS B 300 -36.14 24.72 -6.33
C LYS B 300 -36.05 24.71 -6.37
N VAL B 301 -35.81 25.84 -5.69
CA VAL B 301 -35.24 25.82 -4.34
C VAL B 301 -35.87 26.94 -3.52
N PRO B 302 -35.91 26.77 -2.18
CA PRO B 302 -36.53 27.77 -1.31
C PRO B 302 -35.59 28.83 -0.73
N TYR B 303 -36.20 29.93 -0.27
CA TYR B 303 -35.54 30.84 0.65
C TYR B 303 -36.52 31.23 1.74
N ILE B 304 -35.98 31.81 2.80
CA ILE B 304 -36.78 32.26 3.93
C ILE B 304 -36.24 33.61 4.38
N PHE B 305 -37.14 34.47 4.88
CA PHE B 305 -36.71 35.78 5.36
C PHE B 305 -37.49 36.15 6.61
N ARG B 306 -36.85 36.98 7.42
CA ARG B 306 -37.47 37.52 8.63
C ARG B 306 -36.77 38.84 8.93
N ASP B 307 -37.55 39.92 9.00
CA ASP B 307 -36.99 41.25 9.20
C ASP B 307 -35.92 41.49 8.13
N ASN B 308 -34.67 41.79 8.51
CA ASN B 308 -33.66 42.09 7.49
C ASN B 308 -32.75 40.90 7.19
N GLN B 309 -33.16 39.69 7.54
CA GLN B 309 -32.37 38.49 7.34
C GLN B 309 -32.98 37.61 6.24
N TRP B 310 -32.14 37.13 5.31
CA TRP B 310 -32.58 36.32 4.16
C TRP B 310 -31.63 35.13 3.99
N VAL B 311 -32.16 33.91 3.84
N VAL B 311 -32.18 33.94 3.79
CA VAL B 311 -31.28 32.76 3.64
CA VAL B 311 -31.37 32.72 3.66
C VAL B 311 -31.85 31.82 2.58
C VAL B 311 -31.89 31.89 2.51
N GLY B 312 -30.99 31.48 1.61
CA GLY B 312 -31.30 30.47 0.60
C GLY B 312 -30.73 29.14 1.07
N PHE B 313 -31.59 28.10 1.08
CA PHE B 313 -31.24 26.79 1.62
C PHE B 313 -31.93 25.69 0.81
N ASP B 314 -31.66 24.44 1.15
CA ASP B 314 -32.29 23.27 0.53
C ASP B 314 -33.18 22.58 1.55
N ASP B 315 -34.34 22.12 1.08
CA ASP B 315 -35.31 21.41 1.92
C ASP B 315 -35.58 20.01 1.38
N VAL B 316 -36.48 19.28 2.04
CA VAL B 316 -36.82 17.94 1.55
C VAL B 316 -37.27 17.99 0.09
N GLU B 317 -38.15 18.94 -0.25
CA GLU B 317 -38.67 19.04 -1.62
C GLU B 317 -37.54 19.29 -2.63
N SER B 318 -36.58 20.17 -2.31
CA SER B 318 -35.55 20.46 -3.30
C SER B 318 -34.55 19.31 -3.43
N PHE B 319 -34.31 18.58 -2.34
CA PHE B 319 -33.51 17.35 -2.46
C PHE B 319 -34.20 16.34 -3.37
N LYS B 320 -35.52 16.17 -3.25
CA LYS B 320 -36.23 15.23 -4.11
C LYS B 320 -36.14 15.65 -5.57
N THR B 321 -36.24 16.96 -5.83
CA THR B 321 -36.13 17.45 -7.21
C THR B 321 -34.74 17.19 -7.76
N LYS B 322 -33.70 17.43 -6.95
CA LYS B 322 -32.33 17.17 -7.42
C LYS B 322 -32.07 15.67 -7.65
N VAL B 323 -32.68 14.79 -6.86
CA VAL B 323 -32.51 13.36 -7.10
C VAL B 323 -33.18 12.98 -8.42
N SER B 324 -34.39 13.49 -8.68
CA SER B 324 -35.02 13.24 -9.98
C SER B 324 -34.13 13.71 -11.11
N TYR B 325 -33.54 14.90 -10.96
CA TYR B 325 -32.60 15.45 -11.95
C TYR B 325 -31.41 14.52 -12.16
N LEU B 326 -30.71 14.12 -11.08
CA LEU B 326 -29.51 13.32 -11.29
C LEU B 326 -29.84 11.99 -11.97
N LYS B 327 -31.00 11.40 -11.67
CA LYS B 327 -31.42 10.19 -12.38
C LYS B 327 -31.60 10.42 -13.88
N GLN B 328 -32.17 11.57 -14.26
CA GLN B 328 -32.29 11.89 -15.68
C GLN B 328 -30.93 11.96 -16.36
N LYS B 329 -29.93 12.49 -15.66
CA LYS B 329 -28.60 12.61 -16.23
C LYS B 329 -27.79 11.32 -16.13
N GLY B 330 -28.34 10.27 -15.49
CA GLY B 330 -27.59 9.04 -15.33
C GLY B 330 -26.45 9.09 -14.34
N LEU B 331 -26.50 10.01 -13.37
CA LEU B 331 -25.34 10.18 -12.50
C LEU B 331 -25.22 9.02 -11.52
N GLY B 332 -24.04 8.89 -10.92
CA GLY B 332 -23.72 7.76 -10.06
C GLY B 332 -24.28 7.84 -8.66
N GLY B 333 -24.84 9.00 -8.26
CA GLY B 333 -25.45 9.16 -6.94
C GLY B 333 -25.35 10.61 -6.47
N ALA B 334 -25.47 10.79 -5.15
CA ALA B 334 -25.44 12.08 -4.50
C ALA B 334 -24.33 12.12 -3.46
N MET B 335 -23.81 13.32 -3.23
CA MET B 335 -22.79 13.58 -2.23
C MET B 335 -23.35 14.69 -1.34
N VAL B 336 -23.05 14.67 -0.05
N VAL B 336 -22.99 14.67 -0.05
CA VAL B 336 -23.68 15.67 0.81
CA VAL B 336 -23.61 15.57 0.92
C VAL B 336 -22.68 16.29 1.77
C VAL B 336 -22.55 16.29 1.75
N TRP B 337 -22.64 17.62 1.78
CA TRP B 337 -21.89 18.42 2.77
C TRP B 337 -22.96 19.08 3.65
N ALA B 338 -23.13 18.64 4.92
CA ALA B 338 -22.34 17.62 5.66
C ALA B 338 -23.26 16.98 6.70
N LEU B 339 -22.83 15.85 7.25
CA LEU B 339 -23.68 15.10 8.18
C LEU B 339 -24.11 15.96 9.38
N ASP B 340 -23.20 16.75 9.93
CA ASP B 340 -23.44 17.50 11.16
C ASP B 340 -24.25 18.77 10.94
N LEU B 341 -24.60 19.09 9.69
CA LEU B 341 -25.43 20.26 9.37
C LEU B 341 -26.89 19.91 9.09
N ASP B 342 -27.19 18.66 8.75
CA ASP B 342 -28.56 18.14 8.78
C ASP B 342 -29.02 18.09 10.24
N ASP B 343 -30.34 17.96 10.44
CA ASP B 343 -30.85 17.76 11.81
C ASP B 343 -30.59 16.31 12.22
N PHE B 344 -29.33 16.04 12.58
CA PHE B 344 -28.86 14.66 12.69
C PHE B 344 -29.51 13.92 13.85
N ALA B 345 -29.97 14.61 14.90
CA ALA B 345 -30.62 13.93 16.02
C ALA B 345 -32.08 14.33 16.19
N GLY B 346 -32.69 14.97 15.19
CA GLY B 346 -34.08 15.36 15.28
C GLY B 346 -34.38 16.36 16.38
N PHE B 347 -33.41 17.22 16.70
CA PHE B 347 -33.52 18.13 17.86
C PHE B 347 -34.08 19.49 17.53
N SER B 348 -34.31 19.80 16.24
CA SER B 348 -34.75 21.15 15.86
C SER B 348 -35.98 21.18 14.97
N CYS B 349 -36.03 20.32 13.94
CA CYS B 349 -36.99 20.50 12.86
C CYS B 349 -38.28 19.70 13.03
N ASN B 350 -38.38 18.85 14.06
CA ASN B 350 -39.57 18.01 14.25
C ASN B 350 -39.84 17.15 13.01
N GLN B 351 -38.76 16.67 12.39
CA GLN B 351 -38.83 15.82 11.22
C GLN B 351 -38.09 14.50 11.44
N GLY B 352 -37.67 14.20 12.68
CA GLY B 352 -36.93 12.97 12.93
C GLY B 352 -35.44 13.13 12.62
N ARG B 353 -34.69 12.03 12.74
CA ARG B 353 -33.25 12.03 12.47
C ARG B 353 -32.97 12.22 10.99
N TYR B 354 -31.97 13.06 10.67
CA TYR B 354 -31.45 13.21 9.30
C TYR B 354 -32.56 13.40 8.24
N PRO B 355 -33.44 14.39 8.42
CA PRO B 355 -34.53 14.55 7.44
C PRO B 355 -34.04 14.74 6.00
N LEU B 356 -33.02 15.57 5.80
CA LEU B 356 -32.50 15.75 4.44
C LEU B 356 -31.78 14.50 3.92
N ILE B 357 -30.84 13.95 4.69
CA ILE B 357 -30.06 12.84 4.11
C ILE B 357 -30.89 11.55 4.00
N GLN B 358 -31.84 11.32 4.94
CA GLN B 358 -32.72 10.17 4.80
C GLN B 358 -33.59 10.30 3.56
N THR B 359 -33.96 11.53 3.18
CA THR B 359 -34.66 11.72 1.91
C THR B 359 -33.82 11.23 0.75
N LEU B 360 -32.50 11.53 0.74
CA LEU B 360 -31.67 11.01 -0.33
C LEU B 360 -31.61 9.47 -0.33
N ARG B 361 -31.46 8.89 0.86
N ARG B 361 -31.43 8.85 0.84
CA ARG B 361 -31.41 7.43 0.97
CA ARG B 361 -31.40 7.39 0.87
C ARG B 361 -32.66 6.80 0.38
C ARG B 361 -32.68 6.80 0.30
N GLN B 362 -33.83 7.37 0.65
CA GLN B 362 -35.07 6.77 0.18
C GLN B 362 -35.36 7.04 -1.29
N GLU B 363 -34.93 8.18 -1.82
CA GLU B 363 -35.24 8.53 -3.19
C GLU B 363 -34.22 8.01 -4.17
N LEU B 364 -32.99 7.74 -3.73
CA LEU B 364 -31.96 7.25 -4.66
C LEU B 364 -32.29 5.85 -5.18
N SER B 365 -32.98 5.04 -4.39
CA SER B 365 -33.10 3.64 -4.74
C SER B 365 -34.37 3.09 -4.16
N ALA C 1 -26.11 0.82 -17.31
CA ALA C 1 -25.90 -0.62 -17.53
C ALA C 1 -25.15 -0.91 -18.82
N LYS C 2 -24.42 -2.02 -18.83
CA LYS C 2 -23.68 -2.45 -20.01
C LYS C 2 -24.54 -3.41 -20.81
N LEU C 3 -24.36 -3.39 -22.14
CA LEU C 3 -24.89 -4.44 -23.02
C LEU C 3 -23.71 -4.89 -23.89
N VAL C 4 -23.15 -6.04 -23.53
CA VAL C 4 -21.88 -6.54 -24.09
C VAL C 4 -22.21 -7.61 -25.11
N CYS C 5 -21.86 -7.42 -26.39
CA CYS C 5 -22.32 -8.32 -27.46
C CYS C 5 -21.14 -8.92 -28.21
N TYR C 6 -21.15 -10.24 -28.43
CA TYR C 6 -20.05 -10.93 -29.09
C TYR C 6 -20.31 -11.05 -30.59
N PHE C 7 -19.30 -10.71 -31.40
CA PHE C 7 -19.23 -10.94 -32.84
C PHE C 7 -18.33 -12.17 -33.03
N THR C 8 -18.62 -13.00 -34.05
CA THR C 8 -17.76 -14.17 -34.31
C THR C 8 -17.20 -14.11 -35.72
N ASN C 9 -15.90 -14.40 -35.86
CA ASN C 9 -15.24 -14.22 -37.16
C ASN C 9 -15.38 -15.42 -38.10
N TRP C 10 -16.20 -16.42 -37.72
CA TRP C 10 -16.55 -17.49 -38.64
C TRP C 10 -17.98 -17.39 -39.15
N ALA C 11 -18.81 -16.46 -38.61
CA ALA C 11 -20.18 -16.31 -39.12
C ALA C 11 -20.21 -15.78 -40.56
N GLN C 12 -19.08 -15.22 -41.05
CA GLN C 12 -18.97 -14.76 -42.44
C GLN C 12 -19.07 -15.92 -43.43
N TYR C 13 -19.02 -17.16 -42.95
CA TYR C 13 -19.09 -18.31 -43.81
C TYR C 13 -20.45 -19.00 -43.80
N ARG C 14 -21.43 -18.49 -43.05
CA ARG C 14 -22.76 -19.12 -43.05
C ARG C 14 -23.47 -18.91 -44.39
N GLN C 15 -24.31 -19.88 -44.74
CA GLN C 15 -24.97 -19.90 -46.04
C GLN C 15 -26.09 -18.84 -46.12
N GLY C 16 -26.29 -18.29 -47.32
CA GLY C 16 -27.48 -17.48 -47.57
C GLY C 16 -27.61 -16.24 -46.68
N GLU C 17 -28.85 -15.96 -46.27
CA GLU C 17 -29.11 -14.76 -45.48
C GLU C 17 -28.53 -14.83 -44.08
N ALA C 18 -28.04 -16.00 -43.64
CA ALA C 18 -27.36 -16.15 -42.33
C ALA C 18 -25.92 -15.64 -42.32
N ARG C 19 -25.32 -15.37 -43.48
CA ARG C 19 -23.96 -14.84 -43.51
C ARG C 19 -23.85 -13.50 -42.76
N PHE C 20 -22.83 -13.40 -41.89
CA PHE C 20 -22.67 -12.22 -41.02
C PHE C 20 -21.27 -11.62 -41.14
N LEU C 21 -21.19 -10.34 -41.51
CA LEU C 21 -19.95 -9.59 -41.62
C LEU C 21 -20.08 -8.32 -40.78
N PRO C 22 -18.99 -7.56 -40.58
CA PRO C 22 -19.15 -6.32 -39.78
C PRO C 22 -20.22 -5.35 -40.30
N LYS C 23 -20.52 -5.34 -41.62
CA LYS C 23 -21.58 -4.47 -42.15
C LYS C 23 -22.96 -4.77 -41.55
N ASP C 24 -23.14 -5.96 -40.99
CA ASP C 24 -24.39 -6.38 -40.38
C ASP C 24 -24.49 -5.97 -38.92
N LEU C 25 -23.45 -5.37 -38.37
CA LEU C 25 -23.49 -4.86 -36.99
C LEU C 25 -24.28 -3.56 -36.92
N ASP C 26 -25.04 -3.38 -35.86
CA ASP C 26 -25.72 -2.10 -35.59
C ASP C 26 -24.85 -1.34 -34.59
N PRO C 27 -24.32 -0.16 -34.98
CA PRO C 27 -23.33 0.53 -34.13
C PRO C 27 -23.82 0.99 -32.77
N SER C 28 -25.13 1.17 -32.56
CA SER C 28 -25.61 1.65 -31.27
C SER C 28 -26.44 0.60 -30.51
N LEU C 29 -26.56 -0.61 -31.07
CA LEU C 29 -27.33 -1.67 -30.41
C LEU C 29 -26.74 -2.01 -29.03
N CYS C 30 -25.42 -2.16 -28.93
CA CYS C 30 -24.73 -2.55 -27.71
C CYS C 30 -23.80 -1.45 -27.26
N THR C 31 -23.41 -1.50 -25.97
CA THR C 31 -22.44 -0.55 -25.45
C THR C 31 -21.00 -1.02 -25.67
N HIS C 32 -20.79 -2.33 -25.72
CA HIS C 32 -19.48 -2.96 -25.87
C HIS C 32 -19.63 -4.08 -26.89
N LEU C 33 -18.71 -4.13 -27.85
CA LEU C 33 -18.66 -5.22 -28.83
C LEU C 33 -17.35 -5.96 -28.64
N ILE C 34 -17.43 -7.29 -28.54
CA ILE C 34 -16.27 -8.14 -28.33
C ILE C 34 -16.09 -9.06 -29.54
N TYR C 35 -14.88 -9.07 -30.10
CA TYR C 35 -14.54 -9.78 -31.33
C TYR C 35 -13.98 -11.16 -30.96
N ALA C 36 -14.70 -12.24 -31.30
CA ALA C 36 -14.26 -13.63 -31.04
C ALA C 36 -13.80 -14.28 -32.35
N PHE C 37 -12.63 -14.94 -32.39
CA PHE C 37 -11.58 -14.99 -31.35
C PHE C 37 -10.21 -14.72 -32.02
N ALA C 38 -9.28 -14.17 -31.24
CA ALA C 38 -7.86 -14.17 -31.55
C ALA C 38 -7.21 -15.43 -30.99
N GLY C 39 -6.01 -15.71 -31.49
CA GLY C 39 -5.22 -16.85 -31.04
C GLY C 39 -3.88 -16.42 -30.46
N MET C 40 -2.93 -17.34 -30.44
CA MET C 40 -1.64 -17.07 -29.83
C MET C 40 -0.56 -17.80 -30.62
N THR C 41 0.53 -17.09 -30.92
CA THR C 41 1.68 -17.63 -31.68
C THR C 41 2.94 -17.19 -30.96
N ASN C 42 3.75 -18.14 -30.52
CA ASN C 42 5.00 -17.83 -29.80
C ASN C 42 4.74 -16.87 -28.64
N HIS C 43 3.65 -17.13 -27.90
CA HIS C 43 3.22 -16.36 -26.71
C HIS C 43 2.74 -14.96 -27.05
N GLN C 44 2.39 -14.67 -28.32
CA GLN C 44 1.90 -13.36 -28.74
C GLN C 44 0.49 -13.45 -29.30
N LEU C 45 -0.29 -12.39 -29.08
CA LEU C 45 -1.62 -12.28 -29.65
C LEU C 45 -1.55 -12.37 -31.18
N SER C 46 -2.46 -13.17 -31.80
CA SER C 46 -2.38 -13.39 -33.23
CA SER C 46 -2.36 -13.43 -33.23
C SER C 46 -3.77 -13.57 -33.84
N THR C 47 -3.85 -13.33 -35.16
CA THR C 47 -5.09 -13.50 -35.91
C THR C 47 -5.39 -14.98 -36.12
N THR C 48 -6.66 -15.26 -36.44
CA THR C 48 -7.10 -16.62 -36.76
C THR C 48 -7.78 -16.79 -38.12
N GLU C 49 -8.24 -15.71 -38.76
CA GLU C 49 -8.82 -15.78 -40.09
C GLU C 49 -8.03 -14.89 -41.05
N TRP C 50 -8.02 -15.30 -42.35
CA TRP C 50 -7.27 -14.63 -43.40
C TRP C 50 -7.56 -13.14 -43.47
N ASN C 51 -8.79 -12.71 -43.14
CA ASN C 51 -9.20 -11.32 -43.31
C ASN C 51 -9.37 -10.59 -41.99
N ASP C 52 -8.85 -11.15 -40.88
CA ASP C 52 -9.01 -10.48 -39.58
C ASP C 52 -8.50 -9.03 -39.60
N GLU C 53 -7.36 -8.75 -40.27
CA GLU C 53 -6.89 -7.37 -40.22
C GLU C 53 -7.91 -6.42 -40.86
N THR C 54 -8.54 -6.85 -41.95
CA THR C 54 -9.58 -6.05 -42.59
C THR C 54 -10.83 -5.97 -41.73
N LEU C 55 -11.27 -7.09 -41.19
CA LEU C 55 -12.47 -7.08 -40.34
C LEU C 55 -12.25 -6.27 -39.06
N TYR C 56 -11.05 -6.36 -38.46
CA TYR C 56 -10.75 -5.51 -37.30
C TYR C 56 -10.95 -4.03 -37.63
N GLN C 57 -10.50 -3.61 -38.81
CA GLN C 57 -10.61 -2.21 -39.16
C GLN C 57 -12.06 -1.80 -39.41
N GLU C 58 -12.87 -2.69 -39.99
CA GLU C 58 -14.29 -2.41 -40.14
C GLU C 58 -15.00 -2.35 -38.78
N PHE C 59 -14.71 -3.34 -37.93
CA PHE C 59 -15.30 -3.45 -36.59
C PHE C 59 -14.97 -2.21 -35.76
N ASN C 60 -13.68 -1.87 -35.64
CA ASN C 60 -13.36 -0.67 -34.88
C ASN C 60 -13.74 0.62 -35.60
N GLY C 61 -13.89 0.57 -36.94
CA GLY C 61 -14.38 1.71 -37.70
C GLY C 61 -15.79 2.12 -37.34
N LEU C 62 -16.58 1.21 -36.73
CA LEU C 62 -17.91 1.61 -36.26
C LEU C 62 -17.81 2.79 -35.30
N LYS C 63 -16.66 2.94 -34.60
CA LYS C 63 -16.53 4.05 -33.66
C LYS C 63 -16.45 5.41 -34.37
N LYS C 64 -16.21 5.43 -35.68
CA LYS C 64 -16.33 6.68 -36.42
C LYS C 64 -17.77 7.18 -36.44
N MET C 65 -18.76 6.26 -36.39
CA MET C 65 -20.16 6.65 -36.34
C MET C 65 -20.70 6.78 -34.92
N ASN C 66 -20.13 6.04 -33.98
CA ASN C 66 -20.57 6.08 -32.58
C ASN C 66 -19.33 6.03 -31.70
N PRO C 67 -18.73 7.18 -31.42
CA PRO C 67 -17.46 7.20 -30.66
C PRO C 67 -17.61 6.77 -29.22
N LYS C 68 -18.86 6.58 -28.75
CA LYS C 68 -19.05 6.12 -27.38
C LYS C 68 -18.97 4.61 -27.26
N LEU C 69 -19.06 3.90 -28.38
CA LEU C 69 -18.95 2.45 -28.39
C LEU C 69 -17.54 2.03 -27.95
N LYS C 70 -17.46 0.95 -27.18
CA LYS C 70 -16.18 0.38 -26.77
C LYS C 70 -16.03 -0.99 -27.41
N THR C 71 -14.85 -1.30 -27.93
CA THR C 71 -14.56 -2.60 -28.54
C THR C 71 -13.45 -3.35 -27.79
N LEU C 72 -13.57 -4.67 -27.76
CA LEU C 72 -12.54 -5.54 -27.18
C LEU C 72 -12.29 -6.71 -28.11
N LEU C 73 -11.09 -7.28 -28.02
CA LEU C 73 -10.73 -8.50 -28.75
C LEU C 73 -10.65 -9.65 -27.75
N ALA C 74 -11.36 -10.76 -28.03
CA ALA C 74 -11.38 -11.92 -27.14
C ALA C 74 -10.33 -12.94 -27.59
N ILE C 75 -9.51 -13.45 -26.67
CA ILE C 75 -8.50 -14.46 -26.99
C ILE C 75 -8.92 -15.82 -26.43
N GLY C 76 -8.82 -16.85 -27.27
CA GLY C 76 -9.05 -18.23 -26.84
C GLY C 76 -10.29 -18.89 -27.40
N GLY C 77 -11.24 -19.25 -26.52
CA GLY C 77 -12.46 -19.94 -26.93
C GLY C 77 -12.41 -21.44 -26.69
N TRP C 78 -13.48 -22.11 -27.15
CA TRP C 78 -13.66 -23.52 -26.80
C TRP C 78 -12.95 -24.49 -27.74
N ASN C 79 -12.47 -24.05 -28.89
CA ASN C 79 -11.64 -24.93 -29.69
C ASN C 79 -10.17 -24.79 -29.39
N PHE C 80 -9.78 -23.79 -28.59
CA PHE C 80 -8.40 -23.34 -28.52
C PHE C 80 -7.52 -24.26 -27.67
N GLY C 81 -8.09 -24.90 -26.65
CA GLY C 81 -7.29 -25.69 -25.70
C GLY C 81 -6.78 -24.84 -24.55
N THR C 82 -5.88 -25.46 -23.77
CA THR C 82 -5.25 -24.81 -22.62
C THR C 82 -3.73 -24.69 -22.71
N GLN C 83 -3.02 -25.55 -23.48
CA GLN C 83 -1.56 -25.58 -23.34
C GLN C 83 -0.88 -24.27 -23.75
N LYS C 84 -1.42 -23.55 -24.75
CA LYS C 84 -0.80 -22.26 -25.11
C LYS C 84 -0.91 -21.25 -23.98
N PHE C 85 -2.05 -21.24 -23.27
CA PHE C 85 -2.15 -20.40 -22.08
C PHE C 85 -1.18 -20.87 -21.00
N THR C 86 -1.19 -22.18 -20.70
CA THR C 86 -0.31 -22.74 -19.67
C THR C 86 1.16 -22.39 -19.95
N ASP C 87 1.59 -22.56 -21.21
CA ASP C 87 2.98 -22.24 -21.56
C ASP C 87 3.28 -20.77 -21.36
N MET C 88 2.33 -19.89 -21.74
CA MET C 88 2.57 -18.46 -21.68
C MET C 88 2.63 -17.96 -20.24
N VAL C 89 1.81 -18.51 -19.33
CA VAL C 89 1.79 -18.02 -17.95
C VAL C 89 2.87 -18.65 -17.07
N ALA C 90 3.56 -19.70 -17.55
CA ALA C 90 4.50 -20.46 -16.72
C ALA C 90 5.77 -19.67 -16.39
N THR C 91 6.12 -18.64 -17.16
CA THR C 91 7.31 -17.86 -16.86
C THR C 91 6.98 -16.39 -16.95
N ALA C 92 7.62 -15.59 -16.09
CA ALA C 92 7.40 -14.14 -16.13
C ALA C 92 7.81 -13.57 -17.48
N ASN C 93 8.89 -14.08 -18.07
CA ASN C 93 9.33 -13.57 -19.37
C ASN C 93 8.27 -13.81 -20.45
N ASN C 94 7.64 -15.00 -20.46
CA ASN C 94 6.59 -15.24 -21.45
C ASN C 94 5.35 -14.40 -21.20
N ARG C 95 5.00 -14.18 -19.92
CA ARG C 95 3.89 -13.26 -19.63
C ARG C 95 4.21 -11.86 -20.14
N GLN C 96 5.46 -11.40 -19.97
CA GLN C 96 5.80 -10.06 -20.46
C GLN C 96 5.72 -10.00 -21.98
N THR C 97 6.20 -11.04 -22.66
CA THR C 97 6.07 -11.07 -24.11
C THR C 97 4.60 -10.95 -24.53
N PHE C 98 3.71 -11.70 -23.87
CA PHE C 98 2.30 -11.65 -24.22
C PHE C 98 1.71 -10.27 -23.94
N VAL C 99 1.94 -9.73 -22.74
CA VAL C 99 1.38 -8.44 -22.36
C VAL C 99 1.85 -7.35 -23.33
N ASN C 100 3.17 -7.31 -23.63
CA ASN C 100 3.67 -6.26 -24.52
C ASN C 100 3.11 -6.43 -25.93
N SER C 101 2.99 -7.69 -26.39
CA SER C 101 2.42 -7.94 -27.72
C SER C 101 0.96 -7.52 -27.78
N ALA C 102 0.23 -7.67 -26.65
CA ALA C 102 -1.18 -7.31 -26.63
C ALA C 102 -1.37 -5.80 -26.73
N ILE C 103 -0.58 -5.03 -25.97
CA ILE C 103 -0.63 -3.58 -26.09
C ILE C 103 -0.36 -3.12 -27.52
N ARG C 104 0.70 -3.65 -28.15
CA ARG C 104 1.03 -3.24 -29.52
C ARG C 104 -0.10 -3.58 -30.49
N PHE C 105 -0.63 -4.80 -30.36
CA PHE C 105 -1.64 -5.32 -31.30
C PHE C 105 -2.96 -4.58 -31.11
N LEU C 106 -3.40 -4.40 -29.86
CA LEU C 106 -4.67 -3.69 -29.66
C LEU C 106 -4.58 -2.23 -30.15
N ARG C 107 -3.45 -1.55 -29.88
CA ARG C 107 -3.34 -0.15 -30.33
C ARG C 107 -3.27 -0.08 -31.85
N LYS C 108 -2.57 -1.05 -32.48
CA LYS C 108 -2.42 -1.05 -33.94
C LYS C 108 -3.79 -1.06 -34.63
N TYR C 109 -4.73 -1.89 -34.13
CA TYR C 109 -6.00 -2.08 -34.80
C TYR C 109 -7.12 -1.22 -34.21
N SER C 110 -6.83 -0.42 -33.19
CA SER C 110 -7.83 0.47 -32.53
C SER C 110 -8.89 -0.30 -31.71
N PHE C 111 -8.48 -1.39 -31.04
CA PHE C 111 -9.35 -1.99 -30.02
C PHE C 111 -9.21 -1.23 -28.69
N ASP C 112 -10.29 -1.24 -27.89
CA ASP C 112 -10.28 -0.58 -26.57
C ASP C 112 -9.94 -1.53 -25.41
N GLY C 113 -9.73 -2.81 -25.67
CA GLY C 113 -9.40 -3.71 -24.57
C GLY C 113 -9.31 -5.16 -25.02
N LEU C 114 -9.05 -6.02 -24.03
CA LEU C 114 -8.80 -7.44 -24.20
C LEU C 114 -9.78 -8.21 -23.32
N ASP C 115 -10.44 -9.23 -23.90
CA ASP C 115 -11.29 -10.16 -23.16
C ASP C 115 -10.61 -11.54 -23.14
N LEU C 116 -10.42 -12.10 -21.95
CA LEU C 116 -9.76 -13.40 -21.76
C LEU C 116 -10.80 -14.53 -21.80
N ASP C 117 -10.62 -15.50 -22.72
CA ASP C 117 -11.57 -16.62 -22.87
C ASP C 117 -10.84 -17.95 -22.83
N TRP C 118 -10.05 -18.13 -21.78
CA TRP C 118 -9.38 -19.40 -21.51
C TRP C 118 -10.39 -20.40 -20.93
N GLU C 119 -10.57 -21.54 -21.61
N GLU C 119 -10.56 -21.55 -21.58
CA GLU C 119 -11.42 -22.65 -21.14
CA GLU C 119 -11.43 -22.61 -21.05
C GLU C 119 -10.54 -23.86 -20.79
C GLU C 119 -10.62 -23.88 -20.74
N TYR C 120 -10.14 -24.02 -19.52
CA TYR C 120 -10.26 -23.06 -18.42
C TYR C 120 -8.99 -23.28 -17.59
N PRO C 121 -8.53 -22.29 -16.86
CA PRO C 121 -7.38 -22.53 -15.96
C PRO C 121 -7.74 -23.61 -14.95
N GLY C 122 -6.81 -24.56 -14.73
CA GLY C 122 -7.05 -25.62 -13.76
C GLY C 122 -7.90 -26.79 -14.22
N SER C 123 -8.45 -26.75 -15.44
CA SER C 123 -9.29 -27.84 -15.94
C SER C 123 -8.92 -28.14 -17.38
N GLN C 124 -9.51 -29.22 -17.89
CA GLN C 124 -9.40 -29.58 -19.30
C GLN C 124 -7.96 -29.64 -19.77
N GLY C 125 -7.09 -30.20 -18.92
CA GLY C 125 -5.68 -30.37 -19.21
C GLY C 125 -4.79 -29.37 -18.54
N SER C 126 -5.32 -28.24 -18.09
CA SER C 126 -4.48 -27.24 -17.46
C SER C 126 -4.18 -27.66 -16.02
N PRO C 127 -2.91 -27.58 -15.57
CA PRO C 127 -2.57 -28.02 -14.22
C PRO C 127 -3.10 -27.07 -13.15
N ALA C 128 -3.11 -27.59 -11.92
CA ALA C 128 -3.71 -26.87 -10.79
C ALA C 128 -3.02 -25.54 -10.52
N VAL C 129 -1.71 -25.46 -10.81
CA VAL C 129 -0.97 -24.21 -10.59
C VAL C 129 -1.48 -23.06 -11.48
N ASP C 130 -2.22 -23.37 -12.54
CA ASP C 130 -2.74 -22.31 -13.39
C ASP C 130 -3.83 -21.48 -12.72
N LYS C 131 -4.45 -21.98 -11.64
CA LYS C 131 -5.38 -21.13 -10.89
C LYS C 131 -4.70 -19.84 -10.42
N GLU C 132 -3.57 -19.96 -9.71
CA GLU C 132 -2.85 -18.78 -9.27
C GLU C 132 -2.15 -18.07 -10.42
N ARG C 133 -1.68 -18.80 -11.44
CA ARG C 133 -1.03 -18.09 -12.54
C ARG C 133 -2.02 -17.31 -13.38
N PHE C 134 -3.28 -17.74 -13.43
CA PHE C 134 -4.32 -16.90 -14.04
C PHE C 134 -4.48 -15.58 -13.28
N THR C 135 -4.47 -15.64 -11.94
CA THR C 135 -4.52 -14.38 -11.18
C THR C 135 -3.33 -13.48 -11.55
N THR C 136 -2.13 -14.06 -11.59
CA THR C 136 -0.94 -13.28 -11.94
C THR C 136 -1.05 -12.67 -13.35
N LEU C 137 -1.58 -13.43 -14.33
CA LEU C 137 -1.76 -12.91 -15.69
C LEU C 137 -2.71 -11.72 -15.69
N VAL C 138 -3.84 -11.85 -14.98
CA VAL C 138 -4.80 -10.74 -14.86
C VAL C 138 -4.14 -9.51 -14.24
N GLN C 139 -3.37 -9.71 -13.16
CA GLN C 139 -2.65 -8.60 -12.53
C GLN C 139 -1.65 -7.96 -13.49
N ASP C 140 -0.86 -8.79 -14.18
CA ASP C 140 0.15 -8.27 -15.11
C ASP C 140 -0.50 -7.42 -16.21
N LEU C 141 -1.58 -7.92 -16.81
CA LEU C 141 -2.29 -7.16 -17.84
C LEU C 141 -2.86 -5.85 -17.28
N ALA C 142 -3.54 -5.93 -16.13
CA ALA C 142 -4.11 -4.70 -15.54
C ALA C 142 -3.03 -3.68 -15.22
N ASN C 143 -1.90 -4.12 -14.65
CA ASN C 143 -0.81 -3.19 -14.33
C ASN C 143 -0.25 -2.56 -15.60
N ALA C 144 -0.01 -3.37 -16.63
CA ALA C 144 0.61 -2.83 -17.84
C ALA C 144 -0.34 -1.88 -18.56
N PHE C 145 -1.64 -2.21 -18.59
CA PHE C 145 -2.62 -1.29 -19.21
C PHE C 145 -2.68 0.05 -18.46
N GLN C 146 -2.66 0.00 -17.12
CA GLN C 146 -2.65 1.23 -16.35
C GLN C 146 -1.42 2.08 -16.64
N GLN C 147 -0.24 1.45 -16.65
CA GLN C 147 1.01 2.18 -16.93
C GLN C 147 1.04 2.74 -18.34
N GLU C 148 0.57 1.97 -19.35
CA GLU C 148 0.68 2.41 -20.74
C GLU C 148 -0.23 3.60 -20.99
N ALA C 149 -1.36 3.66 -20.27
CA ALA C 149 -2.25 4.82 -20.38
C ALA C 149 -1.51 6.09 -19.94
N GLN C 150 -0.75 6.00 -18.85
CA GLN C 150 -0.02 7.17 -18.37
C GLN C 150 1.09 7.55 -19.34
N THR C 151 1.83 6.56 -19.86
CA THR C 151 2.97 6.86 -20.75
C THR C 151 2.50 7.41 -22.09
N SER C 152 1.43 6.83 -22.64
CA SER C 152 0.97 7.22 -23.97
C SER C 152 -0.01 8.38 -23.99
N GLY C 153 -0.69 8.65 -22.86
CA GLY C 153 -1.77 9.62 -22.84
C GLY C 153 -3.07 9.17 -23.47
N LYS C 154 -3.18 7.89 -23.85
CA LYS C 154 -4.38 7.34 -24.46
C LYS C 154 -5.27 6.78 -23.35
N GLU C 155 -6.55 6.60 -23.68
CA GLU C 155 -7.47 6.01 -22.70
C GLU C 155 -7.07 4.57 -22.37
N ARG C 156 -7.12 4.25 -21.05
CA ARG C 156 -6.60 2.96 -20.57
C ARG C 156 -7.35 1.81 -21.22
N LEU C 157 -6.59 0.83 -21.75
CA LEU C 157 -7.20 -0.39 -22.29
C LEU C 157 -7.98 -1.13 -21.20
N LEU C 158 -9.16 -1.65 -21.59
CA LEU C 158 -10.02 -2.43 -20.71
C LEU C 158 -9.58 -3.89 -20.66
N LEU C 159 -9.86 -4.54 -19.52
CA LEU C 159 -9.60 -5.98 -19.36
C LEU C 159 -10.86 -6.64 -18.81
N SER C 160 -11.36 -7.65 -19.53
CA SER C 160 -12.47 -8.45 -19.05
C SER C 160 -12.13 -9.92 -19.20
N ALA C 161 -13.00 -10.78 -18.64
CA ALA C 161 -12.85 -12.23 -18.83
C ALA C 161 -14.22 -12.87 -18.91
N ALA C 162 -14.31 -13.94 -19.72
CA ALA C 162 -15.50 -14.77 -19.86
C ALA C 162 -15.33 -15.98 -18.94
N VAL C 163 -16.22 -16.14 -17.95
CA VAL C 163 -15.97 -17.10 -16.88
C VAL C 163 -17.11 -18.14 -16.80
N PRO C 164 -16.83 -19.36 -16.33
CA PRO C 164 -17.84 -20.44 -16.35
C PRO C 164 -18.82 -20.34 -15.18
N ALA C 165 -19.99 -20.97 -15.39
CA ALA C 165 -21.02 -21.06 -14.35
C ALA C 165 -20.80 -22.19 -13.34
N GLY C 166 -20.18 -23.30 -13.73
CA GLY C 166 -20.20 -24.50 -12.87
C GLY C 166 -19.15 -24.48 -11.76
N GLN C 167 -19.58 -24.87 -10.56
CA GLN C 167 -18.71 -24.80 -9.38
C GLN C 167 -17.40 -25.57 -9.55
N THR C 168 -17.43 -26.72 -10.24
N THR C 168 -17.43 -26.71 -10.25
CA THR C 168 -16.19 -27.48 -10.41
CA THR C 168 -16.21 -27.49 -10.43
C THR C 168 -15.14 -26.63 -11.13
C THR C 168 -15.14 -26.67 -11.16
N TYR C 169 -15.55 -25.97 -12.21
CA TYR C 169 -14.58 -25.16 -12.96
C TYR C 169 -14.19 -23.91 -12.17
N VAL C 170 -15.16 -23.31 -11.47
CA VAL C 170 -14.86 -22.08 -10.74
C VAL C 170 -13.84 -22.37 -9.64
N ASP C 171 -14.07 -23.44 -8.86
CA ASP C 171 -13.14 -23.75 -7.77
C ASP C 171 -11.79 -24.23 -8.27
N ALA C 172 -11.75 -24.88 -9.43
CA ALA C 172 -10.47 -25.36 -9.95
C ALA C 172 -9.62 -24.24 -10.54
N GLY C 173 -10.25 -23.15 -10.98
CA GLY C 173 -9.51 -22.20 -11.81
C GLY C 173 -9.42 -20.75 -11.37
N TYR C 174 -10.29 -20.27 -10.47
CA TYR C 174 -10.52 -18.83 -10.33
C TYR C 174 -10.45 -18.38 -8.88
N GLU C 175 -9.49 -17.48 -8.57
CA GLU C 175 -9.48 -16.77 -7.30
C GLU C 175 -10.40 -15.56 -7.50
N VAL C 176 -11.70 -15.79 -7.27
CA VAL C 176 -12.74 -14.86 -7.72
C VAL C 176 -12.53 -13.47 -7.14
N ASP C 177 -12.29 -13.37 -5.82
CA ASP C 177 -12.17 -12.05 -5.22
C ASP C 177 -10.94 -11.30 -5.73
N LYS C 178 -9.84 -12.01 -6.00
CA LYS C 178 -8.63 -11.34 -6.48
C LYS C 178 -8.79 -10.90 -7.93
N ILE C 179 -9.30 -11.77 -8.80
CA ILE C 179 -9.40 -11.34 -10.20
C ILE C 179 -10.43 -10.23 -10.36
N ALA C 180 -11.53 -10.27 -9.57
CA ALA C 180 -12.56 -9.23 -9.70
C ALA C 180 -12.02 -7.84 -9.38
N GLN C 181 -10.98 -7.76 -8.53
CA GLN C 181 -10.40 -6.45 -8.22
C GLN C 181 -9.69 -5.85 -9.43
N ASN C 182 -9.21 -6.69 -10.35
CA ASN C 182 -8.36 -6.24 -11.46
C ASN C 182 -9.04 -6.26 -12.82
N LEU C 183 -10.16 -6.96 -12.98
CA LEU C 183 -10.95 -6.93 -14.20
C LEU C 183 -11.90 -5.74 -14.18
N ASP C 184 -12.07 -5.10 -15.35
CA ASP C 184 -13.07 -4.04 -15.43
C ASP C 184 -14.49 -4.59 -15.36
N PHE C 185 -14.70 -5.78 -15.93
CA PHE C 185 -15.99 -6.48 -15.82
C PHE C 185 -15.81 -7.96 -16.09
N VAL C 186 -16.83 -8.73 -15.68
CA VAL C 186 -16.79 -10.19 -15.67
C VAL C 186 -17.98 -10.70 -16.46
N ASN C 187 -17.71 -11.37 -17.59
CA ASN C 187 -18.75 -11.87 -18.50
C ASN C 187 -19.12 -13.30 -18.08
N LEU C 188 -20.23 -13.47 -17.37
CA LEU C 188 -20.64 -14.77 -16.84
C LEU C 188 -21.35 -15.57 -17.92
N MET C 189 -20.78 -16.74 -18.25
CA MET C 189 -21.27 -17.59 -19.34
C MET C 189 -22.44 -18.45 -18.84
N ALA C 190 -23.57 -17.78 -18.60
CA ALA C 190 -24.75 -18.41 -17.97
C ALA C 190 -25.63 -19.13 -19.01
N TYR C 191 -25.04 -20.15 -19.64
CA TYR C 191 -25.68 -20.98 -20.65
C TYR C 191 -24.87 -22.29 -20.75
N ASP C 192 -25.30 -23.19 -21.65
CA ASP C 192 -24.71 -24.53 -21.76
C ASP C 192 -24.89 -25.34 -20.46
N PHE C 193 -26.00 -25.11 -19.74
CA PHE C 193 -26.22 -25.83 -18.48
C PHE C 193 -26.62 -27.29 -18.70
N HIS C 194 -27.18 -27.60 -19.86
CA HIS C 194 -27.66 -28.94 -20.20
C HIS C 194 -27.39 -29.14 -21.68
N GLY C 195 -27.34 -30.39 -22.10
CA GLY C 195 -26.95 -30.63 -23.48
C GLY C 195 -26.94 -32.10 -23.77
N SER C 196 -26.63 -32.41 -25.03
CA SER C 196 -26.67 -33.77 -25.55
C SER C 196 -25.65 -34.70 -24.91
N TRP C 197 -24.84 -34.23 -23.95
CA TRP C 197 -24.09 -35.19 -23.12
C TRP C 197 -25.00 -35.94 -22.16
N GLU C 198 -26.16 -35.38 -21.85
CA GLU C 198 -27.12 -35.98 -20.91
C GLU C 198 -28.14 -36.83 -21.65
N LYS C 199 -28.75 -37.74 -20.92
CA LYS C 199 -29.66 -38.72 -21.52
C LYS C 199 -31.13 -38.34 -21.38
N VAL C 200 -31.43 -37.11 -20.94
CA VAL C 200 -32.79 -36.60 -20.84
C VAL C 200 -32.74 -35.15 -21.31
N THR C 201 -33.91 -34.63 -21.72
CA THR C 201 -33.96 -33.22 -22.13
C THR C 201 -33.75 -32.30 -20.92
N GLY C 202 -33.08 -31.16 -21.17
CA GLY C 202 -32.97 -30.10 -20.18
C GLY C 202 -32.65 -28.82 -20.91
N HIS C 203 -32.91 -27.69 -20.25
CA HIS C 203 -32.81 -26.37 -20.89
C HIS C 203 -31.39 -25.80 -20.88
N ASN C 204 -31.00 -25.21 -22.02
CA ASN C 204 -29.70 -24.55 -22.17
C ASN C 204 -29.45 -23.51 -21.07
N SER C 205 -30.50 -22.74 -20.65
CA SER C 205 -30.25 -21.55 -19.85
C SER C 205 -31.49 -21.25 -18.97
N PRO C 206 -31.83 -22.14 -18.05
CA PRO C 206 -32.96 -21.87 -17.17
C PRO C 206 -32.60 -20.87 -16.07
N LEU C 207 -33.60 -20.07 -15.65
CA LEU C 207 -33.31 -19.04 -14.64
C LEU C 207 -33.21 -19.62 -13.23
N TYR C 208 -34.09 -20.58 -12.90
CA TYR C 208 -34.17 -21.18 -11.58
C TYR C 208 -34.18 -22.70 -11.74
N LYS C 209 -34.03 -23.41 -10.62
CA LYS C 209 -34.15 -24.86 -10.66
C LYS C 209 -35.60 -25.29 -10.87
N ARG C 210 -35.77 -26.53 -11.32
CA ARG C 210 -37.05 -27.20 -11.27
C ARG C 210 -37.24 -27.78 -9.88
N GLN C 211 -38.52 -27.93 -9.49
CA GLN C 211 -38.83 -28.43 -8.16
C GLN C 211 -38.25 -29.82 -7.93
N GLU C 212 -38.18 -30.64 -8.99
CA GLU C 212 -37.63 -31.99 -8.91
C GLU C 212 -36.13 -32.01 -8.58
N GLU C 213 -35.40 -30.96 -8.93
CA GLU C 213 -33.95 -31.03 -8.86
C GLU C 213 -33.45 -30.80 -7.44
N SER C 214 -32.46 -31.61 -7.04
CA SER C 214 -31.81 -31.52 -5.75
C SER C 214 -30.32 -31.83 -5.92
N GLY C 215 -29.54 -31.60 -4.87
CA GLY C 215 -28.11 -31.87 -4.98
C GLY C 215 -27.44 -30.99 -6.02
N ALA C 216 -26.41 -31.55 -6.67
CA ALA C 216 -25.65 -30.80 -7.66
C ALA C 216 -26.54 -30.29 -8.77
N ALA C 217 -27.61 -31.02 -9.07
CA ALA C 217 -28.49 -30.63 -10.17
C ALA C 217 -29.18 -29.30 -9.89
N ALA C 218 -29.43 -29.00 -8.62
CA ALA C 218 -30.09 -27.76 -8.22
C ALA C 218 -29.22 -26.53 -8.46
N SER C 219 -27.96 -26.70 -8.89
CA SER C 219 -27.08 -25.59 -9.24
C SER C 219 -27.01 -25.32 -10.74
N LEU C 220 -27.67 -26.12 -11.57
CA LEU C 220 -27.59 -25.96 -13.03
C LEU C 220 -28.61 -24.93 -13.52
N ASN C 221 -28.45 -23.69 -13.04
CA ASN C 221 -29.35 -22.62 -13.46
C ASN C 221 -28.69 -21.27 -13.27
N VAL C 222 -29.23 -20.25 -13.95
CA VAL C 222 -28.65 -18.91 -13.95
C VAL C 222 -28.53 -18.35 -12.53
N ASP C 223 -29.59 -18.44 -11.74
CA ASP C 223 -29.57 -17.83 -10.42
C ASP C 223 -28.48 -18.44 -9.55
N ALA C 224 -28.31 -19.77 -9.60
CA ALA C 224 -27.26 -20.37 -8.80
C ALA C 224 -25.87 -19.88 -9.23
N ALA C 225 -25.64 -19.75 -10.55
CA ALA C 225 -24.36 -19.26 -11.05
C ALA C 225 -24.08 -17.84 -10.59
N VAL C 226 -25.09 -16.96 -10.68
CA VAL C 226 -24.94 -15.58 -10.27
C VAL C 226 -24.65 -15.51 -8.77
N GLN C 227 -25.39 -16.28 -7.98
CA GLN C 227 -25.18 -16.26 -6.54
C GLN C 227 -23.77 -16.72 -6.19
N GLN C 228 -23.24 -17.70 -6.91
CA GLN C 228 -21.89 -18.18 -6.65
C GLN C 228 -20.85 -17.09 -6.89
N TRP C 229 -20.92 -16.41 -8.06
CA TRP C 229 -19.94 -15.39 -8.37
C TRP C 229 -20.05 -14.19 -7.43
N LEU C 230 -21.27 -13.85 -6.99
CA LEU C 230 -21.41 -12.78 -5.99
C LEU C 230 -20.84 -13.20 -4.63
N GLN C 231 -21.18 -14.42 -4.17
N GLN C 231 -21.19 -14.42 -4.18
CA GLN C 231 -20.76 -14.84 -2.83
CA GLN C 231 -20.77 -14.89 -2.85
C GLN C 231 -19.24 -14.98 -2.73
C GLN C 231 -19.26 -15.01 -2.73
N LYS C 232 -18.58 -15.36 -3.82
CA LYS C 232 -17.13 -15.50 -3.83
C LYS C 232 -16.38 -14.18 -4.01
N GLY C 233 -17.08 -13.04 -4.13
CA GLY C 233 -16.43 -11.75 -4.04
C GLY C 233 -16.50 -10.87 -5.29
N THR C 234 -17.34 -11.19 -6.29
CA THR C 234 -17.46 -10.30 -7.44
C THR C 234 -18.39 -9.15 -7.07
N PRO C 235 -17.96 -7.89 -7.15
CA PRO C 235 -18.91 -6.79 -6.95
C PRO C 235 -20.04 -6.91 -7.98
N ALA C 236 -21.28 -6.71 -7.52
CA ALA C 236 -22.42 -6.92 -8.42
C ALA C 236 -22.31 -6.05 -9.67
N SER C 237 -21.80 -4.82 -9.51
CA SER C 237 -21.74 -3.91 -10.65
C SER C 237 -20.73 -4.35 -11.71
N LYS C 238 -19.79 -5.25 -11.36
CA LYS C 238 -18.86 -5.79 -12.34
C LYS C 238 -19.34 -7.08 -12.99
N LEU C 239 -20.39 -7.71 -12.46
CA LEU C 239 -20.85 -8.99 -13.00
C LEU C 239 -21.87 -8.75 -14.11
N ILE C 240 -21.59 -9.29 -15.30
CA ILE C 240 -22.40 -9.07 -16.50
C ILE C 240 -23.05 -10.40 -16.85
N LEU C 241 -24.39 -10.43 -16.86
CA LEU C 241 -25.12 -11.69 -17.01
C LEU C 241 -25.21 -12.14 -18.48
N GLY C 242 -24.54 -13.23 -18.82
CA GLY C 242 -24.65 -13.77 -20.18
C GLY C 242 -26.03 -14.35 -20.48
N MET C 243 -26.46 -14.15 -21.72
CA MET C 243 -27.72 -14.60 -22.26
C MET C 243 -27.51 -15.13 -23.67
N PRO C 244 -28.16 -16.27 -24.01
CA PRO C 244 -27.90 -16.92 -25.31
C PRO C 244 -28.96 -16.61 -26.35
N THR C 245 -28.53 -16.24 -27.56
CA THR C 245 -29.43 -16.16 -28.71
C THR C 245 -29.43 -17.47 -29.50
N TYR C 246 -29.14 -18.58 -28.82
CA TYR C 246 -29.21 -19.92 -29.38
C TYR C 246 -29.87 -20.82 -28.34
N GLY C 247 -30.28 -22.02 -28.81
CA GLY C 247 -30.82 -23.04 -27.94
C GLY C 247 -30.10 -24.36 -28.13
N ARG C 248 -30.44 -25.34 -27.28
CA ARG C 248 -29.80 -26.65 -27.33
C ARG C 248 -30.88 -27.70 -27.58
N SER C 249 -30.60 -28.57 -28.54
CA SER C 249 -31.58 -29.49 -29.09
C SER C 249 -31.25 -30.94 -28.74
N PHE C 250 -32.31 -31.76 -28.72
CA PHE C 250 -32.23 -33.19 -28.40
C PHE C 250 -33.10 -33.97 -29.37
N THR C 251 -32.69 -35.20 -29.68
CA THR C 251 -33.60 -36.18 -30.29
C THR C 251 -34.28 -36.96 -29.16
N LEU C 252 -35.63 -36.94 -29.15
CA LEU C 252 -36.39 -37.66 -28.14
C LEU C 252 -36.39 -39.17 -28.42
N ALA C 253 -36.38 -39.96 -27.34
CA ALA C 253 -36.57 -41.41 -27.46
C ALA C 253 -37.93 -41.73 -28.05
N SER C 254 -38.95 -40.93 -27.74
CA SER C 254 -40.29 -41.13 -28.26
C SER C 254 -40.98 -39.78 -28.41
N SER C 255 -41.64 -39.59 -29.56
CA SER C 255 -42.37 -38.35 -29.81
C SER C 255 -43.58 -38.20 -28.89
N SER C 256 -43.94 -39.24 -28.13
CA SER C 256 -45.06 -39.16 -27.20
CA SER C 256 -45.07 -39.15 -27.21
C SER C 256 -44.66 -38.66 -25.82
N ASP C 257 -43.36 -38.52 -25.56
CA ASP C 257 -42.89 -38.02 -24.26
C ASP C 257 -42.00 -36.81 -24.54
N THR C 258 -42.56 -35.62 -24.30
CA THR C 258 -41.93 -34.37 -24.71
C THR C 258 -41.69 -33.44 -23.52
N ARG C 259 -41.83 -33.93 -22.29
CA ARG C 259 -41.62 -33.12 -21.09
C ARG C 259 -40.15 -32.71 -20.93
N VAL C 260 -39.89 -31.67 -20.12
CA VAL C 260 -38.52 -31.45 -19.64
C VAL C 260 -38.13 -32.65 -18.77
N GLY C 261 -36.96 -33.25 -19.05
CA GLY C 261 -36.53 -34.47 -18.42
C GLY C 261 -36.99 -35.75 -19.12
N ALA C 262 -37.59 -35.65 -20.28
CA ALA C 262 -37.95 -36.86 -21.03
C ALA C 262 -36.70 -37.54 -21.59
N PRO C 263 -36.74 -38.86 -21.76
CA PRO C 263 -35.57 -39.57 -22.30
C PRO C 263 -35.18 -39.06 -23.68
N ALA C 264 -33.87 -38.93 -23.90
CA ALA C 264 -33.30 -38.45 -25.16
C ALA C 264 -32.29 -39.49 -25.63
N THR C 265 -32.17 -39.65 -26.96
CA THR C 265 -31.21 -40.61 -27.52
C THR C 265 -29.95 -39.94 -28.05
N GLY C 266 -29.91 -38.62 -28.10
CA GLY C 266 -28.75 -37.93 -28.62
C GLY C 266 -29.08 -36.48 -28.91
N SER C 267 -28.13 -35.81 -29.57
CA SER C 267 -28.32 -34.42 -29.97
C SER C 267 -29.43 -34.30 -31.02
N GLY C 268 -30.01 -33.10 -31.12
CA GLY C 268 -30.99 -32.84 -32.14
C GLY C 268 -30.35 -32.68 -33.51
N THR C 269 -31.17 -32.88 -34.55
CA THR C 269 -30.72 -32.77 -35.93
C THR C 269 -30.06 -31.40 -36.17
N PRO C 270 -28.94 -31.33 -36.91
CA PRO C 270 -28.33 -30.02 -37.21
C PRO C 270 -29.33 -29.09 -37.90
N GLY C 271 -29.20 -27.79 -37.58
CA GLY C 271 -29.97 -26.76 -38.25
C GLY C 271 -29.47 -26.48 -39.65
N PRO C 272 -30.36 -25.94 -40.48
CA PRO C 272 -30.01 -25.71 -41.89
C PRO C 272 -28.89 -24.72 -42.11
N PHE C 273 -28.73 -23.74 -41.21
CA PHE C 273 -27.71 -22.71 -41.32
C PHE C 273 -26.53 -22.94 -40.39
N THR C 274 -26.78 -23.31 -39.13
CA THR C 274 -25.66 -23.45 -38.20
C THR C 274 -24.96 -24.80 -38.33
N LYS C 275 -25.64 -25.83 -38.86
CA LYS C 275 -24.98 -27.08 -39.27
C LYS C 275 -24.16 -27.74 -38.15
N GLU C 276 -24.74 -27.82 -36.95
CA GLU C 276 -24.04 -28.39 -35.80
C GLU C 276 -25.05 -29.06 -34.87
N GLY C 277 -25.03 -30.39 -34.84
CA GLY C 277 -25.94 -31.15 -34.00
C GLY C 277 -25.91 -30.72 -32.55
N GLY C 278 -27.11 -30.59 -31.96
CA GLY C 278 -27.27 -30.17 -30.57
C GLY C 278 -27.44 -28.69 -30.34
N MET C 279 -27.23 -27.84 -31.36
N MET C 279 -27.23 -27.85 -31.38
CA MET C 279 -27.41 -26.39 -31.22
CA MET C 279 -27.35 -26.40 -31.29
C MET C 279 -28.26 -25.85 -32.37
C MET C 279 -28.32 -25.90 -32.37
N LEU C 280 -29.00 -24.79 -32.06
CA LEU C 280 -29.76 -24.05 -33.08
C LEU C 280 -29.71 -22.56 -32.75
N ALA C 281 -29.58 -21.73 -33.78
CA ALA C 281 -29.75 -20.27 -33.61
C ALA C 281 -31.21 -19.96 -33.32
N TYR C 282 -31.44 -18.82 -32.62
CA TYR C 282 -32.81 -18.33 -32.45
C TYR C 282 -33.57 -18.30 -33.78
N TYR C 283 -32.92 -17.83 -34.87
CA TYR C 283 -33.61 -17.73 -36.15
C TYR C 283 -33.96 -19.09 -36.74
N GLU C 284 -33.36 -20.17 -36.24
CA GLU C 284 -33.74 -21.49 -36.72
C GLU C 284 -34.90 -22.09 -35.96
N VAL C 285 -35.17 -21.63 -34.74
CA VAL C 285 -36.33 -22.13 -34.01
C VAL C 285 -37.55 -21.22 -34.06
N CYS C 286 -37.38 -19.93 -34.34
CA CYS C 286 -38.49 -19.01 -34.07
C CYS C 286 -39.64 -19.21 -35.04
N SER C 287 -39.41 -19.88 -36.17
CA SER C 287 -40.46 -20.00 -37.19
C SER C 287 -40.68 -21.47 -37.62
N TRP C 288 -40.41 -22.42 -36.71
CA TRP C 288 -40.70 -23.82 -36.96
C TRP C 288 -42.18 -23.96 -37.24
N LYS C 289 -42.53 -24.58 -38.37
CA LYS C 289 -43.93 -24.78 -38.70
C LYS C 289 -44.40 -26.10 -38.09
N GLY C 290 -45.62 -26.08 -37.54
CA GLY C 290 -46.21 -27.31 -37.05
C GLY C 290 -45.59 -27.84 -35.78
N ALA C 291 -45.05 -26.95 -34.94
CA ALA C 291 -44.43 -27.33 -33.69
C ALA C 291 -45.29 -26.89 -32.51
N THR C 292 -44.89 -27.30 -31.32
CA THR C 292 -45.61 -26.95 -30.10
C THR C 292 -44.64 -26.26 -29.16
N LYS C 293 -44.98 -25.05 -28.74
CA LYS C 293 -44.17 -24.25 -27.82
C LYS C 293 -44.80 -24.28 -26.44
N GLN C 294 -43.98 -24.55 -25.41
CA GLN C 294 -44.39 -24.63 -24.03
C GLN C 294 -43.42 -23.81 -23.19
N ARG C 295 -43.83 -23.41 -21.99
CA ARG C 295 -42.92 -22.77 -21.02
C ARG C 295 -42.72 -23.69 -19.82
N ILE C 296 -41.48 -23.73 -19.31
CA ILE C 296 -41.16 -24.45 -18.08
C ILE C 296 -41.47 -23.49 -16.93
N GLN C 297 -42.52 -23.79 -16.18
CA GLN C 297 -43.07 -22.82 -15.22
C GLN C 297 -42.04 -22.44 -14.17
N ASP C 298 -41.36 -23.43 -13.60
CA ASP C 298 -40.38 -23.17 -12.55
C ASP C 298 -39.18 -22.39 -13.08
N GLN C 299 -38.84 -22.56 -14.34
CA GLN C 299 -37.56 -22.08 -14.85
C GLN C 299 -37.66 -20.80 -15.68
N LYS C 300 -38.88 -20.39 -16.04
CA LYS C 300 -39.14 -19.11 -16.71
C LYS C 300 -38.59 -19.02 -18.14
N VAL C 301 -38.51 -20.16 -18.84
CA VAL C 301 -37.94 -20.18 -20.20
C VAL C 301 -38.72 -21.18 -21.04
N PRO C 302 -38.71 -21.01 -22.38
CA PRO C 302 -39.50 -21.89 -23.26
C PRO C 302 -38.72 -23.09 -23.81
N TYR C 303 -39.50 -24.08 -24.27
CA TYR C 303 -39.01 -25.10 -25.18
C TYR C 303 -40.03 -25.32 -26.29
N ILE C 304 -39.58 -25.96 -27.36
CA ILE C 304 -40.44 -26.26 -28.49
C ILE C 304 -40.14 -27.67 -28.96
N PHE C 305 -41.16 -28.39 -29.43
CA PHE C 305 -40.95 -29.72 -29.94
C PHE C 305 -41.75 -29.96 -31.22
N ARG C 306 -41.26 -30.90 -32.03
CA ARG C 306 -41.99 -31.32 -33.21
C ARG C 306 -41.48 -32.71 -33.56
N ASP C 307 -42.42 -33.66 -33.71
CA ASP C 307 -42.05 -35.06 -33.90
C ASP C 307 -41.05 -35.48 -32.81
N ASN C 308 -39.87 -35.97 -33.16
CA ASN C 308 -38.92 -36.40 -32.14
C ASN C 308 -37.82 -35.37 -31.85
N GLN C 309 -38.03 -34.09 -32.17
CA GLN C 309 -37.04 -33.06 -31.94
C GLN C 309 -37.54 -32.11 -30.85
N TRP C 310 -36.64 -31.73 -29.94
CA TRP C 310 -36.98 -30.93 -28.77
C TRP C 310 -35.87 -29.90 -28.58
N VAL C 311 -36.23 -28.62 -28.39
CA VAL C 311 -35.23 -27.57 -28.28
C VAL C 311 -35.58 -26.66 -27.10
N GLY C 312 -34.62 -26.43 -26.22
CA GLY C 312 -34.74 -25.40 -25.17
C GLY C 312 -34.00 -24.16 -25.61
N PHE C 313 -34.70 -23.02 -25.62
CA PHE C 313 -34.14 -21.76 -26.15
C PHE C 313 -34.64 -20.58 -25.31
N ASP C 314 -34.17 -19.37 -25.64
CA ASP C 314 -34.63 -18.13 -25.04
C ASP C 314 -35.38 -17.30 -26.08
N ASP C 315 -36.43 -16.64 -25.62
CA ASP C 315 -37.30 -15.80 -26.45
C ASP C 315 -37.35 -14.39 -25.87
N VAL C 316 -38.15 -13.53 -26.52
CA VAL C 316 -38.28 -12.14 -26.05
C VAL C 316 -38.74 -12.11 -24.60
N GLU C 317 -39.74 -12.94 -24.26
CA GLU C 317 -40.28 -12.95 -22.89
C GLU C 317 -39.23 -13.38 -21.88
N SER C 318 -38.45 -14.43 -22.20
CA SER C 318 -37.46 -14.87 -21.21
C SER C 318 -36.29 -13.88 -21.07
N PHE C 319 -35.90 -13.21 -22.17
CA PHE C 319 -34.92 -12.13 -22.06
C PHE C 319 -35.45 -11.00 -21.15
N LYS C 320 -36.73 -10.61 -21.30
CA LYS C 320 -37.31 -9.61 -20.37
C LYS C 320 -37.25 -10.07 -18.92
N THR C 321 -37.58 -11.35 -18.65
CA THR C 321 -37.52 -11.86 -17.28
C THR C 321 -36.10 -11.81 -16.73
N LYS C 322 -35.13 -12.17 -17.58
CA LYS C 322 -33.74 -12.16 -17.11
C LYS C 322 -33.24 -10.74 -16.86
N VAL C 323 -33.69 -9.75 -17.62
CA VAL C 323 -33.27 -8.38 -17.33
C VAL C 323 -33.89 -7.91 -16.01
N SER C 324 -35.17 -8.24 -15.77
CA SER C 324 -35.76 -7.89 -14.48
C SER C 324 -34.97 -8.51 -13.34
N TYR C 325 -34.57 -9.77 -13.51
CA TYR C 325 -33.79 -10.47 -12.51
C TYR C 325 -32.44 -9.78 -12.27
N LEU C 326 -31.69 -9.45 -13.34
CA LEU C 326 -30.37 -8.87 -13.13
C LEU C 326 -30.46 -7.51 -12.44
N LYS C 327 -31.54 -6.77 -12.70
CA LYS C 327 -31.72 -5.48 -12.01
C LYS C 327 -31.95 -5.68 -10.51
N GLN C 328 -32.73 -6.72 -10.14
CA GLN C 328 -32.93 -7.00 -8.72
C GLN C 328 -31.64 -7.32 -8.02
N LYS C 329 -30.72 -8.03 -8.71
CA LYS C 329 -29.44 -8.39 -8.14
C LYS C 329 -28.42 -7.26 -8.24
N GLY C 330 -28.78 -6.14 -8.86
CA GLY C 330 -27.82 -5.04 -8.98
C GLY C 330 -26.68 -5.29 -9.95
N LEU C 331 -26.85 -6.18 -10.94
CA LEU C 331 -25.73 -6.52 -11.80
C LEU C 331 -25.40 -5.37 -12.75
N GLY C 332 -24.21 -5.44 -13.36
CA GLY C 332 -23.72 -4.36 -14.22
C GLY C 332 -24.31 -4.33 -15.61
N GLY C 333 -25.07 -5.35 -16.01
CA GLY C 333 -25.69 -5.38 -17.33
C GLY C 333 -25.86 -6.82 -17.83
N ALA C 334 -26.00 -6.94 -19.16
CA ALA C 334 -26.19 -8.20 -19.85
C ALA C 334 -25.11 -8.38 -20.88
N MET C 335 -24.74 -9.63 -21.12
CA MET C 335 -23.79 -10.02 -22.17
C MET C 335 -24.50 -11.02 -23.07
N VAL C 336 -24.17 -11.04 -24.37
N VAL C 336 -24.16 -11.04 -24.37
CA VAL C 336 -24.92 -11.84 -25.35
CA VAL C 336 -24.91 -11.84 -25.34
C VAL C 336 -23.98 -12.66 -26.22
C VAL C 336 -23.96 -12.66 -26.19
N TRP C 337 -24.21 -13.97 -26.25
CA TRP C 337 -23.61 -14.87 -27.25
C TRP C 337 -24.77 -15.34 -28.14
N ALA C 338 -24.85 -14.89 -29.42
CA ALA C 338 -23.93 -13.97 -30.12
C ALA C 338 -24.76 -13.17 -31.14
N LEU C 339 -24.15 -12.09 -31.67
CA LEU C 339 -24.85 -11.22 -32.62
C LEU C 339 -25.42 -11.98 -33.81
N ASP C 340 -24.64 -12.90 -34.38
CA ASP C 340 -25.03 -13.59 -35.62
C ASP C 340 -26.02 -14.71 -35.39
N LEU C 341 -26.43 -14.98 -34.13
CA LEU C 341 -27.42 -16.05 -33.88
C LEU C 341 -28.80 -15.47 -33.58
N ASP C 342 -28.88 -14.19 -33.19
CA ASP C 342 -30.15 -13.47 -33.22
C ASP C 342 -30.61 -13.35 -34.67
N ASP C 343 -31.88 -12.97 -34.89
CA ASP C 343 -32.32 -12.73 -36.28
C ASP C 343 -31.85 -11.32 -36.68
N PHE C 344 -30.55 -11.24 -37.00
CA PHE C 344 -29.88 -9.94 -37.11
C PHE C 344 -30.35 -9.12 -38.29
N ALA C 345 -30.97 -9.73 -39.32
CA ALA C 345 -31.47 -9.00 -40.48
C ALA C 345 -32.97 -9.19 -40.68
N GLY C 346 -33.69 -9.69 -39.67
CA GLY C 346 -35.14 -9.87 -39.82
C GLY C 346 -35.56 -10.84 -40.93
N PHE C 347 -34.76 -11.86 -41.23
CA PHE C 347 -34.99 -12.73 -42.39
C PHE C 347 -35.77 -14.00 -42.07
N SER C 348 -36.10 -14.23 -40.80
CA SER C 348 -36.72 -15.48 -40.38
C SER C 348 -37.96 -15.32 -39.49
N CYS C 349 -37.87 -14.44 -38.49
CA CYS C 349 -38.81 -14.45 -37.37
C CYS C 349 -39.97 -13.48 -37.52
N ASN C 350 -39.94 -12.62 -38.55
CA ASN C 350 -41.00 -11.61 -38.73
C ASN C 350 -41.10 -10.69 -37.53
N GLN C 351 -39.96 -10.46 -36.85
CA GLN C 351 -39.90 -9.60 -35.66
C GLN C 351 -38.94 -8.43 -35.84
N GLY C 352 -38.55 -8.12 -37.08
CA GLY C 352 -37.61 -7.02 -37.33
C GLY C 352 -36.16 -7.43 -37.08
N ARG C 353 -35.26 -6.43 -37.13
CA ARG C 353 -33.84 -6.69 -36.90
C ARG C 353 -33.55 -6.91 -35.41
N TYR C 354 -32.71 -7.92 -35.13
CA TYR C 354 -32.23 -8.17 -33.77
C TYR C 354 -33.35 -8.22 -32.71
N PRO C 355 -34.38 -9.04 -32.90
CA PRO C 355 -35.49 -9.03 -31.93
C PRO C 355 -35.07 -9.33 -30.50
N LEU C 356 -34.13 -10.27 -30.28
CA LEU C 356 -33.69 -10.57 -28.92
C LEU C 356 -32.81 -9.46 -28.37
N ILE C 357 -31.80 -9.03 -29.12
CA ILE C 357 -30.85 -8.07 -28.55
C ILE C 357 -31.46 -6.68 -28.44
N GLN C 358 -32.35 -6.31 -29.38
CA GLN C 358 -33.07 -5.03 -29.22
C GLN C 358 -33.95 -5.05 -27.98
N THR C 359 -34.52 -6.22 -27.62
CA THR C 359 -35.24 -6.35 -26.36
C THR C 359 -34.34 -5.96 -25.20
N LEU C 360 -33.11 -6.50 -25.17
CA LEU C 360 -32.18 -6.13 -24.09
C LEU C 360 -31.88 -4.63 -24.08
N ARG C 361 -31.61 -4.04 -25.25
CA ARG C 361 -31.37 -2.60 -25.33
C ARG C 361 -32.53 -1.80 -24.75
N GLN C 362 -33.77 -2.17 -25.09
CA GLN C 362 -34.94 -1.41 -24.61
C GLN C 362 -35.16 -1.61 -23.11
N GLU C 363 -34.95 -2.82 -22.62
CA GLU C 363 -35.24 -3.10 -21.21
C GLU C 363 -34.16 -2.58 -20.29
N LEU C 364 -32.91 -2.50 -20.77
CA LEU C 364 -31.82 -1.91 -19.96
C LEU C 364 -31.81 -0.39 -19.99
N SER C 365 -32.80 0.22 -20.64
CA SER C 365 -33.06 1.65 -20.53
C SER C 365 -33.71 1.87 -19.19
N ALA D 1 44.31 39.48 -4.55
CA ALA D 1 43.93 38.10 -4.31
C ALA D 1 42.97 37.98 -3.14
N LYS D 2 42.04 37.03 -3.23
CA LYS D 2 41.13 36.75 -2.12
C LYS D 2 41.68 35.63 -1.25
N LEU D 3 41.33 35.67 0.03
CA LEU D 3 41.60 34.59 0.99
C LEU D 3 40.27 34.39 1.71
N VAL D 4 39.57 33.32 1.32
CA VAL D 4 38.18 33.05 1.74
C VAL D 4 38.25 31.97 2.80
N CYS D 5 37.79 32.27 4.03
CA CYS D 5 37.97 31.35 5.16
C CYS D 5 36.63 30.98 5.78
N TYR D 6 36.39 29.68 6.01
CA TYR D 6 35.14 29.23 6.63
C TYR D 6 35.25 29.12 8.14
N PHE D 7 34.22 29.66 8.82
CA PHE D 7 33.94 29.49 10.25
C PHE D 7 32.85 28.44 10.36
N THR D 8 32.90 27.59 11.40
CA THR D 8 31.84 26.60 11.62
C THR D 8 31.15 26.82 12.96
N ASN D 9 29.79 26.77 12.96
CA ASN D 9 29.05 27.08 14.17
C ASN D 9 28.90 25.89 15.12
N TRP D 10 29.55 24.74 14.86
CA TRP D 10 29.61 23.66 15.86
C TRP D 10 30.97 23.54 16.53
N ALA D 11 31.97 24.32 16.07
CA ALA D 11 33.28 24.26 16.72
C ALA D 11 33.23 24.83 18.13
N GLN D 12 32.19 25.62 18.46
CA GLN D 12 31.99 26.17 19.80
C GLN D 12 31.74 25.07 20.85
N TYR D 13 31.49 23.83 20.43
CA TYR D 13 31.20 22.74 21.34
C TYR D 13 32.39 21.84 21.57
N ARG D 14 33.54 22.12 20.93
CA ARG D 14 34.74 21.31 21.20
C ARG D 14 35.28 21.64 22.58
N GLN D 15 35.96 20.67 23.17
CA GLN D 15 36.41 20.79 24.54
C GLN D 15 37.86 21.29 24.63
N GLY D 16 38.23 21.73 25.85
CA GLY D 16 39.58 22.21 26.08
C GLY D 16 39.97 23.35 25.16
N GLU D 17 41.25 23.35 24.77
CA GLU D 17 41.78 24.45 23.96
C GLU D 17 41.26 24.45 22.54
N ALA D 18 40.55 23.40 22.11
CA ALA D 18 40.03 23.35 20.74
C ALA D 18 38.71 24.10 20.56
N ARG D 19 38.07 24.56 21.64
CA ARG D 19 36.81 25.28 21.51
C ARG D 19 37.03 26.57 20.70
N PHE D 20 36.14 26.83 19.72
CA PHE D 20 36.31 27.99 18.83
C PHE D 20 35.04 28.82 18.79
N LEU D 21 35.17 30.12 19.09
CA LEU D 21 34.08 31.10 19.10
C LEU D 21 34.48 32.29 18.24
N PRO D 22 33.53 33.20 17.93
CA PRO D 22 33.93 34.38 17.13
C PRO D 22 35.11 35.18 17.68
N LYS D 23 35.28 35.24 19.02
CA LYS D 23 36.43 35.95 19.60
C LYS D 23 37.77 35.38 19.15
N ASP D 24 37.77 34.15 18.62
CA ASP D 24 39.02 33.50 18.20
C ASP D 24 39.38 33.80 16.75
N LEU D 25 38.53 34.54 16.04
CA LEU D 25 38.81 34.95 14.67
C LEU D 25 39.79 36.10 14.67
N ASP D 26 40.70 36.10 13.68
CA ASP D 26 41.60 37.21 13.42
C ASP D 26 40.93 38.10 12.37
N PRO D 27 40.59 39.38 12.68
CA PRO D 27 39.75 40.18 11.74
C PRO D 27 40.40 40.50 10.43
N SER D 28 41.74 40.45 10.33
CA SER D 28 42.39 40.80 9.05
C SER D 28 43.14 39.65 8.39
N LEU D 29 43.05 38.45 8.95
CA LEU D 29 43.73 37.27 8.39
C LEU D 29 43.23 36.97 6.98
N CYS D 30 41.90 37.00 6.78
CA CYS D 30 41.25 36.68 5.51
C CYS D 30 40.55 37.91 4.95
N THR D 31 40.33 37.90 3.62
CA THR D 31 39.56 38.95 2.99
C THR D 31 38.04 38.71 3.11
N HIS D 32 37.63 37.44 3.16
CA HIS D 32 36.21 37.06 3.21
C HIS D 32 36.09 35.97 4.26
N LEU D 33 35.12 36.11 5.15
CA LEU D 33 34.77 35.07 6.13
C LEU D 33 33.39 34.55 5.80
N ILE D 34 33.25 33.21 5.73
CA ILE D 34 31.99 32.56 5.40
C ILE D 34 31.53 31.73 6.60
N TYR D 35 30.27 31.98 7.03
CA TYR D 35 29.72 31.31 8.21
C TYR D 35 28.98 30.03 7.79
N ALA D 36 29.45 28.87 8.25
CA ALA D 36 28.82 27.56 7.95
C ALA D 36 28.12 27.03 9.21
N PHE D 37 26.83 26.66 9.11
CA PHE D 37 25.93 26.75 7.94
C PHE D 37 24.58 27.25 8.46
N ALA D 38 23.83 27.91 7.57
CA ALA D 38 22.39 28.12 7.72
C ALA D 38 21.63 26.95 7.12
N GLY D 39 20.36 26.83 7.53
CA GLY D 39 19.44 25.83 7.02
C GLY D 39 18.29 26.45 6.24
N MET D 40 17.23 25.67 6.04
CA MET D 40 16.09 26.13 5.25
C MET D 40 14.83 25.56 5.87
N THR D 41 13.80 26.41 6.03
CA THR D 41 12.51 25.98 6.57
C THR D 41 11.42 26.68 5.78
N ASN D 42 10.50 25.92 5.21
CA ASN D 42 9.46 26.46 4.32
C ASN D 42 10.05 27.35 3.22
N HIS D 43 11.16 26.90 2.64
CA HIS D 43 11.85 27.56 1.53
C HIS D 43 12.51 28.87 1.94
N GLN D 44 12.71 29.10 3.24
CA GLN D 44 13.30 30.33 3.76
C GLN D 44 14.56 30.04 4.59
N LEU D 45 15.54 30.96 4.53
CA LEU D 45 16.75 30.84 5.37
C LEU D 45 16.38 30.68 6.85
N SER D 46 17.11 29.82 7.56
CA SER D 46 16.87 29.64 8.99
C SER D 46 18.17 29.31 9.72
N THR D 47 18.20 29.63 11.01
CA THR D 47 19.33 29.30 11.87
C THR D 47 19.36 27.80 12.13
N THR D 48 20.53 27.29 12.53
CA THR D 48 20.71 25.88 12.88
C THR D 48 21.22 25.63 14.30
N GLU D 49 21.73 26.63 15.00
CA GLU D 49 22.16 26.51 16.39
C GLU D 49 21.40 27.53 17.24
N TRP D 50 21.12 27.15 18.51
CA TRP D 50 20.31 27.98 19.40
C TRP D 50 20.84 29.40 19.56
N ASN D 51 22.16 29.58 19.47
CA ASN D 51 22.76 30.89 19.67
C ASN D 51 23.25 31.51 18.36
N ASP D 52 22.75 31.07 17.20
CA ASP D 52 23.19 31.69 15.94
C ASP D 52 22.97 33.22 15.92
N GLU D 53 21.83 33.73 16.42
CA GLU D 53 21.66 35.19 16.32
C GLU D 53 22.77 35.93 17.05
N THR D 54 23.17 35.43 18.22
CA THR D 54 24.27 36.03 18.97
C THR D 54 25.58 35.87 18.21
N LEU D 55 25.84 34.67 17.69
CA LEU D 55 27.11 34.47 16.98
C LEU D 55 27.18 35.30 15.71
N TYR D 56 26.05 35.40 14.96
CA TYR D 56 26.03 36.27 13.78
C TYR D 56 26.44 37.70 14.15
N GLN D 57 25.90 38.23 15.25
CA GLN D 57 26.23 39.60 15.63
C GLN D 57 27.71 39.74 16.01
N GLU D 58 28.29 38.75 16.71
CA GLU D 58 29.73 38.79 17.00
C GLU D 58 30.57 38.69 15.73
N PHE D 59 30.17 37.78 14.84
CA PHE D 59 30.90 37.52 13.60
C PHE D 59 30.89 38.77 12.71
N ASN D 60 29.70 39.30 12.42
CA ASN D 60 29.66 40.51 11.59
C ASN D 60 30.14 41.74 12.34
N GLY D 61 30.15 41.69 13.68
CA GLY D 61 30.72 42.77 14.46
C GLY D 61 32.22 42.95 14.27
N LEU D 62 32.91 41.94 13.72
CA LEU D 62 34.34 42.16 13.39
C LEU D 62 34.50 43.33 12.45
N LYS D 63 33.47 43.62 11.64
CA LYS D 63 33.57 44.72 10.68
C LYS D 63 33.59 46.09 11.35
N LYS D 64 33.27 46.17 12.64
CA LYS D 64 33.49 47.43 13.38
C LYS D 64 34.98 47.76 13.47
N MET D 65 35.85 46.74 13.48
CA MET D 65 37.30 46.91 13.52
C MET D 65 37.94 46.87 12.14
N ASN D 66 37.33 46.17 11.18
CA ASN D 66 37.87 46.04 9.83
C ASN D 66 36.70 46.12 8.88
N PRO D 67 36.29 47.33 8.48
CA PRO D 67 35.12 47.46 7.58
C PRO D 67 35.37 46.99 6.17
N LYS D 68 36.61 46.68 5.80
CA LYS D 68 36.87 46.17 4.46
C LYS D 68 36.66 44.67 4.36
N LEU D 69 36.63 43.98 5.50
CA LEU D 69 36.31 42.56 5.55
C LEU D 69 34.90 42.34 4.96
N LYS D 70 34.75 41.28 4.15
CA LYS D 70 33.43 40.90 3.64
C LYS D 70 33.00 39.60 4.32
N THR D 71 31.73 39.52 4.72
CA THR D 71 31.23 38.30 5.34
C THR D 71 30.11 37.69 4.50
N LEU D 72 30.02 36.37 4.50
CA LEU D 72 28.93 35.67 3.81
C LEU D 72 28.37 34.59 4.70
N LEU D 73 27.10 34.23 4.46
CA LEU D 73 26.45 33.11 5.15
C LEU D 73 26.32 31.95 4.16
N ALA D 74 26.78 30.76 4.57
CA ALA D 74 26.73 29.54 3.75
C ALA D 74 25.47 28.77 4.10
N ILE D 75 24.71 28.35 3.08
CA ILE D 75 23.48 27.58 3.29
C ILE D 75 23.68 26.14 2.83
N GLY D 76 23.27 25.18 3.67
CA GLY D 76 23.27 23.79 3.27
C GLY D 76 24.36 22.96 3.95
N GLY D 77 25.29 22.47 3.15
CA GLY D 77 26.41 21.69 3.67
C GLY D 77 26.30 20.22 3.29
N TRP D 78 27.43 19.51 3.49
CA TRP D 78 27.55 18.15 2.98
C TRP D 78 26.57 17.16 3.61
N ASN D 79 26.09 17.42 4.83
CA ASN D 79 25.14 16.50 5.47
C ASN D 79 23.71 16.98 5.39
N PHE D 80 23.47 18.09 4.68
CA PHE D 80 22.14 18.70 4.60
C PHE D 80 21.20 17.91 3.70
N GLY D 81 21.72 17.14 2.75
CA GLY D 81 20.81 16.50 1.81
C GLY D 81 20.50 17.38 0.62
N THR D 82 19.60 16.86 -0.24
CA THR D 82 19.22 17.58 -1.46
C THR D 82 17.73 17.97 -1.50
N GLN D 83 16.86 17.34 -0.71
CA GLN D 83 15.43 17.52 -0.94
C GLN D 83 14.97 18.96 -0.71
N LYS D 84 15.49 19.66 0.32
CA LYS D 84 15.02 21.03 0.54
C LYS D 84 15.46 21.97 -0.59
N PHE D 85 16.66 21.77 -1.15
CA PHE D 85 17.06 22.54 -2.34
C PHE D 85 16.17 22.21 -3.54
N THR D 86 15.95 20.91 -3.81
CA THR D 86 15.12 20.52 -4.96
C THR D 86 13.73 21.14 -4.85
N ASP D 87 13.13 21.10 -3.66
CA ASP D 87 11.75 21.62 -3.52
C ASP D 87 11.72 23.13 -3.72
N MET D 88 12.76 23.83 -3.26
CA MET D 88 12.77 25.28 -3.33
C MET D 88 13.01 25.74 -4.77
N VAL D 89 13.81 25.00 -5.53
CA VAL D 89 14.06 25.42 -6.93
C VAL D 89 12.97 24.94 -7.89
N ALA D 90 12.06 24.06 -7.44
CA ALA D 90 11.12 23.42 -8.37
C ALA D 90 10.11 24.38 -8.96
N THR D 91 9.77 25.45 -8.25
CA THR D 91 8.72 26.36 -8.69
C THR D 91 9.20 27.80 -8.55
N ALA D 92 8.72 28.63 -9.47
CA ALA D 92 9.09 30.03 -9.42
C ALA D 92 8.64 30.69 -8.11
N ASN D 93 7.45 30.32 -7.61
CA ASN D 93 6.99 30.87 -6.34
C ASN D 93 7.99 30.57 -5.22
N ASN D 94 8.50 29.32 -5.18
CA ASN D 94 9.41 28.97 -4.09
C ASN D 94 10.74 29.67 -4.23
N ARG D 95 11.25 29.84 -5.48
CA ARG D 95 12.49 30.59 -5.64
C ARG D 95 12.31 32.05 -5.21
N GLN D 96 11.16 32.66 -5.53
CA GLN D 96 10.91 34.02 -5.07
C GLN D 96 10.86 34.09 -3.55
N THR D 97 10.16 33.14 -2.91
CA THR D 97 10.14 33.09 -1.45
C THR D 97 11.55 33.04 -0.87
N PHE D 98 12.40 32.18 -1.44
CA PHE D 98 13.74 32.00 -0.90
C PHE D 98 14.59 33.25 -1.11
N VAL D 99 14.57 33.80 -2.33
CA VAL D 99 15.39 34.96 -2.64
C VAL D 99 15.00 36.14 -1.74
N ASN D 100 13.69 36.37 -1.59
CA ASN D 100 13.27 37.47 -0.73
C ASN D 100 13.66 37.24 0.72
N SER D 101 13.53 35.99 1.20
CA SER D 101 13.94 35.66 2.56
C SER D 101 15.45 35.84 2.74
N ALA D 102 16.24 35.51 1.71
CA ALA D 102 17.70 35.67 1.81
C ALA D 102 18.07 37.14 1.97
N ILE D 103 17.46 38.02 1.17
CA ILE D 103 17.76 39.44 1.27
C ILE D 103 17.44 39.95 2.67
N ARG D 104 16.26 39.60 3.19
N ARG D 104 16.24 39.63 3.17
CA ARG D 104 15.88 40.14 4.50
CA ARG D 104 15.82 40.08 4.50
C ARG D 104 16.75 39.58 5.62
C ARG D 104 16.79 39.59 5.57
N PHE D 105 17.14 38.30 5.51
CA PHE D 105 17.94 37.66 6.55
C PHE D 105 19.37 38.20 6.54
N LEU D 106 19.96 38.32 5.35
CA LEU D 106 21.33 38.84 5.27
C LEU D 106 21.39 40.28 5.76
N ARG D 107 20.39 41.11 5.40
CA ARG D 107 20.45 42.49 5.83
C ARG D 107 20.19 42.61 7.33
N LYS D 108 19.27 41.79 7.86
CA LYS D 108 18.95 41.86 9.30
C LYS D 108 20.20 41.62 10.15
N TYR D 109 21.03 40.65 9.77
CA TYR D 109 22.18 40.27 10.59
C TYR D 109 23.51 40.89 10.12
N SER D 110 23.49 41.66 9.04
CA SER D 110 24.66 42.39 8.54
C SER D 110 25.68 41.45 7.87
N PHE D 111 25.18 40.45 7.13
CA PHE D 111 26.02 39.71 6.20
C PHE D 111 26.13 40.47 4.88
N ASP D 112 27.27 40.26 4.18
CA ASP D 112 27.49 40.89 2.88
C ASP D 112 27.14 39.99 1.69
N GLY D 113 26.73 38.74 1.92
CA GLY D 113 26.44 37.89 0.78
C GLY D 113 26.05 36.50 1.22
N LEU D 114 25.73 35.66 0.22
CA LEU D 114 25.27 34.28 0.41
C LEU D 114 26.21 33.35 -0.36
N ASP D 115 26.59 32.24 0.29
CA ASP D 115 27.37 31.15 -0.30
C ASP D 115 26.46 29.91 -0.39
N LEU D 116 26.31 29.34 -1.58
CA LEU D 116 25.48 28.14 -1.78
C LEU D 116 26.33 26.88 -1.61
N ASP D 117 25.91 26.00 -0.69
CA ASP D 117 26.62 24.73 -0.45
C ASP D 117 25.68 23.53 -0.60
N TRP D 118 25.08 23.41 -1.79
CA TRP D 118 24.22 22.27 -2.12
C TRP D 118 25.08 21.10 -2.62
N GLU D 119 25.01 19.95 -1.93
CA GLU D 119 25.73 18.73 -2.31
C GLU D 119 24.73 17.61 -2.67
N TYR D 120 24.38 17.47 -3.96
CA TYR D 120 24.71 18.38 -5.08
C TYR D 120 23.52 18.37 -6.03
N PRO D 121 23.34 19.42 -6.85
CA PRO D 121 22.30 19.34 -7.88
C PRO D 121 22.59 18.15 -8.81
N GLY D 122 21.55 17.38 -9.15
CA GLY D 122 21.67 16.27 -10.07
C GLY D 122 22.30 15.01 -9.52
N SER D 123 22.71 14.98 -8.24
CA SER D 123 23.31 13.82 -7.64
C SER D 123 22.74 13.61 -6.25
N GLN D 124 23.04 12.44 -5.66
CA GLN D 124 22.68 12.14 -4.27
C GLN D 124 21.17 12.28 -4.03
N GLY D 125 20.37 11.87 -5.03
CA GLY D 125 18.92 11.88 -4.93
C GLY D 125 18.25 13.00 -5.69
N SER D 126 18.98 14.04 -6.01
CA SER D 126 18.41 15.18 -6.72
C SER D 126 18.22 14.81 -8.20
N PRO D 127 17.06 15.15 -8.80
CA PRO D 127 16.80 14.77 -10.20
C PRO D 127 17.65 15.54 -11.21
N ALA D 128 17.73 15.00 -12.44
CA ALA D 128 18.60 15.60 -13.46
C ALA D 128 18.19 17.03 -13.80
N VAL D 129 16.89 17.34 -13.73
CA VAL D 129 16.43 18.69 -14.01
C VAL D 129 17.05 19.72 -13.08
N ASP D 130 17.59 19.30 -11.93
CA ASP D 130 18.15 20.28 -11.01
C ASP D 130 19.42 20.92 -11.56
N LYS D 131 20.08 20.34 -12.58
CA LYS D 131 21.23 21.03 -13.17
C LYS D 131 20.81 22.36 -13.75
N GLU D 132 19.75 22.37 -14.57
CA GLU D 132 19.26 23.63 -15.11
C GLU D 132 18.61 24.50 -14.05
N ARG D 133 17.90 23.89 -13.08
CA ARG D 133 17.24 24.71 -12.06
C ARG D 133 18.24 25.35 -11.12
N PHE D 134 19.41 24.75 -10.93
CA PHE D 134 20.47 25.42 -10.18
C PHE D 134 20.93 26.68 -10.90
N THR D 135 21.07 26.61 -12.23
CA THR D 135 21.38 27.83 -12.98
C THR D 135 20.31 28.89 -12.75
N THR D 136 19.03 28.50 -12.84
CA THR D 136 17.95 29.48 -12.64
C THR D 136 18.02 30.09 -11.25
N LEU D 137 18.30 29.26 -10.22
CA LEU D 137 18.46 29.78 -8.86
C LEU D 137 19.55 30.84 -8.79
N VAL D 138 20.71 30.56 -9.35
CA VAL D 138 21.83 31.50 -9.28
C VAL D 138 21.47 32.80 -10.02
N GLN D 139 20.82 32.68 -11.19
CA GLN D 139 20.36 33.87 -11.91
C GLN D 139 19.34 34.67 -11.10
N ASP D 140 18.37 33.98 -10.50
CA ASP D 140 17.34 34.68 -9.72
C ASP D 140 17.96 35.45 -8.54
N LEU D 141 18.92 34.82 -7.85
CA LEU D 141 19.59 35.49 -6.74
C LEU D 141 20.37 36.70 -7.21
N ALA D 142 21.17 36.51 -8.29
CA ALA D 142 21.97 37.62 -8.79
C ALA D 142 21.08 38.80 -9.19
N ASN D 143 19.94 38.51 -9.84
CA ASN D 143 19.11 39.62 -10.27
C ASN D 143 18.44 40.32 -9.08
N ALA D 144 17.98 39.55 -8.08
CA ALA D 144 17.34 40.18 -6.94
C ALA D 144 18.33 40.96 -6.10
N PHE D 145 19.55 40.42 -5.96
CA PHE D 145 20.59 41.18 -5.25
C PHE D 145 20.92 42.49 -5.97
N GLN D 146 20.98 42.44 -7.31
CA GLN D 146 21.30 43.66 -8.01
C GLN D 146 20.21 44.72 -7.84
N GLN D 147 18.94 44.31 -7.94
CA GLN D 147 17.85 45.26 -7.76
C GLN D 147 17.75 45.79 -6.32
N GLU D 148 17.99 44.94 -5.33
CA GLU D 148 17.84 45.40 -3.94
C GLU D 148 18.84 46.48 -3.60
N ALA D 149 20.07 46.37 -4.12
CA ALA D 149 21.08 47.39 -3.82
C ALA D 149 20.65 48.76 -4.33
N GLN D 150 19.92 48.79 -5.44
CA GLN D 150 19.47 50.06 -5.98
C GLN D 150 18.44 50.71 -5.07
N THR D 151 17.55 49.91 -4.48
CA THR D 151 16.49 50.47 -3.64
C THR D 151 16.99 50.80 -2.23
N SER D 152 17.86 49.96 -1.68
CA SER D 152 18.30 50.10 -0.29
C SER D 152 19.44 51.10 -0.12
N GLY D 153 20.31 51.25 -1.12
CA GLY D 153 21.46 52.10 -1.00
C GLY D 153 22.71 51.47 -0.40
N LYS D 154 22.64 50.20 0.03
CA LYS D 154 23.78 49.50 0.60
C LYS D 154 24.54 48.76 -0.49
N GLU D 155 25.73 48.25 -0.14
CA GLU D 155 26.55 47.55 -1.14
C GLU D 155 25.85 46.29 -1.61
N ARG D 156 25.90 46.05 -2.93
CA ARG D 156 25.25 44.89 -3.51
C ARG D 156 25.70 43.60 -2.81
N LEU D 157 24.72 42.77 -2.42
CA LEU D 157 25.02 41.48 -1.82
C LEU D 157 25.79 40.58 -2.80
N LEU D 158 26.81 39.89 -2.28
CA LEU D 158 27.64 38.96 -3.03
C LEU D 158 26.98 37.58 -3.10
N LEU D 159 27.35 36.81 -4.15
CA LEU D 159 26.85 35.45 -4.33
C LEU D 159 28.01 34.55 -4.74
N SER D 160 28.26 33.49 -3.95
CA SER D 160 29.29 32.51 -4.27
C SER D 160 28.68 31.12 -4.12
N ALA D 161 29.44 30.11 -4.57
CA ALA D 161 29.00 28.73 -4.40
C ALA D 161 30.22 27.84 -4.17
N ALA D 162 30.07 26.82 -3.33
CA ALA D 162 31.11 25.81 -3.08
C ALA D 162 30.82 24.61 -4.00
N VAL D 163 31.81 24.25 -4.82
CA VAL D 163 31.60 23.31 -5.92
C VAL D 163 32.52 22.09 -5.84
N PRO D 164 32.08 20.93 -6.32
CA PRO D 164 32.91 19.71 -6.27
C PRO D 164 34.00 19.62 -7.34
N ALA D 165 35.00 18.81 -7.03
CA ALA D 165 36.11 18.53 -7.95
C ALA D 165 35.76 17.48 -9.00
N GLY D 166 34.96 16.46 -8.66
CA GLY D 166 34.86 15.27 -9.52
C GLY D 166 33.95 15.46 -10.74
N GLN D 167 34.43 14.98 -11.90
CA GLN D 167 33.73 15.17 -13.17
C GLN D 167 32.30 14.62 -13.13
N THR D 168 32.11 13.47 -12.49
CA THR D 168 30.76 12.89 -12.38
C THR D 168 29.77 13.90 -11.81
N TYR D 169 30.15 14.56 -10.70
CA TYR D 169 29.25 15.52 -10.07
C TYR D 169 29.15 16.81 -10.86
N VAL D 170 30.27 17.24 -11.46
CA VAL D 170 30.25 18.48 -12.22
C VAL D 170 29.33 18.34 -13.43
N ASP D 171 29.45 17.23 -14.15
CA ASP D 171 28.64 16.99 -15.33
C ASP D 171 27.17 16.81 -15.00
N ALA D 172 26.86 16.20 -13.86
CA ALA D 172 25.47 15.94 -13.52
C ALA D 172 24.75 17.21 -13.04
N GLY D 173 25.49 18.19 -12.52
CA GLY D 173 24.83 19.25 -11.79
C GLY D 173 25.07 20.69 -12.20
N TYR D 174 26.09 20.98 -13.00
CA TYR D 174 26.62 22.34 -13.09
C TYR D 174 26.79 22.80 -14.54
N GLU D 175 26.03 23.82 -14.94
CA GLU D 175 26.27 24.52 -16.21
C GLU D 175 27.37 25.54 -15.93
N VAL D 176 28.62 25.08 -16.03
CA VAL D 176 29.76 25.82 -15.48
C VAL D 176 29.83 27.23 -16.07
N ASP D 177 29.74 27.36 -17.40
CA ASP D 177 29.91 28.67 -18.00
C ASP D 177 28.78 29.63 -17.60
N LYS D 178 27.55 29.12 -17.46
CA LYS D 178 26.41 29.96 -17.11
C LYS D 178 26.45 30.40 -15.65
N ILE D 179 26.75 29.45 -14.75
CA ILE D 179 26.77 29.85 -13.34
C ILE D 179 27.92 30.80 -13.07
N ALA D 180 29.06 30.62 -13.74
CA ALA D 180 30.20 31.50 -13.46
C ALA D 180 29.90 32.95 -13.84
N GLN D 181 29.01 33.17 -14.80
CA GLN D 181 28.62 34.53 -15.15
C GLN D 181 27.93 35.23 -14.01
N ASN D 182 27.16 34.48 -13.21
CA ASN D 182 26.28 35.04 -12.20
C ASN D 182 26.87 35.01 -10.79
N LEU D 183 27.92 34.25 -10.57
CA LEU D 183 28.52 34.19 -9.24
C LEU D 183 29.65 35.22 -9.17
N ASP D 184 29.83 35.82 -7.99
CA ASP D 184 31.00 36.68 -7.78
C ASP D 184 32.29 35.89 -7.69
N PHE D 185 32.23 34.69 -7.13
CA PHE D 185 33.39 33.80 -7.08
C PHE D 185 32.91 32.37 -6.82
N VAL D 186 33.80 31.43 -7.15
CA VAL D 186 33.53 30.00 -7.14
C VAL D 186 34.53 29.34 -6.19
N ASN D 187 34.03 28.69 -5.12
CA ASN D 187 34.88 28.09 -4.07
C ASN D 187 35.06 26.62 -4.42
N LEU D 188 36.24 26.26 -4.97
CA LEU D 188 36.48 24.89 -5.46
C LEU D 188 36.93 24.00 -4.29
N MET D 189 36.11 22.98 -3.97
CA MET D 189 36.38 22.06 -2.83
C MET D 189 37.44 21.01 -3.20
N ALA D 190 38.69 21.48 -3.29
CA ALA D 190 39.81 20.66 -3.80
C ALA D 190 40.45 19.84 -2.66
N TYR D 191 39.66 18.92 -2.11
CA TYR D 191 40.06 18.06 -0.99
C TYR D 191 39.05 16.91 -0.93
N ASP D 192 39.20 16.01 0.07
CA ASP D 192 38.41 14.76 0.14
C ASP D 192 38.60 13.89 -1.10
N PHE D 193 39.80 13.93 -1.71
CA PHE D 193 40.06 13.14 -2.92
C PHE D 193 40.19 11.65 -2.62
N HIS D 194 40.61 11.30 -1.40
CA HIS D 194 40.81 9.92 -0.98
C HIS D 194 40.35 9.80 0.46
N GLY D 195 40.03 8.59 0.87
CA GLY D 195 39.58 8.39 2.23
C GLY D 195 39.35 6.93 2.46
N SER D 196 39.00 6.61 3.71
CA SER D 196 38.95 5.21 4.09
C SER D 196 37.79 4.46 3.45
N TRP D 197 36.99 5.07 2.57
CA TRP D 197 36.11 4.29 1.69
C TRP D 197 36.89 3.45 0.71
N GLU D 198 38.14 3.82 0.41
CA GLU D 198 39.03 3.03 -0.41
C GLU D 198 39.82 2.07 0.48
N LYS D 199 40.32 0.99 -0.11
CA LYS D 199 40.97 -0.05 0.70
C LYS D 199 42.49 0.13 0.82
N VAL D 200 43.02 1.29 0.41
CA VAL D 200 44.44 1.59 0.47
C VAL D 200 44.58 3.06 0.88
N THR D 201 45.76 3.42 1.38
CA THR D 201 45.98 4.81 1.78
C THR D 201 46.11 5.68 0.53
N GLY D 202 45.72 6.94 0.68
CA GLY D 202 45.76 7.95 -0.37
C GLY D 202 45.61 9.30 0.32
N HIS D 203 46.11 10.34 -0.34
CA HIS D 203 46.16 11.69 0.27
C HIS D 203 44.86 12.47 0.07
N ASN D 204 44.46 13.20 1.12
CA ASN D 204 43.29 14.07 1.11
C ASN D 204 43.32 15.08 -0.05
N SER D 205 44.51 15.62 -0.37
CA SER D 205 44.52 16.79 -1.26
C SER D 205 45.88 16.87 -1.97
N PRO D 206 46.18 15.89 -2.83
CA PRO D 206 47.47 15.94 -3.56
C PRO D 206 47.38 16.90 -4.73
N LEU D 207 48.52 17.52 -5.06
CA LEU D 207 48.49 18.56 -6.11
C LEU D 207 48.44 17.93 -7.50
N TYR D 208 49.21 16.85 -7.70
CA TYR D 208 49.32 16.17 -8.99
C TYR D 208 49.05 14.67 -8.77
N LYS D 209 48.93 13.94 -9.87
CA LYS D 209 48.77 12.50 -9.79
C LYS D 209 50.09 11.83 -9.43
N ARG D 210 49.99 10.59 -8.93
CA ARG D 210 51.14 9.71 -8.78
C ARG D 210 51.41 9.05 -10.11
N GLN D 211 52.70 8.77 -10.38
CA GLN D 211 53.08 8.13 -11.63
C GLN D 211 52.26 6.86 -11.86
N GLU D 212 51.97 6.11 -10.80
CA GLU D 212 51.26 4.83 -10.95
C GLU D 212 49.78 4.98 -11.30
N GLU D 213 49.19 6.17 -11.19
CA GLU D 213 47.76 6.33 -11.39
C GLU D 213 47.44 6.56 -12.87
N SER D 214 46.36 5.94 -13.33
CA SER D 214 45.86 6.10 -14.68
C SER D 214 44.33 6.02 -14.67
N GLY D 215 43.72 6.31 -15.81
CA GLY D 215 42.27 6.23 -15.89
C GLY D 215 41.62 7.28 -15.00
N ALA D 216 40.45 6.91 -14.44
CA ALA D 216 39.75 7.81 -13.53
C ALA D 216 40.64 8.26 -12.38
N ALA D 217 41.51 7.37 -11.89
CA ALA D 217 42.34 7.70 -10.73
C ALA D 217 43.24 8.90 -11.00
N ALA D 218 43.66 9.10 -12.25
CA ALA D 218 44.55 10.19 -12.63
C ALA D 218 43.88 11.56 -12.53
N SER D 219 42.57 11.63 -12.28
CA SER D 219 41.89 12.91 -12.02
C SER D 219 41.71 13.22 -10.55
N LEU D 220 42.14 12.34 -9.65
CA LEU D 220 41.92 12.56 -8.22
C LEU D 220 43.01 13.45 -7.63
N ASN D 221 43.10 14.70 -8.13
CA ASN D 221 44.11 15.62 -7.61
C ASN D 221 43.70 17.05 -7.92
N VAL D 222 44.35 17.99 -7.22
CA VAL D 222 43.99 19.41 -7.29
C VAL D 222 44.13 19.93 -8.72
N ASP D 223 45.25 19.63 -9.39
CA ASP D 223 45.49 20.17 -10.71
C ASP D 223 44.41 19.74 -11.71
N ALA D 224 44.00 18.46 -11.67
CA ALA D 224 42.93 18.01 -12.56
C ALA D 224 41.63 18.75 -12.30
N ALA D 225 41.31 18.99 -11.02
CA ALA D 225 40.06 19.69 -10.67
C ALA D 225 40.07 21.13 -11.17
N VAL D 226 41.19 21.84 -10.98
CA VAL D 226 41.32 23.21 -11.47
C VAL D 226 41.18 23.24 -12.99
N GLN D 227 41.92 22.37 -13.69
CA GLN D 227 41.85 22.37 -15.16
C GLN D 227 40.42 22.17 -15.63
N GLN D 228 39.68 21.29 -14.95
CA GLN D 228 38.29 21.03 -15.33
C GLN D 228 37.41 22.28 -15.23
N TRP D 229 37.50 22.99 -14.09
CA TRP D 229 36.65 24.18 -13.92
C TRP D 229 37.04 25.31 -14.89
N LEU D 230 38.34 25.44 -15.20
CA LEU D 230 38.77 26.46 -16.16
C LEU D 230 38.34 26.07 -17.57
N GLN D 231 38.56 24.81 -17.93
CA GLN D 231 38.23 24.37 -19.28
C GLN D 231 36.74 24.49 -19.58
N LYS D 232 35.90 24.30 -18.57
CA LYS D 232 34.46 24.38 -18.76
C LYS D 232 33.88 25.79 -18.71
N GLY D 233 34.74 26.80 -18.54
CA GLY D 233 34.36 28.19 -18.71
C GLY D 233 34.38 29.07 -17.47
N THR D 234 35.00 28.66 -16.36
CA THR D 234 35.11 29.58 -15.21
C THR D 234 36.25 30.56 -15.48
N PRO D 235 35.99 31.87 -15.49
CA PRO D 235 37.11 32.82 -15.55
C PRO D 235 38.09 32.55 -14.40
N ALA D 236 39.39 32.54 -14.73
CA ALA D 236 40.38 32.17 -13.71
C ALA D 236 40.30 33.07 -12.48
N SER D 237 40.02 34.36 -12.69
CA SER D 237 39.97 35.30 -11.55
C SER D 237 38.78 35.03 -10.63
N LYS D 238 37.77 34.26 -11.08
CA LYS D 238 36.65 33.89 -10.22
C LYS D 238 36.84 32.54 -9.54
N LEU D 239 37.85 31.77 -9.91
CA LEU D 239 38.05 30.43 -9.35
C LEU D 239 38.96 30.54 -8.13
N ILE D 240 38.45 30.11 -6.96
CA ILE D 240 39.16 30.23 -5.69
C ILE D 240 39.55 28.82 -5.22
N LEU D 241 40.86 28.59 -5.02
CA LEU D 241 41.35 27.21 -4.79
C LEU D 241 41.19 26.83 -3.32
N GLY D 242 40.32 25.85 -3.03
CA GLY D 242 40.18 25.34 -1.67
C GLY D 242 41.43 24.61 -1.20
N MET D 243 41.73 24.79 0.10
CA MET D 243 42.91 24.24 0.77
C MET D 243 42.46 23.74 2.14
N PRO D 244 42.85 22.51 2.55
CA PRO D 244 42.36 21.97 3.83
C PRO D 244 43.31 22.17 4.99
N THR D 245 42.79 22.63 6.15
CA THR D 245 43.55 22.61 7.40
C THR D 245 43.28 21.34 8.21
N TYR D 246 42.94 20.23 7.54
CA TYR D 246 42.74 18.92 8.13
C TYR D 246 43.36 17.88 7.20
N GLY D 247 43.49 16.65 7.73
CA GLY D 247 43.96 15.51 6.97
C GLY D 247 42.93 14.37 7.01
N ARG D 248 43.17 13.33 6.20
CA ARG D 248 42.33 12.13 6.19
C ARG D 248 43.20 10.94 6.62
N SER D 249 42.71 10.18 7.61
CA SER D 249 43.46 9.14 8.31
C SER D 249 42.94 7.74 7.98
N PHE D 250 43.83 6.75 8.13
CA PHE D 250 43.58 5.34 7.82
C PHE D 250 44.18 4.50 8.93
N THR D 251 43.55 3.36 9.22
CA THR D 251 44.21 2.28 9.98
C THR D 251 44.86 1.35 8.96
N LEU D 252 46.17 1.18 9.08
CA LEU D 252 46.93 0.29 8.21
C LEU D 252 46.67 -1.18 8.53
N ALA D 253 46.58 -2.00 7.48
CA ALA D 253 46.48 -3.44 7.69
C ALA D 253 47.72 -3.98 8.41
N SER D 254 48.88 -3.37 8.17
CA SER D 254 50.09 -3.75 8.86
C SER D 254 50.98 -2.52 9.09
N SER D 255 51.52 -2.42 10.30
CA SER D 255 52.43 -1.33 10.60
C SER D 255 53.73 -1.39 9.81
N SER D 256 54.01 -2.51 9.16
CA SER D 256 55.25 -2.59 8.39
C SER D 256 55.09 -2.15 6.95
N ASP D 257 53.87 -1.83 6.49
CA ASP D 257 53.67 -1.33 5.13
C ASP D 257 52.98 0.03 5.26
N THR D 258 53.76 1.11 5.08
CA THR D 258 53.32 2.47 5.37
C THR D 258 53.33 3.38 4.14
N ARG D 259 53.54 2.84 2.94
CA ARG D 259 53.60 3.66 1.74
C ARG D 259 52.24 4.28 1.40
N VAL D 260 52.26 5.30 0.55
CA VAL D 260 51.02 5.70 -0.12
C VAL D 260 50.58 4.53 -1.02
N GLY D 261 49.30 4.15 -0.91
CA GLY D 261 48.79 2.98 -1.58
C GLY D 261 48.89 1.69 -0.79
N ALA D 262 49.36 1.74 0.46
CA ALA D 262 49.44 0.53 1.27
C ALA D 262 48.05 0.09 1.72
N PRO D 263 47.87 -1.22 1.99
CA PRO D 263 46.55 -1.72 2.42
C PRO D 263 46.09 -1.09 3.73
N ALA D 264 44.80 -0.72 3.78
CA ALA D 264 44.16 -0.15 4.95
C ALA D 264 42.90 -0.94 5.28
N THR D 265 42.61 -1.04 6.56
CA THR D 265 41.45 -1.79 7.01
C THR D 265 40.26 -0.90 7.36
N GLY D 266 40.44 0.42 7.39
CA GLY D 266 39.34 1.32 7.64
C GLY D 266 39.88 2.69 8.01
N SER D 267 39.01 3.49 8.60
CA SER D 267 39.39 4.85 8.98
C SER D 267 40.40 4.84 10.14
N GLY D 268 41.15 5.94 10.27
CA GLY D 268 42.05 6.09 11.39
C GLY D 268 41.29 6.42 12.68
N THR D 269 41.98 6.20 13.80
CA THR D 269 41.43 6.46 15.11
C THR D 269 40.91 7.89 15.19
N PRO D 270 39.72 8.11 15.75
CA PRO D 270 39.20 9.49 15.89
C PRO D 270 40.16 10.37 16.69
N GLY D 271 40.21 11.65 16.33
CA GLY D 271 41.06 12.61 17.03
C GLY D 271 40.52 12.94 18.42
N PRO D 272 41.42 13.37 19.31
CA PRO D 272 41.03 13.63 20.73
C PRO D 272 40.09 14.80 20.88
N PHE D 273 40.08 15.74 19.93
CA PHE D 273 39.17 16.86 19.99
C PHE D 273 38.08 16.83 18.93
N THR D 274 38.39 16.32 17.73
CA THR D 274 37.39 16.34 16.67
C THR D 274 36.51 15.10 16.63
N LYS D 275 36.99 13.96 17.17
CA LYS D 275 36.12 12.78 17.47
C LYS D 275 35.34 12.28 16.26
N GLU D 276 36.02 12.17 15.11
CA GLU D 276 35.36 11.72 13.88
C GLU D 276 36.35 10.84 13.11
N GLY D 277 36.16 9.53 13.19
CA GLY D 277 37.06 8.60 12.54
C GLY D 277 37.29 8.92 11.07
N GLY D 278 38.55 8.91 10.63
CA GLY D 278 38.86 9.22 9.23
C GLY D 278 39.34 10.63 8.98
N MET D 279 39.20 11.56 9.96
CA MET D 279 39.62 12.95 9.78
C MET D 279 40.40 13.38 11.01
N LEU D 280 41.36 14.29 10.80
CA LEU D 280 42.05 14.95 11.90
C LEU D 280 42.32 16.41 11.57
N ALA D 281 42.14 17.30 12.56
CA ALA D 281 42.56 18.70 12.42
C ALA D 281 44.08 18.77 12.30
N TYR D 282 44.57 19.84 11.65
CA TYR D 282 46.02 20.08 11.64
C TYR D 282 46.61 20.07 13.05
N TYR D 283 45.94 20.69 14.02
CA TYR D 283 46.50 20.69 15.39
C TYR D 283 46.51 19.32 16.05
N GLU D 284 45.73 18.35 15.54
CA GLU D 284 45.81 16.97 16.03
C GLU D 284 46.98 16.20 15.42
N VAL D 285 47.36 16.54 14.19
CA VAL D 285 48.47 15.90 13.51
C VAL D 285 49.81 16.43 13.98
N CYS D 286 49.93 17.76 14.06
N CYS D 286 49.85 17.69 14.44
CA CYS D 286 51.24 18.40 13.99
CA CYS D 286 50.99 18.22 15.18
C CYS D 286 52.15 18.03 15.14
C CYS D 286 51.26 17.49 16.50
N SER D 287 51.62 17.38 16.17
N SER D 287 50.21 16.99 17.18
CA SER D 287 52.35 17.16 17.40
CA SER D 287 50.39 16.42 18.52
C SER D 287 52.40 15.68 17.79
C SER D 287 50.96 15.00 18.50
N TRP D 288 51.97 14.77 16.91
N TRP D 288 51.37 14.49 17.35
CA TRP D 288 52.12 13.33 17.13
CA TRP D 288 51.92 13.13 17.26
C TRP D 288 53.55 13.04 17.57
C TRP D 288 53.39 13.13 17.67
N LYS D 289 53.71 12.35 18.70
CA LYS D 289 55.05 12.06 19.13
C LYS D 289 55.46 10.68 18.61
N GLY D 290 56.75 10.51 18.33
CA GLY D 290 57.23 9.22 17.85
C GLY D 290 56.79 8.82 16.46
N ALA D 291 56.37 9.76 15.64
CA ALA D 291 55.89 9.46 14.31
C ALA D 291 56.99 9.66 13.27
N THR D 292 56.70 9.27 12.02
CA THR D 292 57.62 9.45 10.91
C THR D 292 56.90 10.24 9.82
N LYS D 293 57.52 11.33 9.36
CA LYS D 293 56.92 12.17 8.30
C LYS D 293 57.65 11.90 6.99
N GLN D 294 56.89 11.82 5.89
CA GLN D 294 57.43 11.61 4.56
C GLN D 294 56.67 12.52 3.62
N ARG D 295 57.28 12.87 2.49
CA ARG D 295 56.59 13.60 1.44
C ARG D 295 56.37 12.67 0.25
N ILE D 296 55.20 12.79 -0.37
CA ILE D 296 54.89 12.11 -1.63
C ILE D 296 55.49 12.96 -2.74
N GLN D 297 56.62 12.51 -3.31
CA GLN D 297 57.39 13.32 -4.24
C GLN D 297 56.57 13.76 -5.46
N ASP D 298 55.80 12.85 -6.07
CA ASP D 298 55.01 13.25 -7.24
C ASP D 298 53.89 14.22 -6.88
N GLN D 299 53.36 14.15 -5.65
CA GLN D 299 52.13 14.88 -5.33
C GLN D 299 52.35 16.13 -4.50
N LYS D 300 53.58 16.39 -4.03
N LYS D 300 53.59 16.39 -4.03
CA LYS D 300 53.97 17.64 -3.38
CA LYS D 300 53.99 17.63 -3.37
C LYS D 300 53.27 17.84 -2.03
C LYS D 300 53.33 17.84 -2.01
N VAL D 301 52.95 16.76 -1.33
CA VAL D 301 52.24 16.84 -0.02
C VAL D 301 52.77 15.78 0.93
N PRO D 302 52.66 16.02 2.24
CA PRO D 302 53.19 15.08 3.24
C PRO D 302 52.17 14.08 3.79
N TYR D 303 52.72 13.02 4.40
CA TYR D 303 51.93 12.14 5.25
C TYR D 303 52.78 11.80 6.47
N ILE D 304 52.14 11.30 7.51
CA ILE D 304 52.86 10.89 8.71
C ILE D 304 52.24 9.59 9.18
N PHE D 305 53.06 8.74 9.82
CA PHE D 305 52.58 7.45 10.32
C PHE D 305 53.20 7.15 11.67
N ARG D 306 52.48 6.34 12.44
CA ARG D 306 52.94 5.83 13.75
C ARG D 306 52.16 4.55 14.03
N ASP D 307 52.88 3.46 14.30
CA ASP D 307 52.28 2.15 14.46
CA ASP D 307 52.28 2.14 14.45
C ASP D 307 51.34 1.88 13.28
N ASN D 308 50.07 1.57 13.55
CA ASN D 308 49.13 1.26 12.46
C ASN D 308 48.28 2.44 12.00
N GLN D 309 48.68 3.68 12.31
CA GLN D 309 47.93 4.88 11.93
C GLN D 309 48.71 5.69 10.90
N TRP D 310 47.98 6.19 9.89
CA TRP D 310 48.56 6.88 8.73
C TRP D 310 47.66 8.06 8.42
N VAL D 311 48.21 9.26 8.22
CA VAL D 311 47.39 10.44 7.90
CA VAL D 311 47.39 10.43 7.89
C VAL D 311 48.07 11.26 6.83
N GLY D 312 47.32 11.61 5.77
CA GLY D 312 47.75 12.54 4.74
C GLY D 312 47.14 13.90 5.03
N PHE D 313 47.99 14.92 5.09
CA PHE D 313 47.57 16.25 5.50
C PHE D 313 48.37 17.30 4.71
N ASP D 314 48.05 18.57 4.97
CA ASP D 314 48.79 19.70 4.40
C ASP D 314 49.58 20.42 5.48
N ASP D 315 50.79 20.85 5.12
CA ASP D 315 51.68 21.60 6.02
C ASP D 315 52.01 22.97 5.40
N VAL D 316 52.89 23.73 6.06
CA VAL D 316 53.27 25.05 5.55
C VAL D 316 53.88 24.93 4.16
N GLU D 317 54.77 23.94 3.97
CA GLU D 317 55.44 23.76 2.69
C GLU D 317 54.43 23.45 1.57
N SER D 318 53.43 22.58 1.84
CA SER D 318 52.48 22.26 0.77
C SER D 318 51.54 23.42 0.46
N PHE D 319 51.15 24.21 1.48
CA PHE D 319 50.39 25.42 1.21
C PHE D 319 51.19 26.41 0.34
N LYS D 320 52.50 26.60 0.62
CA LYS D 320 53.31 27.46 -0.23
C LYS D 320 53.33 26.95 -1.67
N THR D 321 53.49 25.64 -1.85
CA THR D 321 53.53 25.06 -3.19
C THR D 321 52.23 25.32 -3.92
N LYS D 322 51.09 25.14 -3.21
CA LYS D 322 49.78 25.35 -3.83
C LYS D 322 49.53 26.82 -4.17
N VAL D 323 50.03 27.76 -3.36
CA VAL D 323 49.92 29.18 -3.73
C VAL D 323 50.75 29.47 -4.98
N SER D 324 51.96 28.94 -5.06
CA SER D 324 52.75 29.15 -6.28
C SER D 324 52.00 28.62 -7.49
N TYR D 325 51.38 27.44 -7.33
CA TYR D 325 50.59 26.83 -8.40
C TYR D 325 49.41 27.73 -8.81
N LEU D 326 48.64 28.21 -7.83
CA LEU D 326 47.46 28.97 -8.21
C LEU D 326 47.85 30.27 -8.89
N LYS D 327 49.00 30.85 -8.55
CA LYS D 327 49.43 32.04 -9.25
C LYS D 327 49.78 31.74 -10.72
N GLN D 328 50.42 30.58 -10.98
CA GLN D 328 50.72 30.21 -12.36
C GLN D 328 49.45 30.08 -13.20
N LYS D 329 48.35 29.61 -12.56
CA LYS D 329 47.05 29.46 -13.22
C LYS D 329 46.24 30.75 -13.28
N GLY D 330 46.72 31.81 -12.63
CA GLY D 330 45.97 33.07 -12.61
C GLY D 330 44.71 33.04 -11.79
N LEU D 331 44.62 32.16 -10.80
CA LEU D 331 43.37 32.03 -10.03
C LEU D 331 43.17 33.24 -9.12
N GLY D 332 41.91 33.40 -8.66
CA GLY D 332 41.52 34.59 -7.91
C GLY D 332 41.93 34.58 -6.45
N GLY D 333 42.40 33.45 -5.94
CA GLY D 333 42.84 33.36 -4.55
C GLY D 333 42.75 31.94 -4.02
N ALA D 334 42.73 31.84 -2.69
CA ALA D 334 42.64 30.58 -1.97
C ALA D 334 41.41 30.61 -1.06
N MET D 335 40.84 29.44 -0.82
CA MET D 335 39.72 29.28 0.11
C MET D 335 40.15 28.20 1.12
N VAL D 336 39.66 28.28 2.36
CA VAL D 336 40.17 27.42 3.43
C VAL D 336 39.02 26.79 4.20
N TRP D 337 39.06 25.45 4.32
CA TRP D 337 38.23 24.67 5.27
C TRP D 337 39.19 24.08 6.29
N ALA D 338 39.20 24.56 7.54
CA ALA D 338 38.38 25.65 8.14
C ALA D 338 39.21 26.33 9.22
N LEU D 339 38.77 27.52 9.66
CA LEU D 339 39.55 28.31 10.62
C LEU D 339 39.79 27.53 11.92
N ASP D 340 38.79 26.81 12.41
CA ASP D 340 38.89 26.12 13.71
C ASP D 340 39.71 24.84 13.62
N LEU D 341 40.18 24.44 12.42
CA LEU D 341 41.02 23.24 12.27
C LEU D 341 42.50 23.56 12.16
N ASP D 342 42.85 24.79 11.78
CA ASP D 342 44.22 25.25 11.91
C ASP D 342 44.55 25.37 13.40
N ASP D 343 45.83 25.54 13.73
CA ASP D 343 46.19 25.80 15.13
C ASP D 343 45.92 27.28 15.42
N PHE D 344 44.62 27.57 15.64
CA PHE D 344 44.15 28.96 15.64
C PHE D 344 44.66 29.77 16.83
N ALA D 345 45.05 29.12 17.93
CA ALA D 345 45.57 29.87 19.08
C ALA D 345 47.02 29.48 19.41
N GLY D 346 47.71 28.80 18.49
CA GLY D 346 49.08 28.36 18.77
C GLY D 346 49.23 27.40 19.95
N PHE D 347 48.21 26.56 20.21
CA PHE D 347 48.20 25.72 21.41
C PHE D 347 48.80 24.34 21.19
N SER D 348 49.17 23.99 19.95
CA SER D 348 49.61 22.62 19.71
C SER D 348 50.93 22.50 18.95
N CYS D 349 51.13 23.31 17.91
CA CYS D 349 52.17 23.06 16.91
C CYS D 349 53.45 23.83 17.16
N ASN D 350 53.48 24.75 18.14
CA ASN D 350 54.66 25.61 18.41
C ASN D 350 55.06 26.43 17.19
N GLN D 351 54.04 26.85 16.42
CA GLN D 351 54.22 27.65 15.21
C GLN D 351 53.47 28.99 15.26
N GLY D 352 52.97 29.40 16.45
CA GLY D 352 52.19 30.62 16.56
C GLY D 352 50.75 30.44 16.15
N ARG D 353 50.01 31.57 16.13
CA ARG D 353 48.59 31.57 15.72
C ARG D 353 48.46 31.28 14.23
N TYR D 354 47.50 30.44 13.88
CA TYR D 354 47.14 30.22 12.48
C TYR D 354 48.33 29.94 11.56
N PRO D 355 49.16 28.94 11.88
CA PRO D 355 50.35 28.72 11.03
C PRO D 355 50.04 28.45 9.57
N LEU D 356 48.99 27.67 9.28
CA LEU D 356 48.64 27.36 7.89
C LEU D 356 47.99 28.57 7.20
N ILE D 357 46.99 29.19 7.82
CA ILE D 357 46.29 30.27 7.10
C ILE D 357 47.13 31.55 7.03
N GLN D 358 47.96 31.81 8.04
CA GLN D 358 48.90 32.94 7.92
C GLN D 358 49.89 32.74 6.77
N THR D 359 50.27 31.49 6.48
CA THR D 359 51.12 31.21 5.33
C THR D 359 50.42 31.67 4.04
N LEU D 360 49.14 31.35 3.91
CA LEU D 360 48.38 31.82 2.75
C LEU D 360 48.38 33.34 2.68
N ARG D 361 48.06 34.02 3.80
CA ARG D 361 48.07 35.48 3.78
C ARG D 361 49.43 36.02 3.32
N GLN D 362 50.54 35.45 3.84
CA GLN D 362 51.86 35.98 3.47
C GLN D 362 52.22 35.66 2.02
N GLU D 363 51.86 34.47 1.54
CA GLU D 363 52.26 34.07 0.18
C GLU D 363 51.37 34.65 -0.93
N LEU D 364 50.11 34.99 -0.63
CA LEU D 364 49.21 35.51 -1.66
C LEU D 364 49.60 36.89 -2.12
N SER D 365 50.32 37.64 -1.29
CA SER D 365 50.89 38.94 -1.62
C SER D 365 51.76 38.88 -2.87
N ALA E 1 38.79 -45.83 -14.20
CA ALA E 1 38.60 -44.41 -14.52
C ALA E 1 37.93 -44.23 -15.88
N LYS E 2 37.16 -43.18 -16.00
CA LYS E 2 36.55 -42.81 -17.28
C LYS E 2 37.45 -41.84 -18.03
N LEU E 3 37.43 -41.93 -19.36
CA LEU E 3 38.02 -40.94 -20.26
C LEU E 3 36.89 -40.56 -21.22
N VAL E 4 36.30 -39.39 -20.97
CA VAL E 4 35.11 -38.93 -21.68
C VAL E 4 35.55 -37.93 -22.74
N CYS E 5 35.33 -38.21 -24.03
CA CYS E 5 35.85 -37.38 -25.11
C CYS E 5 34.73 -36.84 -25.99
N TYR E 6 34.78 -35.54 -26.31
CA TYR E 6 33.74 -34.91 -27.13
C TYR E 6 34.16 -34.82 -28.60
N PHE E 7 33.24 -35.29 -29.47
CA PHE E 7 33.28 -35.12 -30.92
C PHE E 7 32.41 -33.90 -31.26
N THR E 8 32.78 -33.14 -32.31
CA THR E 8 31.98 -31.99 -32.73
C THR E 8 31.54 -32.14 -34.19
N ASN E 9 30.25 -31.89 -34.46
CA ASN E 9 29.69 -32.17 -35.78
C ASN E 9 29.89 -31.02 -36.77
N TRP E 10 30.65 -29.96 -36.39
CA TRP E 10 31.07 -28.94 -37.34
C TRP E 10 32.55 -29.05 -37.70
N ALA E 11 33.30 -29.96 -37.04
CA ALA E 11 34.72 -30.11 -37.39
C ALA E 11 34.87 -30.70 -38.79
N GLN E 12 33.79 -31.29 -39.35
CA GLN E 12 33.81 -31.80 -40.73
C GLN E 12 34.01 -30.69 -41.76
N TYR E 13 33.95 -29.42 -41.34
CA TYR E 13 34.07 -28.28 -42.26
C TYR E 13 35.43 -27.59 -42.17
N ARG E 14 36.32 -28.08 -41.31
CA ARG E 14 37.65 -27.48 -41.21
C ARG E 14 38.45 -27.75 -42.49
N GLN E 15 39.34 -26.81 -42.81
CA GLN E 15 40.11 -26.82 -44.04
C GLN E 15 41.22 -27.88 -43.99
N GLY E 16 41.51 -28.47 -45.16
CA GLY E 16 42.72 -29.29 -45.31
C GLY E 16 42.81 -30.46 -44.32
N GLU E 17 44.01 -30.66 -43.76
CA GLU E 17 44.26 -31.80 -42.87
C GLU E 17 43.54 -31.69 -41.53
N ALA E 18 42.96 -30.55 -41.19
CA ALA E 18 42.20 -30.36 -39.96
C ALA E 18 40.77 -30.91 -40.04
N ARG E 19 40.28 -31.26 -41.23
CA ARG E 19 38.91 -31.76 -41.36
C ARG E 19 38.73 -33.06 -40.55
N PHE E 20 37.66 -33.12 -39.75
CA PHE E 20 37.47 -34.25 -38.85
C PHE E 20 36.08 -34.86 -39.05
N LEU E 21 36.03 -36.17 -39.37
CA LEU E 21 34.77 -36.90 -39.49
C LEU E 21 34.79 -38.14 -38.58
N PRO E 22 33.69 -38.90 -38.47
CA PRO E 22 33.75 -40.06 -37.53
C PRO E 22 34.86 -41.06 -37.87
N LYS E 23 35.23 -41.22 -39.15
CA LYS E 23 36.32 -42.11 -39.53
C LYS E 23 37.65 -41.77 -38.83
N ASP E 24 37.79 -40.54 -38.34
CA ASP E 24 39.02 -40.08 -37.67
C ASP E 24 39.03 -40.39 -36.18
N LEU E 25 37.94 -40.92 -35.65
CA LEU E 25 37.87 -41.34 -34.24
C LEU E 25 38.61 -42.65 -34.04
N ASP E 26 39.30 -42.77 -32.91
CA ASP E 26 39.91 -44.02 -32.48
C ASP E 26 38.94 -44.72 -31.52
N PRO E 27 38.44 -45.92 -31.87
CA PRO E 27 37.38 -46.57 -31.04
C PRO E 27 37.79 -46.94 -29.64
N SER E 28 39.09 -47.05 -29.33
CA SER E 28 39.52 -47.46 -27.99
C SER E 28 40.25 -46.38 -27.22
N LEU E 29 40.38 -45.19 -27.79
CA LEU E 29 41.11 -44.11 -27.12
C LEU E 29 40.41 -43.68 -25.82
N CYS E 30 39.09 -43.57 -25.86
CA CYS E 30 38.28 -43.09 -24.75
C CYS E 30 37.31 -44.17 -24.29
N THR E 31 36.84 -44.04 -23.05
CA THR E 31 35.79 -44.96 -22.57
C THR E 31 34.39 -44.51 -22.97
N HIS E 32 34.16 -43.21 -23.11
CA HIS E 32 32.85 -42.65 -23.47
C HIS E 32 33.11 -41.62 -24.55
N LEU E 33 32.29 -41.64 -25.62
CA LEU E 33 32.35 -40.60 -26.65
C LEU E 33 31.03 -39.85 -26.63
N ILE E 34 31.11 -38.52 -26.60
CA ILE E 34 29.93 -37.67 -26.53
C ILE E 34 29.86 -36.82 -27.78
N TYR E 35 28.70 -36.87 -28.46
CA TYR E 35 28.50 -36.22 -29.77
C TYR E 35 27.89 -34.82 -29.56
N ALA E 36 28.64 -33.76 -29.88
CA ALA E 36 28.17 -32.38 -29.72
C ALA E 36 27.88 -31.78 -31.10
N PHE E 37 26.73 -31.12 -31.30
CA PHE E 37 25.57 -31.02 -30.40
C PHE E 37 24.30 -31.35 -31.18
N ALA E 38 23.31 -31.87 -30.47
CA ALA E 38 21.93 -31.88 -30.93
C ALA E 38 21.23 -30.60 -30.48
N GLY E 39 20.07 -30.34 -31.10
CA GLY E 39 19.24 -29.18 -30.76
C GLY E 39 17.86 -29.58 -30.29
N MET E 40 16.91 -28.66 -30.41
CA MET E 40 15.55 -28.92 -29.94
C MET E 40 14.57 -28.23 -30.87
N THR E 41 13.49 -28.94 -31.20
CA THR E 41 12.43 -28.43 -32.09
C THR E 41 11.12 -28.82 -31.45
N ASN E 42 10.26 -27.83 -31.12
CA ASN E 42 8.97 -28.13 -30.49
C ASN E 42 9.12 -29.02 -29.26
N HIS E 43 10.15 -28.73 -28.46
CA HIS E 43 10.43 -29.42 -27.19
C HIS E 43 10.95 -30.83 -27.39
N GLN E 44 11.38 -31.19 -28.61
CA GLN E 44 11.90 -32.55 -28.90
C GLN E 44 13.36 -32.49 -29.32
N LEU E 45 14.12 -33.50 -28.92
CA LEU E 45 15.50 -33.64 -29.37
C LEU E 45 15.55 -33.70 -30.91
N SER E 46 16.48 -32.95 -31.52
CA SER E 46 16.55 -32.88 -32.99
C SER E 46 17.98 -32.71 -33.50
N THR E 47 18.14 -33.00 -34.80
CA THR E 47 19.47 -32.84 -35.42
C THR E 47 19.78 -31.37 -35.69
N THR E 48 21.07 -31.08 -35.92
CA THR E 48 21.55 -29.74 -36.27
C THR E 48 22.32 -29.65 -37.58
N GLU E 49 22.82 -30.78 -38.13
CA GLU E 49 23.53 -30.79 -39.39
C GLU E 49 22.84 -31.74 -40.37
N TRP E 50 22.93 -31.39 -41.67
CA TRP E 50 22.27 -32.14 -42.75
C TRP E 50 22.58 -33.62 -42.72
N ASN E 51 23.79 -34.00 -42.26
CA ASN E 51 24.21 -35.41 -42.32
C ASN E 51 24.24 -36.06 -40.94
N ASP E 52 23.59 -35.46 -39.93
CA ASP E 52 23.68 -36.06 -38.58
C ASP E 52 23.19 -37.52 -38.56
N GLU E 53 22.11 -37.86 -39.28
CA GLU E 53 21.65 -39.26 -39.20
C GLU E 53 22.75 -40.20 -39.68
N THR E 54 23.43 -39.84 -40.77
CA THR E 54 24.55 -40.63 -41.24
C THR E 54 25.69 -40.65 -40.24
N LEU E 55 26.09 -39.47 -39.73
CA LEU E 55 27.20 -39.44 -38.77
C LEU E 55 26.87 -40.19 -37.48
N TYR E 56 25.61 -40.09 -37.00
CA TYR E 56 25.21 -40.87 -35.82
C TYR E 56 25.43 -42.35 -36.06
N GLN E 57 25.08 -42.83 -37.26
CA GLN E 57 25.26 -44.25 -37.54
C GLN E 57 26.74 -44.64 -37.58
N GLU E 58 27.61 -43.78 -38.14
CA GLU E 58 29.05 -44.08 -38.14
C GLU E 58 29.61 -44.04 -36.73
N PHE E 59 29.22 -43.01 -35.95
CA PHE E 59 29.67 -42.81 -34.57
C PHE E 59 29.31 -44.01 -33.68
N ASN E 60 28.02 -44.37 -33.64
CA ASN E 60 27.61 -45.52 -32.85
C ASN E 60 28.09 -46.84 -33.46
N GLY E 61 28.35 -46.87 -34.77
CA GLY E 61 28.94 -48.02 -35.44
C GLY E 61 30.31 -48.39 -34.92
N LEU E 62 31.02 -47.44 -34.29
CA LEU E 62 32.29 -47.76 -33.63
C LEU E 62 32.14 -48.88 -32.65
N LYS E 63 30.93 -49.03 -32.07
CA LYS E 63 30.75 -50.07 -31.06
C LYS E 63 30.73 -51.47 -31.65
N LYS E 64 30.66 -51.59 -32.98
CA LYS E 64 30.84 -52.90 -33.60
C LYS E 64 32.28 -53.39 -33.45
N MET E 65 33.26 -52.47 -33.35
CA MET E 65 34.65 -52.83 -33.10
C MET E 65 35.02 -52.83 -31.61
N ASN E 66 34.30 -52.08 -30.78
CA ASN E 66 34.59 -51.99 -29.35
C ASN E 66 33.26 -51.88 -28.62
N PRO E 67 32.63 -53.01 -28.31
CA PRO E 67 31.31 -52.98 -27.68
C PRO E 67 31.33 -52.49 -26.22
N LYS E 68 32.51 -52.32 -25.62
CA LYS E 68 32.62 -51.72 -24.30
C LYS E 68 32.51 -50.21 -24.32
N LEU E 69 32.72 -49.59 -25.47
CA LEU E 69 32.58 -48.15 -25.60
C LEU E 69 31.13 -47.72 -25.35
N LYS E 70 30.95 -46.59 -24.65
CA LYS E 70 29.64 -46.02 -24.39
C LYS E 70 29.56 -44.70 -25.15
N THR E 71 28.43 -44.47 -25.85
CA THR E 71 28.22 -43.20 -26.56
C THR E 71 27.06 -42.41 -25.97
N LEU E 72 27.19 -41.08 -25.99
CA LEU E 72 26.11 -40.19 -25.59
C LEU E 72 25.95 -39.08 -26.62
N LEU E 73 24.76 -38.50 -26.64
CA LEU E 73 24.44 -37.31 -27.46
C LEU E 73 24.27 -36.12 -26.52
N ALA E 74 25.02 -35.03 -26.80
CA ALA E 74 24.96 -33.79 -26.01
C ALA E 74 23.97 -32.82 -26.66
N ILE E 75 23.07 -32.26 -25.86
CA ILE E 75 22.12 -31.26 -26.34
C ILE E 75 22.48 -29.90 -25.75
N GLY E 76 22.53 -28.88 -26.61
CA GLY E 76 22.74 -27.52 -26.17
C GLY E 76 23.99 -26.88 -26.78
N GLY E 77 24.88 -26.41 -25.90
CA GLY E 77 26.09 -25.71 -26.33
C GLY E 77 25.97 -24.20 -26.17
N TRP E 78 26.97 -23.49 -26.74
CA TRP E 78 27.06 -22.04 -26.60
C TRP E 78 26.34 -21.27 -27.70
N ASN E 79 25.98 -21.91 -28.80
CA ASN E 79 25.11 -21.34 -29.83
C ASN E 79 23.83 -22.14 -29.74
N PHE E 80 22.88 -21.64 -28.95
N PHE E 80 22.95 -21.70 -28.86
CA PHE E 80 21.61 -22.36 -28.81
CA PHE E 80 21.69 -22.36 -28.57
C PHE E 80 20.52 -21.32 -28.54
C PHE E 80 20.82 -21.42 -27.75
N GLY E 81 19.34 -21.53 -29.12
N GLY E 81 19.57 -21.26 -28.16
CA GLY E 81 18.23 -20.60 -29.00
CA GLY E 81 18.64 -20.41 -27.44
C GLY E 81 17.83 -20.33 -27.57
C GLY E 81 18.31 -20.96 -26.07
N THR E 82 17.70 -19.03 -27.23
N THR E 82 18.86 -20.33 -25.03
CA THR E 82 17.80 -18.56 -25.84
CA THR E 82 18.50 -20.65 -23.64
C THR E 82 16.73 -19.16 -24.93
C THR E 82 16.98 -20.70 -23.44
N GLN E 83 15.52 -19.35 -25.45
N GLN E 83 16.26 -19.95 -24.27
CA GLN E 83 14.39 -19.73 -24.62
CA GLN E 83 14.80 -19.90 -24.23
C GLN E 83 14.03 -21.21 -24.73
C GLN E 83 14.19 -21.28 -24.54
N LYS E 84 14.80 -22.02 -25.46
CA LYS E 84 14.31 -23.39 -25.74
C LYS E 84 14.35 -24.29 -24.51
N PHE E 85 15.43 -24.24 -23.73
CA PHE E 85 15.45 -25.01 -22.48
C PHE E 85 14.40 -24.50 -21.51
N THR E 86 14.34 -23.17 -21.30
CA THR E 86 13.38 -22.59 -20.34
C THR E 86 11.94 -23.00 -20.67
N ASP E 87 11.56 -22.94 -21.97
CA ASP E 87 10.17 -23.25 -22.30
C ASP E 87 9.87 -24.73 -22.18
N MET E 88 10.88 -25.58 -22.45
CA MET E 88 10.67 -27.02 -22.31
C MET E 88 10.51 -27.41 -20.83
N VAL E 89 11.32 -26.83 -19.95
CA VAL E 89 11.26 -27.22 -18.53
C VAL E 89 10.13 -26.52 -17.78
N ALA E 90 9.45 -25.54 -18.41
CA ALA E 90 8.48 -24.73 -17.69
C ALA E 90 7.20 -25.49 -17.34
N THR E 91 6.85 -26.55 -18.06
CA THR E 91 5.59 -27.25 -17.80
C THR E 91 5.82 -28.74 -17.78
N ALA E 92 4.95 -29.46 -17.04
CA ALA E 92 5.05 -30.92 -16.96
C ALA E 92 4.80 -31.56 -18.33
N ASN E 93 3.84 -31.00 -19.10
N ASN E 93 3.87 -31.01 -19.12
CA ASN E 93 3.56 -31.50 -20.44
CA ASN E 93 3.61 -31.62 -20.42
C ASN E 93 4.80 -31.43 -21.32
C ASN E 93 4.77 -31.42 -21.39
N ASN E 94 5.48 -30.28 -21.31
CA ASN E 94 6.63 -30.09 -22.22
C ASN E 94 7.84 -30.94 -21.79
N ARG E 95 8.05 -31.10 -20.48
CA ARG E 95 9.11 -32.02 -20.05
C ARG E 95 8.82 -33.44 -20.50
N GLN E 96 7.54 -33.86 -20.42
CA GLN E 96 7.18 -35.21 -20.83
C GLN E 96 7.39 -35.41 -22.33
N THR E 97 7.05 -34.38 -23.12
CA THR E 97 7.32 -34.43 -24.57
C THR E 97 8.80 -34.62 -24.83
N PHE E 98 9.64 -33.87 -24.11
CA PHE E 98 11.08 -33.96 -24.34
C PHE E 98 11.62 -35.32 -23.92
N VAL E 99 11.24 -35.77 -22.71
CA VAL E 99 11.77 -37.05 -22.20
C VAL E 99 11.38 -38.20 -23.13
N ASN E 100 10.11 -38.24 -23.55
CA ASN E 100 9.68 -39.35 -24.40
C ASN E 100 10.33 -39.29 -25.78
N SER E 101 10.50 -38.09 -26.33
CA SER E 101 11.18 -37.96 -27.62
C SER E 101 12.64 -38.39 -27.52
N ALA E 102 13.28 -38.09 -26.37
CA ALA E 102 14.70 -38.41 -26.19
C ALA E 102 14.91 -39.92 -26.16
N ILE E 103 14.08 -40.65 -25.42
CA ILE E 103 14.13 -42.11 -25.43
C ILE E 103 14.00 -42.63 -26.86
N ARG E 104 12.96 -42.17 -27.59
CA ARG E 104 12.75 -42.70 -28.95
C ARG E 104 13.96 -42.42 -29.85
N PHE E 105 14.47 -41.19 -29.80
CA PHE E 105 15.56 -40.72 -30.66
C PHE E 105 16.86 -41.45 -30.31
N LEU E 106 17.21 -41.53 -29.00
CA LEU E 106 18.45 -42.20 -28.61
C LEU E 106 18.42 -43.70 -28.99
N ARG E 107 17.28 -44.37 -28.78
CA ARG E 107 17.19 -45.77 -29.20
C ARG E 107 17.27 -45.92 -30.72
N LYS E 108 16.61 -45.03 -31.47
CA LYS E 108 16.60 -45.14 -32.93
C LYS E 108 18.02 -45.14 -33.49
N TYR E 109 18.89 -44.26 -32.98
CA TYR E 109 20.23 -44.07 -33.52
C TYR E 109 21.30 -44.84 -32.76
N SER E 110 20.92 -45.57 -31.72
CA SER E 110 21.82 -46.45 -30.94
C SER E 110 22.81 -45.68 -30.09
N PHE E 111 22.38 -44.55 -29.50
CA PHE E 111 23.14 -43.91 -28.44
C PHE E 111 22.88 -44.60 -27.11
N ASP E 112 23.89 -44.55 -26.23
CA ASP E 112 23.75 -45.12 -24.89
C ASP E 112 23.30 -44.11 -23.83
N GLY E 113 23.16 -42.83 -24.16
CA GLY E 113 22.69 -41.88 -23.18
C GLY E 113 22.65 -40.45 -23.70
N LEU E 114 22.29 -39.54 -22.79
CA LEU E 114 22.06 -38.12 -23.08
C LEU E 114 22.97 -37.31 -22.16
N ASP E 115 23.65 -36.30 -22.74
CA ASP E 115 24.46 -35.34 -21.99
C ASP E 115 23.82 -33.96 -22.11
N LEU E 116 23.56 -33.31 -20.94
CA LEU E 116 22.85 -32.02 -20.92
C LEU E 116 23.90 -30.90 -20.94
N ASP E 117 23.86 -30.03 -21.97
CA ASP E 117 24.85 -28.93 -22.07
C ASP E 117 24.11 -27.59 -22.19
N TRP E 118 23.20 -27.33 -21.25
CA TRP E 118 22.52 -26.04 -21.17
C TRP E 118 23.50 -24.99 -20.63
N GLU E 119 23.70 -23.89 -21.37
CA GLU E 119 24.53 -22.74 -20.94
C GLU E 119 23.65 -21.50 -20.75
N TYR E 120 23.16 -21.22 -19.52
CA TYR E 120 23.19 -22.02 -18.28
C TYR E 120 21.82 -21.74 -17.60
N PRO E 121 21.27 -22.71 -16.86
CA PRO E 121 20.06 -22.42 -16.07
C PRO E 121 20.33 -21.29 -15.09
N GLY E 122 19.40 -20.33 -15.02
CA GLY E 122 19.54 -19.22 -14.07
C GLY E 122 20.48 -18.09 -14.47
N SER E 123 21.13 -18.18 -15.63
CA SER E 123 22.03 -17.13 -16.08
C SER E 123 21.84 -16.90 -17.58
N GLN E 124 22.47 -15.84 -18.07
CA GLN E 124 22.50 -15.50 -19.49
C GLN E 124 21.09 -15.51 -20.10
N GLY E 125 20.13 -14.93 -19.39
CA GLY E 125 18.78 -14.79 -19.87
C GLY E 125 17.80 -15.72 -19.20
N SER E 126 18.26 -16.80 -18.62
CA SER E 126 17.38 -17.79 -18.03
C SER E 126 16.95 -17.35 -16.65
N PRO E 127 15.64 -17.37 -16.33
CA PRO E 127 15.19 -16.86 -15.04
C PRO E 127 15.61 -17.74 -13.88
N ALA E 128 15.49 -17.16 -12.68
CA ALA E 128 15.97 -17.82 -11.48
C ALA E 128 15.23 -19.12 -11.20
N VAL E 129 13.95 -19.20 -11.58
CA VAL E 129 13.18 -20.44 -11.38
C VAL E 129 13.78 -21.62 -12.14
N ASP E 130 14.63 -21.38 -13.15
CA ASP E 130 15.19 -22.49 -13.92
C ASP E 130 16.18 -23.31 -13.11
N LYS E 131 16.68 -22.78 -11.98
CA LYS E 131 17.52 -23.57 -11.09
C LYS E 131 16.77 -24.83 -10.61
N GLU E 132 15.58 -24.63 -10.01
CA GLU E 132 14.81 -25.79 -9.57
C GLU E 132 14.19 -26.56 -10.72
N ARG E 133 13.86 -25.89 -11.84
CA ARG E 133 13.28 -26.60 -12.97
C ARG E 133 14.31 -27.52 -13.63
N PHE E 134 15.60 -27.15 -13.60
CA PHE E 134 16.64 -28.03 -14.10
C PHE E 134 16.76 -29.29 -13.24
N THR E 135 16.66 -29.15 -11.91
CA THR E 135 16.63 -30.32 -11.04
C THR E 135 15.46 -31.23 -11.44
N THR E 136 14.27 -30.65 -11.64
CA THR E 136 13.13 -31.49 -12.02
C THR E 136 13.37 -32.18 -13.37
N LEU E 137 13.96 -31.48 -14.34
CA LEU E 137 14.29 -32.11 -15.63
C LEU E 137 15.23 -33.30 -15.43
N VAL E 138 16.30 -33.10 -14.65
CA VAL E 138 17.24 -34.20 -14.37
C VAL E 138 16.52 -35.39 -13.71
N GLN E 139 15.66 -35.12 -12.71
CA GLN E 139 14.91 -36.18 -12.07
C GLN E 139 13.97 -36.89 -13.06
N ASP E 140 13.26 -36.13 -13.90
CA ASP E 140 12.33 -36.74 -14.86
C ASP E 140 13.06 -37.65 -15.83
N LEU E 141 14.21 -37.18 -16.37
CA LEU E 141 15.01 -38.02 -17.28
C LEU E 141 15.50 -39.28 -16.58
N ALA E 142 16.09 -39.13 -15.39
CA ALA E 142 16.63 -40.28 -14.67
C ALA E 142 15.54 -41.34 -14.40
N ASN E 143 14.36 -40.89 -13.94
CA ASN E 143 13.24 -41.79 -13.67
C ASN E 143 12.77 -42.48 -14.95
N ALA E 144 12.61 -41.72 -16.04
CA ALA E 144 12.11 -42.30 -17.29
C ALA E 144 13.11 -43.29 -17.88
N PHE E 145 14.40 -43.01 -17.76
CA PHE E 145 15.41 -43.94 -18.26
C PHE E 145 15.39 -45.25 -17.45
N GLN E 146 15.27 -45.14 -16.12
CA GLN E 146 15.20 -46.32 -15.28
C GLN E 146 13.99 -47.18 -15.64
N GLN E 147 12.81 -46.55 -15.84
CA GLN E 147 11.59 -47.29 -16.18
C GLN E 147 11.67 -47.91 -17.57
N GLU E 148 12.22 -47.19 -18.55
CA GLU E 148 12.24 -47.72 -19.90
C GLU E 148 13.15 -48.93 -20.01
N ALA E 149 14.22 -48.95 -19.20
CA ALA E 149 15.09 -50.12 -19.23
C ALA E 149 14.31 -51.34 -18.81
N GLN E 150 13.45 -51.19 -17.81
CA GLN E 150 12.63 -52.32 -17.37
C GLN E 150 11.63 -52.74 -18.46
N THR E 151 10.93 -51.75 -19.07
CA THR E 151 9.88 -52.06 -20.03
C THR E 151 10.47 -52.67 -21.30
N SER E 152 11.60 -52.14 -21.76
CA SER E 152 12.17 -52.53 -23.04
C SER E 152 13.14 -53.71 -22.93
N GLY E 153 13.71 -53.94 -21.75
CA GLY E 153 14.72 -54.96 -21.60
C GLY E 153 16.09 -54.55 -22.10
N LYS E 154 16.26 -53.30 -22.48
CA LYS E 154 17.53 -52.82 -23.02
C LYS E 154 18.35 -52.14 -21.92
N GLU E 155 19.65 -51.98 -22.20
CA GLU E 155 20.56 -51.38 -21.24
C GLU E 155 20.13 -49.96 -20.88
N ARG E 156 20.07 -49.65 -19.57
CA ARG E 156 19.55 -48.36 -19.13
C ARG E 156 20.36 -47.21 -19.74
N LEU E 157 19.64 -46.24 -20.32
CA LEU E 157 20.28 -45.05 -20.88
C LEU E 157 20.97 -44.26 -19.76
N LEU E 158 22.17 -43.75 -20.06
CA LEU E 158 22.95 -42.94 -19.15
C LEU E 158 22.50 -41.48 -19.23
N LEU E 159 22.75 -40.75 -18.12
CA LEU E 159 22.44 -39.32 -18.07
C LEU E 159 23.63 -38.59 -17.47
N SER E 160 24.19 -37.64 -18.22
CA SER E 160 25.28 -36.80 -17.71
C SER E 160 24.97 -35.32 -17.99
N ALA E 161 25.78 -34.43 -17.41
CA ALA E 161 25.63 -33.00 -17.67
C ALA E 161 27.01 -32.34 -17.69
N ALA E 162 27.17 -31.34 -18.57
CA ALA E 162 28.38 -30.51 -18.64
C ALA E 162 28.11 -29.26 -17.83
N VAL E 163 28.92 -29.03 -16.79
CA VAL E 163 28.60 -28.01 -15.78
C VAL E 163 29.73 -26.99 -15.66
N PRO E 164 29.41 -25.74 -15.35
CA PRO E 164 30.41 -24.66 -15.31
C PRO E 164 31.28 -24.67 -14.05
N ALA E 165 32.47 -24.06 -14.19
CA ALA E 165 33.42 -23.90 -13.10
C ALA E 165 33.18 -22.65 -12.27
N GLY E 166 32.58 -21.60 -12.84
CA GLY E 166 32.50 -20.32 -12.13
C GLY E 166 31.38 -20.30 -11.08
N GLN E 167 31.72 -19.84 -9.87
CA GLN E 167 30.79 -19.86 -8.73
C GLN E 167 29.48 -19.12 -9.02
N THR E 168 29.55 -18.00 -9.73
CA THR E 168 28.33 -17.26 -10.02
C THR E 168 27.33 -18.12 -10.79
N TYR E 169 27.80 -18.82 -11.84
CA TYR E 169 26.94 -19.72 -12.62
C TYR E 169 26.48 -20.91 -11.78
N VAL E 170 27.38 -21.47 -10.97
CA VAL E 170 27.02 -22.63 -10.15
C VAL E 170 25.91 -22.26 -9.17
N ASP E 171 26.09 -21.14 -8.46
CA ASP E 171 25.10 -20.74 -7.47
C ASP E 171 23.75 -20.39 -8.10
N ALA E 172 23.75 -19.79 -9.31
CA ALA E 172 22.51 -19.35 -9.94
C ALA E 172 21.73 -20.49 -10.55
N GLY E 173 22.39 -21.59 -10.92
CA GLY E 173 21.73 -22.61 -11.73
C GLY E 173 21.61 -24.02 -11.19
N TYR E 174 22.42 -24.41 -10.20
CA TYR E 174 22.62 -25.85 -9.92
C TYR E 174 22.37 -26.20 -8.46
N GLU E 175 21.40 -27.09 -8.23
CA GLU E 175 21.25 -27.72 -6.89
C GLU E 175 22.17 -28.92 -6.92
N VAL E 176 23.45 -28.68 -6.59
CA VAL E 176 24.51 -29.66 -6.85
C VAL E 176 24.20 -31.00 -6.21
N ASP E 177 23.86 -30.98 -4.91
CA ASP E 177 23.66 -32.24 -4.21
C ASP E 177 22.49 -33.02 -4.78
N LYS E 178 21.43 -32.32 -5.24
CA LYS E 178 20.26 -33.02 -5.78
C LYS E 178 20.56 -33.60 -7.15
N ILE E 179 21.17 -32.81 -8.04
CA ILE E 179 21.41 -33.35 -9.38
C ILE E 179 22.45 -34.45 -9.37
N ALA E 180 23.43 -34.40 -8.47
CA ALA E 180 24.46 -35.44 -8.44
C ALA E 180 23.89 -36.81 -8.10
N GLN E 181 22.78 -36.87 -7.36
N GLN E 181 22.80 -36.84 -7.34
CA GLN E 181 22.16 -38.16 -7.05
CA GLN E 181 22.09 -38.08 -7.07
C GLN E 181 21.41 -38.77 -8.24
C GLN E 181 21.70 -38.78 -8.36
N ASN E 182 21.18 -38.02 -9.31
CA ASN E 182 20.44 -38.53 -10.45
C ASN E 182 21.27 -38.61 -11.72
N LEU E 183 22.41 -37.92 -11.77
CA LEU E 183 23.29 -38.02 -12.92
C LEU E 183 24.21 -39.21 -12.72
N ASP E 184 24.51 -39.90 -13.83
CA ASP E 184 25.51 -40.97 -13.75
C ASP E 184 26.91 -40.41 -13.60
N PHE E 185 27.20 -39.27 -14.21
CA PHE E 185 28.47 -38.57 -14.02
C PHE E 185 28.30 -37.10 -14.40
N VAL E 186 29.27 -36.30 -13.93
CA VAL E 186 29.23 -34.83 -14.01
C VAL E 186 30.50 -34.39 -14.74
N ASN E 187 30.33 -33.76 -15.90
CA ASN E 187 31.46 -33.32 -16.74
C ASN E 187 31.82 -31.88 -16.40
N LEU E 188 32.88 -31.68 -15.59
CA LEU E 188 33.23 -30.34 -15.11
C LEU E 188 34.04 -29.58 -16.18
N MET E 189 33.47 -28.47 -16.66
N MET E 189 33.50 -28.44 -16.63
CA MET E 189 34.08 -27.63 -17.70
CA MET E 189 34.09 -27.65 -17.74
C MET E 189 35.16 -26.78 -17.04
C MET E 189 35.22 -26.76 -17.20
N ALA E 190 36.31 -27.41 -16.81
CA ALA E 190 37.43 -26.75 -16.12
C ALA E 190 38.39 -26.06 -17.12
N TYR E 191 37.85 -25.08 -17.84
CA TYR E 191 38.58 -24.31 -18.84
C TYR E 191 37.79 -23.03 -19.09
N ASP E 192 38.29 -22.19 -20.00
CA ASP E 192 37.70 -20.86 -20.23
C ASP E 192 37.80 -19.98 -18.99
N PHE E 193 38.81 -20.20 -18.13
CA PHE E 193 38.90 -19.40 -16.91
C PHE E 193 39.34 -17.97 -17.19
N HIS E 194 40.05 -17.74 -18.29
CA HIS E 194 40.50 -16.41 -18.69
C HIS E 194 40.40 -16.34 -20.21
N GLY E 195 40.41 -15.13 -20.74
CA GLY E 195 40.19 -14.98 -22.17
C GLY E 195 40.16 -13.51 -22.51
N SER E 196 40.02 -13.21 -23.80
CA SER E 196 40.23 -11.83 -24.18
C SER E 196 39.04 -10.90 -23.89
N TRP E 197 38.05 -11.32 -23.08
CA TRP E 197 37.20 -10.33 -22.42
C TRP E 197 37.93 -9.59 -21.32
N GLU E 198 39.11 -10.05 -20.94
CA GLU E 198 39.92 -9.40 -19.92
C GLU E 198 41.03 -8.58 -20.59
N LYS E 199 41.56 -7.61 -19.84
CA LYS E 199 42.52 -6.66 -20.41
C LYS E 199 43.96 -6.99 -20.08
N VAL E 200 44.22 -8.18 -19.52
CA VAL E 200 45.56 -8.68 -19.26
C VAL E 200 45.57 -10.15 -19.65
N THR E 201 46.76 -10.68 -19.93
CA THR E 201 46.85 -12.10 -20.26
C THR E 201 46.57 -12.96 -19.02
N GLY E 202 46.02 -14.15 -19.27
CA GLY E 202 45.67 -15.12 -18.24
C GLY E 202 45.49 -16.44 -18.92
N HIS E 203 45.68 -17.53 -18.15
CA HIS E 203 45.67 -18.88 -18.74
C HIS E 203 44.26 -19.49 -18.79
N ASN E 204 43.97 -20.15 -19.92
CA ASN E 204 42.69 -20.83 -20.17
C ASN E 204 42.35 -21.80 -19.04
N SER E 205 43.36 -22.50 -18.51
CA SER E 205 43.04 -23.64 -17.64
C SER E 205 44.17 -23.88 -16.62
N PRO E 206 44.40 -22.94 -15.69
CA PRO E 206 45.48 -23.15 -14.70
C PRO E 206 45.03 -24.08 -13.59
N LEU E 207 45.98 -24.87 -13.07
CA LEU E 207 45.64 -25.85 -12.04
C LEU E 207 45.40 -25.18 -10.68
N TYR E 208 46.23 -24.20 -10.31
CA TYR E 208 46.18 -23.52 -9.02
C TYR E 208 46.20 -22.02 -9.27
N LYS E 209 45.96 -21.24 -8.20
CA LYS E 209 46.02 -19.79 -8.30
C LYS E 209 47.49 -19.33 -8.41
N ARG E 210 47.68 -18.10 -8.91
CA ARG E 210 48.98 -17.45 -8.80
C ARG E 210 49.04 -16.79 -7.44
N GLN E 211 50.27 -16.63 -6.93
CA GLN E 211 50.45 -16.02 -5.62
C GLN E 211 49.85 -14.63 -5.56
N GLU E 212 49.93 -13.88 -6.66
CA GLU E 212 49.39 -12.53 -6.75
C GLU E 212 47.87 -12.47 -6.65
N GLU E 213 47.17 -13.57 -6.93
CA GLU E 213 45.72 -13.50 -7.00
C GLU E 213 45.08 -13.55 -5.61
N SER E 214 44.00 -12.80 -5.42
CA SER E 214 43.24 -12.84 -4.18
C SER E 214 41.77 -12.56 -4.50
N GLY E 215 40.92 -12.73 -3.49
CA GLY E 215 39.49 -12.53 -3.68
C GLY E 215 38.90 -13.47 -4.74
N ALA E 216 37.96 -12.94 -5.52
CA ALA E 216 37.30 -13.75 -6.54
C ALA E 216 38.30 -14.30 -7.56
N ALA E 217 39.37 -13.55 -7.85
CA ALA E 217 40.36 -14.01 -8.83
C ALA E 217 41.03 -15.31 -8.36
N ALA E 218 41.12 -15.50 -7.03
CA ALA E 218 41.75 -16.69 -6.46
C ALA E 218 40.94 -17.96 -6.69
N SER E 219 39.73 -17.87 -7.26
CA SER E 219 38.97 -19.08 -7.58
C SER E 219 38.96 -19.40 -9.07
N LEU E 220 39.73 -18.67 -9.88
CA LEU E 220 39.76 -18.88 -11.33
C LEU E 220 40.82 -19.92 -11.69
N ASN E 221 40.61 -21.13 -11.17
CA ASN E 221 41.54 -22.22 -11.42
C ASN E 221 40.86 -23.55 -11.19
N VAL E 222 41.48 -24.60 -11.76
CA VAL E 222 40.92 -25.96 -11.74
C VAL E 222 40.66 -26.43 -10.31
N ASP E 223 41.66 -26.27 -9.43
CA ASP E 223 41.56 -26.81 -8.07
C ASP E 223 40.39 -26.16 -7.33
N ALA E 224 40.22 -24.84 -7.47
CA ALA E 224 39.08 -24.18 -6.83
C ALA E 224 37.74 -24.72 -7.35
N ALA E 225 37.63 -24.95 -8.67
CA ALA E 225 36.38 -25.45 -9.25
C ALA E 225 36.09 -26.87 -8.78
N VAL E 226 37.10 -27.74 -8.76
CA VAL E 226 36.92 -29.09 -8.20
C VAL E 226 36.46 -29.03 -6.76
N GLN E 227 37.15 -28.25 -5.93
CA GLN E 227 36.77 -28.18 -4.51
C GLN E 227 35.33 -27.69 -4.35
N GLN E 228 34.90 -26.77 -5.20
CA GLN E 228 33.53 -26.26 -5.10
C GLN E 228 32.51 -27.37 -5.39
N TRP E 229 32.71 -28.11 -6.48
CA TRP E 229 31.74 -29.16 -6.82
C TRP E 229 31.73 -30.29 -5.79
N LEU E 230 32.88 -30.62 -5.19
CA LEU E 230 32.91 -31.62 -4.13
C LEU E 230 32.23 -31.10 -2.86
N GLN E 231 32.58 -29.88 -2.44
N GLN E 231 32.57 -29.88 -2.45
CA GLN E 231 32.01 -29.37 -1.19
CA GLN E 231 32.03 -29.38 -1.18
C GLN E 231 30.50 -29.28 -1.26
C GLN E 231 30.52 -29.20 -1.24
N LYS E 232 29.98 -28.95 -2.44
CA LYS E 232 28.53 -28.80 -2.61
C LYS E 232 27.82 -30.13 -2.76
N GLY E 233 28.55 -31.25 -2.74
CA GLY E 233 27.90 -32.55 -2.65
C GLY E 233 28.04 -33.49 -3.83
N THR E 234 28.93 -33.22 -4.80
CA THR E 234 29.16 -34.22 -5.85
C THR E 234 30.06 -35.32 -5.30
N PRO E 235 29.64 -36.59 -5.32
CA PRO E 235 30.58 -37.68 -4.99
C PRO E 235 31.81 -37.60 -5.89
N ALA E 236 32.99 -37.75 -5.29
CA ALA E 236 34.23 -37.66 -6.08
C ALA E 236 34.19 -38.59 -7.28
N SER E 237 33.66 -39.81 -7.11
N SER E 237 33.68 -39.81 -7.12
CA SER E 237 33.68 -40.79 -8.19
CA SER E 237 33.68 -40.79 -8.21
C SER E 237 32.79 -40.40 -9.37
C SER E 237 32.84 -40.35 -9.40
N LYS E 238 31.86 -39.46 -9.19
CA LYS E 238 31.01 -38.98 -10.27
C LYS E 238 31.56 -37.73 -10.94
N LEU E 239 32.55 -37.07 -10.35
CA LEU E 239 33.08 -35.82 -10.90
C LEU E 239 34.18 -36.13 -11.90
N ILE E 240 34.02 -35.66 -13.14
CA ILE E 240 34.93 -35.96 -14.24
C ILE E 240 35.63 -34.66 -14.65
N LEU E 241 36.97 -34.63 -14.59
CA LEU E 241 37.70 -33.37 -14.71
C LEU E 241 37.93 -33.00 -16.19
N GLY E 242 37.28 -31.92 -16.64
CA GLY E 242 37.51 -31.45 -18.02
C GLY E 242 38.92 -30.92 -18.21
N MET E 243 39.46 -31.18 -19.43
CA MET E 243 40.82 -30.80 -19.85
C MET E 243 40.71 -30.32 -21.29
N PRO E 244 41.36 -29.20 -21.62
CA PRO E 244 41.20 -28.62 -22.96
C PRO E 244 42.36 -28.98 -23.88
N THR E 245 42.04 -29.41 -25.12
CA THR E 245 43.04 -29.52 -26.19
C THR E 245 43.09 -28.27 -27.05
N TYR E 246 42.78 -27.13 -26.46
CA TYR E 246 42.90 -25.84 -27.12
C TYR E 246 43.45 -24.86 -26.11
N GLY E 247 43.93 -23.71 -26.61
CA GLY E 247 44.34 -22.60 -25.76
C GLY E 247 43.57 -21.33 -26.07
N ARG E 248 43.80 -20.29 -25.23
CA ARG E 248 43.20 -18.97 -25.43
C ARG E 248 44.29 -17.95 -25.66
N SER E 249 44.13 -17.15 -26.73
CA SER E 249 45.15 -16.25 -27.20
C SER E 249 44.80 -14.78 -26.97
N PHE E 250 45.86 -13.95 -26.86
CA PHE E 250 45.75 -12.50 -26.68
C PHE E 250 46.69 -11.79 -27.63
N THR E 251 46.30 -10.56 -28.05
CA THR E 251 47.27 -9.61 -28.61
C THR E 251 47.83 -8.77 -27.46
N LEU E 252 49.16 -8.73 -27.34
CA LEU E 252 49.82 -7.99 -26.27
C LEU E 252 49.86 -6.51 -26.62
N ALA E 253 49.71 -5.67 -25.59
CA ALA E 253 49.92 -4.24 -25.82
C ALA E 253 51.35 -3.95 -26.30
N SER E 254 52.33 -4.72 -25.82
CA SER E 254 53.72 -4.51 -26.26
C SER E 254 54.45 -5.85 -26.30
N SER E 255 55.20 -6.07 -27.38
CA SER E 255 55.95 -7.32 -27.47
C SER E 255 57.08 -7.40 -26.43
N SER E 256 57.37 -6.31 -25.73
CA SER E 256 58.39 -6.34 -24.68
C SER E 256 57.84 -6.75 -23.31
N ASP E 257 56.51 -6.88 -23.16
CA ASP E 257 55.95 -7.33 -21.89
C ASP E 257 55.08 -8.57 -22.13
N THR E 258 55.63 -9.73 -21.79
CA THR E 258 55.06 -11.02 -22.18
C THR E 258 54.69 -11.90 -20.98
N ARG E 259 54.69 -11.35 -19.77
CA ARG E 259 54.35 -12.09 -18.55
C ARG E 259 52.88 -12.49 -18.51
N VAL E 260 52.56 -13.48 -17.68
CA VAL E 260 51.16 -13.67 -17.29
C VAL E 260 50.72 -12.44 -16.51
N GLY E 261 49.56 -11.88 -16.87
CA GLY E 261 49.14 -10.61 -16.31
C GLY E 261 49.58 -9.37 -17.04
N ALA E 262 50.29 -9.51 -18.18
CA ALA E 262 50.70 -8.35 -18.96
C ALA E 262 49.51 -7.73 -19.70
N PRO E 263 49.57 -6.41 -19.95
CA PRO E 263 48.47 -5.75 -20.69
C PRO E 263 48.24 -6.35 -22.06
N ALA E 264 46.95 -6.57 -22.39
CA ALA E 264 46.53 -7.07 -23.69
C ALA E 264 45.54 -6.10 -24.31
N THR E 265 45.56 -5.99 -25.62
CA THR E 265 44.65 -5.07 -26.30
C THR E 265 43.47 -5.76 -26.94
N GLY E 266 43.40 -7.09 -26.92
CA GLY E 266 42.32 -7.82 -27.54
C GLY E 266 42.67 -9.29 -27.73
N SER E 267 41.80 -9.97 -28.48
CA SER E 267 42.00 -11.38 -28.79
C SER E 267 43.23 -11.57 -29.68
N GLY E 268 43.83 -12.77 -29.58
CA GLY E 268 44.89 -13.15 -30.51
C GLY E 268 44.37 -13.34 -31.93
N THR E 269 45.30 -13.18 -32.89
CA THR E 269 44.97 -13.39 -34.30
C THR E 269 44.31 -14.76 -34.50
N PRO E 270 43.26 -14.86 -35.35
CA PRO E 270 42.64 -16.17 -35.62
C PRO E 270 43.67 -17.16 -36.18
N GLY E 271 43.53 -18.43 -35.77
CA GLY E 271 44.37 -19.51 -36.31
C GLY E 271 43.99 -19.85 -37.75
N PRO E 272 44.94 -20.45 -38.49
CA PRO E 272 44.68 -20.74 -39.92
C PRO E 272 43.60 -21.80 -40.13
N PHE E 273 43.39 -22.70 -39.17
CA PHE E 273 42.38 -23.74 -39.32
C PHE E 273 41.11 -23.49 -38.50
N THR E 274 41.25 -23.01 -37.25
CA THR E 274 40.06 -22.80 -36.42
C THR E 274 39.38 -21.45 -36.67
N LYS E 275 40.12 -20.46 -37.21
CA LYS E 275 39.53 -19.24 -37.78
C LYS E 275 38.61 -18.53 -36.80
N GLU E 276 39.05 -18.40 -35.54
CA GLU E 276 38.25 -17.77 -34.49
C GLU E 276 39.18 -17.03 -33.52
N GLY E 277 39.17 -15.69 -33.58
CA GLY E 277 40.06 -14.91 -32.73
C GLY E 277 39.89 -15.27 -31.26
N GLY E 278 41.02 -15.34 -30.53
CA GLY E 278 41.03 -15.68 -29.11
C GLY E 278 41.14 -17.15 -28.78
N MET E 279 41.02 -18.04 -29.77
N MET E 279 41.01 -18.05 -29.75
CA MET E 279 41.13 -19.48 -29.57
CA MET E 279 41.20 -19.48 -29.47
C MET E 279 42.20 -20.03 -30.51
C MET E 279 42.14 -20.06 -30.50
N LEU E 280 42.86 -21.10 -30.08
CA LEU E 280 43.71 -21.90 -30.99
C LEU E 280 43.63 -23.38 -30.60
N ALA E 281 43.61 -24.27 -31.60
CA ALA E 281 43.77 -25.70 -31.33
C ALA E 281 45.20 -26.00 -30.89
N TYR E 282 45.37 -27.08 -30.12
CA TYR E 282 46.72 -27.55 -29.81
C TYR E 282 47.60 -27.66 -31.05
N TYR E 283 47.07 -28.22 -32.15
CA TYR E 283 47.88 -28.39 -33.36
C TYR E 283 48.25 -27.06 -34.01
N GLU E 284 47.61 -25.96 -33.63
CA GLU E 284 48.00 -24.62 -34.13
C GLU E 284 49.11 -23.99 -33.29
N VAL E 285 49.19 -24.36 -32.01
N VAL E 285 49.26 -24.33 -32.00
CA VAL E 285 50.21 -23.89 -31.08
CA VAL E 285 50.37 -23.77 -31.24
C VAL E 285 51.50 -24.66 -31.24
C VAL E 285 51.55 -24.72 -31.03
N CYS E 286 51.40 -26.00 -31.35
CA CYS E 286 52.47 -26.92 -30.97
C CYS E 286 53.72 -26.77 -31.82
N SER E 287 53.60 -26.16 -33.00
CA SER E 287 54.74 -26.06 -33.87
C SER E 287 54.98 -24.63 -34.35
N TRP E 288 54.58 -23.63 -33.55
CA TRP E 288 54.94 -22.23 -33.85
C TRP E 288 56.45 -22.14 -33.99
N LYS E 289 56.91 -21.53 -35.08
CA LYS E 289 58.34 -21.30 -35.28
C LYS E 289 58.74 -19.94 -34.71
N GLY E 290 59.94 -19.85 -34.15
CA GLY E 290 60.47 -18.60 -33.64
C GLY E 290 59.78 -18.07 -32.41
N ALA E 291 59.17 -18.94 -31.62
CA ALA E 291 58.40 -18.56 -30.44
C ALA E 291 59.16 -18.95 -29.18
N THR E 292 58.70 -18.42 -28.05
CA THR E 292 59.31 -18.70 -26.75
C THR E 292 58.24 -19.34 -25.88
N LYS E 293 58.55 -20.51 -25.31
CA LYS E 293 57.64 -21.22 -24.42
C LYS E 293 58.11 -21.11 -22.97
N GLN E 294 57.17 -20.84 -22.06
CA GLN E 294 57.50 -20.69 -20.65
C GLN E 294 56.43 -21.40 -19.85
N ARG E 295 56.74 -21.78 -18.61
CA ARG E 295 55.72 -22.35 -17.74
C ARG E 295 55.41 -21.37 -16.62
N ILE E 296 54.13 -21.29 -16.25
CA ILE E 296 53.71 -20.54 -15.06
C ILE E 296 53.92 -21.42 -13.83
N GLN E 297 54.95 -21.11 -13.04
CA GLN E 297 55.39 -22.02 -11.99
C GLN E 297 54.28 -22.32 -10.98
N ASP E 298 53.56 -21.28 -10.52
CA ASP E 298 52.48 -21.53 -9.55
C ASP E 298 51.33 -22.35 -10.15
N GLN E 299 51.06 -22.21 -11.46
CA GLN E 299 49.84 -22.78 -12.03
C GLN E 299 50.05 -24.08 -12.79
N LYS E 300 51.30 -24.49 -13.01
CA LYS E 300 51.63 -25.81 -13.59
C LYS E 300 51.22 -25.96 -15.06
N VAL E 301 51.15 -24.87 -15.83
CA VAL E 301 50.72 -24.94 -17.22
C VAL E 301 51.58 -23.99 -18.04
N PRO E 302 51.70 -24.25 -19.35
CA PRO E 302 52.56 -23.43 -20.21
C PRO E 302 51.84 -22.27 -20.90
N TYR E 303 52.65 -21.31 -21.36
CA TYR E 303 52.22 -20.36 -22.39
C TYR E 303 53.33 -20.17 -23.42
N ILE E 304 52.97 -19.58 -24.56
CA ILE E 304 53.94 -19.34 -25.63
C ILE E 304 53.70 -17.96 -26.19
N PHE E 305 54.77 -17.27 -26.59
CA PHE E 305 54.58 -15.95 -27.19
C PHE E 305 55.53 -15.79 -28.36
N ARG E 306 55.12 -14.92 -29.28
CA ARG E 306 55.94 -14.58 -30.44
C ARG E 306 55.45 -13.22 -30.94
N ASP E 307 56.36 -12.23 -31.01
CA ASP E 307 55.99 -10.86 -31.37
C ASP E 307 54.91 -10.40 -30.39
N ASN E 308 53.77 -9.91 -30.85
CA ASN E 308 52.72 -9.43 -29.97
C ASN E 308 51.61 -10.45 -29.72
N GLN E 309 51.87 -11.74 -29.98
CA GLN E 309 50.88 -12.79 -29.73
C GLN E 309 51.28 -13.67 -28.54
N TRP E 310 50.29 -14.02 -27.72
CA TRP E 310 50.49 -14.74 -26.46
C TRP E 310 49.37 -15.77 -26.34
N VAL E 311 49.70 -17.03 -26.06
CA VAL E 311 48.70 -18.08 -25.95
C VAL E 311 48.97 -18.92 -24.71
N GLY E 312 47.94 -19.10 -23.87
CA GLY E 312 48.00 -20.08 -22.78
C GLY E 312 47.29 -21.35 -23.21
N PHE E 313 47.97 -22.49 -23.04
CA PHE E 313 47.43 -23.75 -23.54
C PHE E 313 47.87 -24.88 -22.62
N ASP E 314 47.42 -26.11 -22.91
CA ASP E 314 47.87 -27.32 -22.19
C ASP E 314 48.75 -28.18 -23.08
N ASP E 315 49.76 -28.79 -22.48
CA ASP E 315 50.68 -29.69 -23.19
C ASP E 315 50.71 -31.07 -22.53
N VAL E 316 51.57 -31.95 -23.03
CA VAL E 316 51.63 -33.30 -22.47
C VAL E 316 51.96 -33.25 -20.98
N GLU E 317 52.92 -32.40 -20.61
CA GLU E 317 53.33 -32.27 -19.21
C GLU E 317 52.18 -31.79 -18.33
N SER E 318 51.42 -30.79 -18.77
CA SER E 318 50.34 -30.30 -17.91
C SER E 318 49.19 -31.31 -17.81
N PHE E 319 48.93 -32.08 -18.87
CA PHE E 319 47.94 -33.16 -18.79
C PHE E 319 48.38 -34.23 -17.78
N LYS E 320 49.68 -34.62 -17.81
CA LYS E 320 50.20 -35.56 -16.79
C LYS E 320 49.98 -35.02 -15.37
N THR E 321 50.30 -33.74 -15.14
CA THR E 321 50.11 -33.14 -13.82
C THR E 321 48.65 -33.16 -13.39
N LYS E 322 47.75 -32.91 -14.35
CA LYS E 322 46.32 -32.85 -14.03
C LYS E 322 45.75 -34.23 -13.74
N VAL E 323 46.27 -35.28 -14.39
CA VAL E 323 45.82 -36.63 -14.06
C VAL E 323 46.33 -37.03 -12.67
N SER E 324 47.59 -36.70 -12.37
CA SER E 324 48.09 -36.96 -11.02
C SER E 324 47.21 -36.29 -9.97
N TYR E 325 46.83 -35.02 -10.24
CA TYR E 325 45.93 -34.28 -9.35
C TYR E 325 44.59 -35.00 -9.18
N LEU E 326 43.94 -35.39 -10.30
CA LEU E 326 42.59 -35.94 -10.15
C LEU E 326 42.61 -37.27 -9.39
N LYS E 327 43.68 -38.05 -9.56
CA LYS E 327 43.81 -39.29 -8.78
C LYS E 327 43.93 -38.99 -7.28
N GLN E 328 44.69 -37.94 -6.91
CA GLN E 328 44.78 -37.60 -5.48
C GLN E 328 43.43 -37.21 -4.89
N LYS E 329 42.56 -36.59 -5.70
CA LYS E 329 41.22 -36.22 -5.24
C LYS E 329 40.22 -37.35 -5.39
N GLY E 330 40.62 -38.48 -5.98
CA GLY E 330 39.70 -39.60 -6.13
C GLY E 330 38.62 -39.40 -7.17
N LEU E 331 38.86 -38.51 -8.14
CA LEU E 331 37.84 -38.21 -9.14
C LEU E 331 37.60 -39.42 -10.06
N GLY E 332 36.44 -39.40 -10.72
CA GLY E 332 36.03 -40.50 -11.59
C GLY E 332 36.77 -40.62 -12.90
N GLY E 333 37.53 -39.61 -13.31
CA GLY E 333 38.31 -39.65 -14.53
C GLY E 333 38.49 -38.28 -15.12
N ALA E 334 38.78 -38.26 -16.43
CA ALA E 334 39.02 -37.04 -17.18
C ALA E 334 38.02 -36.93 -18.32
N MET E 335 37.74 -35.67 -18.70
CA MET E 335 36.89 -35.33 -19.84
C MET E 335 37.68 -34.39 -20.73
N VAL E 336 37.45 -34.46 -22.05
CA VAL E 336 38.26 -33.71 -23.01
C VAL E 336 37.40 -32.94 -23.98
N TRP E 337 37.64 -31.62 -24.09
CA TRP E 337 37.13 -30.80 -25.20
C TRP E 337 38.34 -30.37 -26.03
N ALA E 338 38.52 -30.89 -27.26
CA ALA E 338 37.69 -31.87 -27.97
C ALA E 338 38.60 -32.73 -28.87
N LEU E 339 38.07 -33.85 -29.40
CA LEU E 339 38.89 -34.76 -30.18
C LEU E 339 39.53 -34.07 -31.38
N ASP E 340 38.78 -33.19 -32.06
CA ASP E 340 39.26 -32.60 -33.30
C ASP E 340 40.24 -31.45 -33.07
N LEU E 341 40.50 -31.06 -31.81
CA LEU E 341 41.47 -30.00 -31.49
C LEU E 341 42.84 -30.54 -31.06
N ASP E 342 42.90 -31.82 -30.62
CA ASP E 342 44.20 -32.51 -30.48
C ASP E 342 44.78 -32.68 -31.88
N ASP E 343 46.07 -33.07 -31.97
CA ASP E 343 46.64 -33.40 -33.29
C ASP E 343 46.21 -34.83 -33.64
N PHE E 344 44.95 -34.95 -34.08
CA PHE E 344 44.28 -36.25 -34.18
C PHE E 344 44.87 -37.15 -35.26
N ALA E 345 45.61 -36.59 -36.23
CA ALA E 345 46.23 -37.41 -37.29
C ALA E 345 47.74 -37.20 -37.36
N GLY E 346 48.34 -36.66 -36.30
CA GLY E 346 49.79 -36.41 -36.29
C GLY E 346 50.29 -35.57 -37.45
N PHE E 347 49.50 -34.59 -37.88
CA PHE E 347 49.81 -33.79 -39.07
C PHE E 347 50.55 -32.51 -38.76
N SER E 348 50.74 -32.17 -37.48
CA SER E 348 51.35 -30.89 -37.11
C SER E 348 52.50 -30.98 -36.09
N CYS E 349 52.33 -31.76 -35.02
CA CYS E 349 53.20 -31.63 -33.85
C CYS E 349 54.39 -32.59 -33.82
N ASN E 350 54.47 -33.55 -34.75
CA ASN E 350 55.55 -34.53 -34.74
C ASN E 350 55.52 -35.39 -33.48
N GLN E 351 54.32 -35.60 -32.93
CA GLN E 351 54.15 -36.40 -31.70
C GLN E 351 53.24 -37.60 -31.92
N GLY E 352 52.99 -37.98 -33.16
CA GLY E 352 52.07 -39.09 -33.41
C GLY E 352 50.61 -38.69 -33.34
N ARG E 353 49.74 -39.70 -33.41
N ARG E 353 49.74 -39.70 -33.38
CA ARG E 353 48.29 -39.48 -33.34
CA ARG E 353 48.29 -39.47 -33.35
C ARG E 353 47.86 -39.16 -31.92
C ARG E 353 47.82 -39.18 -31.94
N TYR E 354 46.98 -38.15 -31.79
CA TYR E 354 46.34 -37.83 -30.52
C TYR E 354 47.34 -37.70 -29.36
N PRO E 355 48.37 -36.86 -29.50
CA PRO E 355 49.38 -36.84 -28.44
C PRO E 355 48.80 -36.44 -27.08
N LEU E 356 47.87 -35.49 -27.01
CA LEU E 356 47.35 -35.11 -25.71
C LEU E 356 46.39 -36.17 -25.15
N ILE E 357 45.47 -36.68 -25.99
CA ILE E 357 44.48 -37.59 -25.44
C ILE E 357 45.09 -38.97 -25.18
N GLN E 358 46.04 -39.39 -26.02
CA GLN E 358 46.76 -40.63 -25.72
C GLN E 358 47.51 -40.51 -24.39
N THR E 359 48.04 -39.32 -24.07
CA THR E 359 48.61 -39.10 -22.75
C THR E 359 47.60 -39.41 -21.64
N LEU E 360 46.37 -38.89 -21.75
CA LEU E 360 45.34 -39.18 -20.75
C LEU E 360 45.08 -40.68 -20.62
N ARG E 361 44.95 -41.38 -21.76
CA ARG E 361 44.68 -42.81 -21.73
C ARG E 361 45.80 -43.56 -21.01
N GLN E 362 47.06 -43.22 -21.33
CA GLN E 362 48.17 -43.91 -20.67
C GLN E 362 48.22 -43.60 -19.17
N GLU E 363 48.03 -42.33 -18.80
CA GLU E 363 48.17 -41.97 -17.39
C GLU E 363 47.01 -42.51 -16.55
N LEU E 364 45.82 -42.67 -17.15
CA LEU E 364 44.69 -43.22 -16.41
C LEU E 364 44.69 -44.74 -16.34
N SER E 365 45.52 -45.40 -17.15
CA SER E 365 45.66 -46.85 -17.10
C SER E 365 46.34 -47.21 -15.79
N ALA F 1 10.50 20.10 22.78
CA ALA F 1 10.71 18.67 23.01
C ALA F 1 12.01 18.47 23.74
N LYS F 2 12.07 17.43 24.55
CA LYS F 2 13.30 17.03 25.24
C LYS F 2 13.97 15.91 24.46
N LEU F 3 15.30 15.86 24.54
CA LEU F 3 16.09 14.69 24.10
C LEU F 3 16.99 14.36 25.30
N VAL F 4 16.61 13.30 26.02
CA VAL F 4 17.21 12.95 27.32
C VAL F 4 18.17 11.80 27.05
N CYS F 5 19.47 11.98 27.31
CA CYS F 5 20.48 10.98 26.91
C CYS F 5 21.25 10.49 28.12
N TYR F 6 21.39 9.15 28.24
CA TYR F 6 22.13 8.58 29.37
C TYR F 6 23.61 8.35 29.04
N PHE F 7 24.47 8.79 29.96
CA PHE F 7 25.90 8.50 30.01
C PHE F 7 26.09 7.38 31.03
N THR F 8 27.08 6.49 30.82
CA THR F 8 27.32 5.39 31.74
C THR F 8 28.77 5.46 32.24
N ASN F 9 28.96 5.33 33.56
CA ASN F 9 30.28 5.52 34.15
C ASN F 9 31.17 4.28 34.13
N TRP F 10 30.74 3.19 33.46
CA TRP F 10 31.60 2.03 33.21
C TRP F 10 32.02 1.93 31.76
N ALA F 11 31.49 2.79 30.87
CA ALA F 11 31.93 2.76 29.49
C ALA F 11 33.38 3.23 29.31
N GLN F 12 33.92 3.91 30.33
CA GLN F 12 35.33 4.31 30.35
C GLN F 12 36.27 3.11 30.33
N TYR F 13 35.77 1.89 30.55
CA TYR F 13 36.62 0.71 30.56
C TYR F 13 36.51 -0.13 29.29
N ARG F 14 35.72 0.31 28.32
CA ARG F 14 35.63 -0.46 27.07
C ARG F 14 36.94 -0.38 26.29
N GLN F 15 37.20 -1.45 25.53
CA GLN F 15 38.46 -1.60 24.82
C GLN F 15 38.52 -0.68 23.61
N GLY F 16 39.73 -0.13 23.35
CA GLY F 16 39.99 0.52 22.07
C GLY F 16 39.08 1.70 21.78
N GLU F 17 38.63 1.76 20.51
CA GLU F 17 37.81 2.89 20.07
CA GLU F 17 37.75 2.80 19.96
C GLU F 17 36.43 2.92 20.73
N ALA F 18 36.02 1.86 21.46
CA ALA F 18 34.73 1.89 22.16
C ALA F 18 34.78 2.60 23.53
N ARG F 19 35.98 2.93 24.01
CA ARG F 19 36.12 3.63 25.30
C ARG F 19 35.40 4.97 25.27
N PHE F 20 34.64 5.26 26.34
CA PHE F 20 33.82 6.48 26.37
C PHE F 20 33.99 7.22 27.70
N LEU F 21 34.48 8.46 27.62
CA LEU F 21 34.66 9.39 28.74
C LEU F 21 33.95 10.69 28.38
N PRO F 22 33.84 11.62 29.32
CA PRO F 22 33.16 12.90 28.96
C PRO F 22 33.73 13.61 27.73
N LYS F 23 35.03 13.49 27.44
CA LYS F 23 35.60 14.07 26.22
C LYS F 23 34.98 13.51 24.93
N ASP F 24 34.22 12.42 25.00
CA ASP F 24 33.53 11.83 23.86
C ASP F 24 32.10 12.34 23.71
N LEU F 25 31.62 13.12 24.67
CA LEU F 25 30.27 13.70 24.62
C LEU F 25 30.24 14.96 23.79
N ASP F 26 29.20 15.10 22.94
CA ASP F 26 28.93 16.35 22.24
C ASP F 26 27.97 17.19 23.09
N PRO F 27 28.41 18.32 23.64
CA PRO F 27 27.54 19.09 24.55
C PRO F 27 26.23 19.56 23.92
N SER F 28 26.15 19.64 22.58
CA SER F 28 24.96 20.18 21.91
C SER F 28 23.98 19.10 21.47
N LEU F 29 24.31 17.82 21.67
CA LEU F 29 23.53 16.73 21.09
C LEU F 29 22.15 16.61 21.74
N CYS F 30 22.09 16.71 23.07
CA CYS F 30 20.88 16.42 23.83
C CYS F 30 20.45 17.66 24.61
N THR F 31 19.20 17.66 25.09
CA THR F 31 18.75 18.74 25.98
C THR F 31 19.02 18.42 27.44
N HIS F 32 18.99 17.13 27.81
CA HIS F 32 19.23 16.72 29.19
C HIS F 32 20.19 15.54 29.12
N LEU F 33 21.24 15.55 29.95
CA LEU F 33 22.19 14.45 30.07
C LEU F 33 22.05 13.87 31.46
N ILE F 34 21.91 12.54 31.56
CA ILE F 34 21.70 11.84 32.83
C ILE F 34 22.86 10.88 33.05
N TYR F 35 23.49 11.00 34.23
CA TYR F 35 24.70 10.25 34.55
C TYR F 35 24.30 8.97 35.28
N ALA F 36 24.58 7.81 34.69
CA ALA F 36 24.26 6.50 35.28
C ALA F 36 25.54 5.82 35.74
N PHE F 37 25.60 5.28 36.99
CA PHE F 37 24.61 5.40 38.07
C PHE F 37 25.36 5.79 39.35
N ALA F 38 24.66 6.54 40.22
CA ALA F 38 25.04 6.66 41.63
C ALA F 38 24.50 5.50 42.44
N GLY F 39 25.05 5.33 43.65
CA GLY F 39 24.62 4.28 44.56
C GLY F 39 24.03 4.84 45.84
N MET F 40 23.97 4.02 46.88
CA MET F 40 23.45 4.46 48.16
C MET F 40 24.24 3.79 49.29
N THR F 41 24.58 4.58 50.32
CA THR F 41 25.32 4.11 51.48
C THR F 41 24.65 4.70 52.71
N ASN F 42 24.20 3.85 53.64
CA ASN F 42 23.52 4.33 54.86
C ASN F 42 22.41 5.33 54.52
N HIS F 43 21.64 5.02 53.47
CA HIS F 43 20.50 5.80 53.00
C HIS F 43 20.88 7.13 52.39
N GLN F 44 22.14 7.31 51.98
CA GLN F 44 22.57 8.57 51.36
C GLN F 44 23.11 8.30 49.96
N LEU F 45 22.89 9.27 49.07
CA LEU F 45 23.43 9.20 47.73
C LEU F 45 24.96 9.09 47.77
N SER F 46 25.53 8.23 46.90
CA SER F 46 26.97 8.00 46.95
C SER F 46 27.53 7.62 45.57
N THR F 47 28.85 7.83 45.40
CA THR F 47 29.53 7.48 44.15
C THR F 47 29.68 5.96 44.03
N THR F 48 29.95 5.51 42.79
CA THR F 48 30.20 4.08 42.52
C THR F 48 31.51 3.79 41.84
N GLU F 49 32.18 4.78 41.25
CA GLU F 49 33.48 4.61 40.62
C GLU F 49 34.51 5.55 41.26
N TRP F 50 35.76 5.09 41.28
CA TRP F 50 36.88 5.82 41.89
C TRP F 50 37.00 7.26 41.38
N ASN F 51 36.68 7.51 40.10
CA ASN F 51 36.86 8.85 39.53
C ASN F 51 35.55 9.58 39.34
N ASP F 52 34.44 9.15 39.98
CA ASP F 52 33.17 9.87 39.78
C ASP F 52 33.27 11.37 40.12
N GLU F 53 33.98 11.76 41.21
CA GLU F 53 34.01 13.19 41.52
C GLU F 53 34.61 13.97 40.34
N THR F 54 35.67 13.42 39.73
CA THR F 54 36.29 14.06 38.57
C THR F 54 35.36 14.04 37.36
N LEU F 55 34.75 12.88 37.06
CA LEU F 55 33.86 12.80 35.90
C LEU F 55 32.60 13.66 36.08
N TYR F 56 32.07 13.73 37.31
CA TYR F 56 30.91 14.63 37.53
C TYR F 56 31.26 16.06 37.15
N GLN F 57 32.47 16.51 37.50
CA GLN F 57 32.84 17.89 37.20
C GLN F 57 33.09 18.12 35.71
N GLU F 58 33.65 17.12 35.01
CA GLU F 58 33.78 17.25 33.55
C GLU F 58 32.43 17.26 32.87
N PHE F 59 31.55 16.33 33.30
CA PHE F 59 30.18 16.21 32.75
C PHE F 59 29.41 17.51 32.94
N ASN F 60 29.39 18.03 34.18
CA ASN F 60 28.65 19.26 34.42
C ASN F 60 29.34 20.49 33.82
N GLY F 61 30.66 20.42 33.65
CA GLY F 61 31.38 21.47 32.96
C GLY F 61 31.02 21.60 31.49
N LEU F 62 30.34 20.62 30.91
CA LEU F 62 29.91 20.77 29.53
C LEU F 62 28.88 21.87 29.37
N LYS F 63 28.18 22.27 30.45
CA LYS F 63 27.28 23.41 30.38
C LYS F 63 28.01 24.71 30.08
N LYS F 64 29.37 24.74 30.17
CA LYS F 64 30.08 25.92 29.69
C LYS F 64 29.93 26.08 28.17
N MET F 65 29.96 24.96 27.43
N MET F 65 30.01 24.97 27.43
CA MET F 65 29.84 25.00 25.98
CA MET F 65 29.85 25.01 25.98
C MET F 65 28.39 25.01 25.51
C MET F 65 28.38 25.13 25.57
N ASN F 66 27.46 24.59 26.37
CA ASN F 66 26.02 24.64 26.07
C ASN F 66 25.25 25.06 27.32
N PRO F 67 25.09 26.37 27.52
CA PRO F 67 24.42 26.85 28.74
C PRO F 67 22.96 26.43 28.88
N LYS F 68 22.30 25.99 27.81
CA LYS F 68 20.91 25.55 27.94
C LYS F 68 20.80 24.12 28.45
N LEU F 69 21.90 23.38 28.46
CA LEU F 69 21.91 21.98 28.85
C LEU F 69 21.54 21.84 30.33
N LYS F 70 20.76 20.81 30.65
CA LYS F 70 20.51 20.43 32.04
C LYS F 70 21.06 19.03 32.28
N THR F 71 21.62 18.81 33.46
CA THR F 71 22.17 17.52 33.86
C THR F 71 21.45 16.94 35.07
N LEU F 72 21.38 15.61 35.10
CA LEU F 72 20.84 14.89 36.25
C LEU F 72 21.74 13.71 36.60
N LEU F 73 21.65 13.27 37.84
CA LEU F 73 22.33 12.08 38.33
C LEU F 73 21.28 10.99 38.58
N ALA F 74 21.49 9.81 37.98
CA ALA F 74 20.60 8.67 38.13
C ALA F 74 21.09 7.75 39.26
N ILE F 75 20.17 7.35 40.16
CA ILE F 75 20.51 6.44 41.25
C ILE F 75 19.84 5.08 41.03
N GLY F 76 20.61 3.99 41.18
CA GLY F 76 20.05 2.65 41.11
C GLY F 76 20.58 1.81 39.96
N GLY F 77 19.67 1.37 39.07
CA GLY F 77 20.04 0.51 37.96
C GLY F 77 19.80 -0.96 38.23
N TRP F 78 20.38 -1.81 37.37
N TRP F 78 20.35 -1.81 37.36
CA TRP F 78 20.16 -3.27 37.45
CA TRP F 78 20.22 -3.26 37.52
C TRP F 78 21.24 -4.04 38.23
C TRP F 78 21.39 -3.83 38.31
N ASN F 79 22.36 -3.39 38.56
N ASN F 79 21.09 -4.74 39.23
CA ASN F 79 23.38 -3.90 39.48
CA ASN F 79 22.01 -5.44 40.12
C ASN F 79 23.24 -2.97 40.67
C ASN F 79 22.40 -4.61 41.35
N PHE F 80 22.21 -3.24 41.46
N PHE F 80 21.91 -3.39 41.48
CA PHE F 80 21.79 -2.47 42.63
CA PHE F 80 22.08 -2.58 42.69
C PHE F 80 20.75 -3.23 43.48
C PHE F 80 21.60 -3.36 43.92
N GLY F 81 19.66 -3.74 42.87
N GLY F 81 22.24 -3.11 45.07
CA GLY F 81 18.62 -4.45 43.62
CA GLY F 81 21.89 -3.81 46.32
C GLY F 81 17.51 -3.54 44.13
C GLY F 81 20.40 -3.95 46.59
N THR F 82 16.70 -4.06 45.07
N THR F 82 19.96 -5.20 46.82
CA THR F 82 15.61 -3.30 45.68
CA THR F 82 18.54 -5.56 46.72
C THR F 82 15.77 -3.01 47.17
C THR F 82 17.66 -4.84 47.74
N GLN F 83 16.66 -3.70 47.89
N GLN F 83 18.21 -4.48 48.89
CA GLN F 83 16.64 -3.64 49.35
CA GLN F 83 17.40 -3.97 50.00
C GLN F 83 17.09 -2.28 49.86
C GLN F 83 17.50 -2.45 50.19
N LYS F 84 18.18 -1.73 49.30
CA LYS F 84 18.59 -0.38 49.70
C LYS F 84 17.47 0.65 49.53
N PHE F 85 16.70 0.57 48.43
CA PHE F 85 15.56 1.46 48.29
C PHE F 85 14.49 1.13 49.33
N THR F 86 14.14 -0.15 49.49
CA THR F 86 13.16 -0.55 50.50
C THR F 86 13.52 -0.04 51.90
N ASP F 87 14.79 -0.21 52.30
CA ASP F 87 15.18 0.21 53.65
C ASP F 87 15.08 1.72 53.80
N MET F 88 15.38 2.45 52.72
CA MET F 88 15.41 3.91 52.81
C MET F 88 14.00 4.50 52.82
N VAL F 89 13.06 3.92 52.08
CA VAL F 89 11.70 4.46 52.04
C VAL F 89 10.85 4.02 53.22
N ALA F 90 11.34 3.07 54.04
CA ALA F 90 10.51 2.47 55.09
C ALA F 90 10.25 3.38 56.26
N THR F 91 11.05 4.41 56.47
CA THR F 91 10.81 5.34 57.56
C THR F 91 10.95 6.77 57.09
N ALA F 92 10.22 7.67 57.75
CA ALA F 92 10.35 9.09 57.48
C ALA F 92 11.76 9.59 57.76
N ASN F 93 12.40 9.07 58.81
CA ASN F 93 13.78 9.47 59.12
C ASN F 93 14.72 9.10 57.99
N ASN F 94 14.61 7.87 57.46
CA ASN F 94 15.49 7.46 56.36
C ASN F 94 15.22 8.25 55.08
N ARG F 95 13.94 8.53 54.77
CA ARG F 95 13.64 9.36 53.61
C ARG F 95 14.26 10.74 53.75
N GLN F 96 14.16 11.35 54.95
CA GLN F 96 14.73 12.69 55.11
C GLN F 96 16.26 12.64 55.02
N THR F 97 16.88 11.61 55.60
CA THR F 97 18.32 11.44 55.44
C THR F 97 18.70 11.41 53.96
N PHE F 98 17.97 10.64 53.17
CA PHE F 98 18.26 10.54 51.74
C PHE F 98 18.04 11.87 51.01
N VAL F 99 16.88 12.50 51.24
CA VAL F 99 16.55 13.74 50.55
C VAL F 99 17.58 14.81 50.87
N ASN F 100 17.92 14.97 52.16
CA ASN F 100 18.90 16.00 52.50
C ASN F 100 20.26 15.69 51.91
N SER F 101 20.65 14.41 51.91
CA SER F 101 21.92 14.06 51.28
C SER F 101 21.91 14.36 49.78
N ALA F 102 20.77 14.14 49.12
CA ALA F 102 20.71 14.35 47.67
C ALA F 102 20.86 15.84 47.34
N ILE F 103 20.20 16.72 48.10
CA ILE F 103 20.37 18.16 47.87
C ILE F 103 21.83 18.56 48.00
N ARG F 104 22.48 18.14 49.10
CA ARG F 104 23.87 18.52 49.35
C ARG F 104 24.77 18.02 48.22
N PHE F 105 24.62 16.74 47.83
CA PHE F 105 25.47 16.10 46.83
C PHE F 105 25.28 16.73 45.45
N LEU F 106 24.02 16.90 45.02
CA LEU F 106 23.75 17.47 43.69
C LEU F 106 24.27 18.90 43.58
N ARG F 107 24.10 19.72 44.63
CA ARG F 107 24.66 21.08 44.58
C ARG F 107 26.19 21.06 44.61
N LYS F 108 26.77 20.13 45.37
CA LYS F 108 28.22 20.10 45.49
C LYS F 108 28.89 19.92 44.13
N TYR F 109 28.33 19.06 43.29
CA TYR F 109 28.94 18.71 42.01
C TYR F 109 28.32 19.43 40.82
N SER F 110 27.32 20.29 41.06
CA SER F 110 26.69 21.07 40.00
C SER F 110 25.78 20.27 39.07
N PHE F 111 25.07 19.28 39.62
CA PHE F 111 23.98 18.67 38.87
C PHE F 111 22.70 19.48 39.02
N ASP F 112 21.84 19.40 38.00
CA ASP F 112 20.55 20.11 37.96
C ASP F 112 19.37 19.25 38.46
N GLY F 113 19.59 17.98 38.80
CA GLY F 113 18.47 17.19 39.27
C GLY F 113 18.83 15.74 39.53
N LEU F 114 17.82 14.98 39.96
CA LEU F 114 17.94 13.56 40.33
C LEU F 114 16.98 12.74 39.48
N ASP F 115 17.47 11.61 38.94
CA ASP F 115 16.66 10.62 38.21
C ASP F 115 16.62 9.34 39.04
N LEU F 116 15.40 8.82 39.33
CA LEU F 116 15.25 7.60 40.13
C LEU F 116 15.17 6.36 39.21
N ASP F 117 16.09 5.40 39.42
CA ASP F 117 16.12 4.19 38.61
C ASP F 117 16.03 2.91 39.47
N TRP F 118 15.03 2.86 40.33
CA TRP F 118 14.75 1.68 41.15
C TRP F 118 14.13 0.60 40.27
N GLU F 119 14.75 -0.58 40.22
CA GLU F 119 14.18 -1.74 39.52
C GLU F 119 13.85 -2.83 40.55
N TYR F 120 12.60 -2.88 41.05
CA TYR F 120 11.49 -1.93 40.83
C TYR F 120 10.69 -2.01 42.14
N PRO F 121 10.03 -0.92 42.56
CA PRO F 121 9.17 -1.01 43.76
C PRO F 121 8.09 -2.07 43.51
N GLY F 122 7.86 -2.91 44.52
CA GLY F 122 6.80 -3.90 44.45
C GLY F 122 7.13 -5.17 43.69
N SER F 123 8.30 -5.26 43.08
CA SER F 123 8.71 -6.46 42.35
C SER F 123 10.14 -6.81 42.71
N GLN F 124 10.56 -7.98 42.25
CA GLN F 124 11.96 -8.40 42.35
C GLN F 124 12.48 -8.33 43.78
N GLY F 125 11.62 -8.67 44.73
CA GLY F 125 11.99 -8.77 46.12
C GLY F 125 11.46 -7.63 46.98
N SER F 126 11.06 -6.54 46.38
CA SER F 126 10.51 -5.41 47.10
C SER F 126 9.06 -5.73 47.44
N PRO F 127 8.64 -5.52 48.68
CA PRO F 127 7.28 -5.87 49.08
C PRO F 127 6.24 -4.95 48.45
N ALA F 128 4.99 -5.43 48.49
CA ALA F 128 3.89 -4.68 47.90
C ALA F 128 3.76 -3.27 48.48
N VAL F 129 4.11 -3.08 49.77
CA VAL F 129 3.98 -1.76 50.38
C VAL F 129 4.84 -0.69 49.70
N ASP F 130 5.86 -1.09 48.94
CA ASP F 130 6.73 -0.11 48.31
C ASP F 130 6.07 0.66 47.16
N LYS F 131 4.96 0.17 46.60
CA LYS F 131 4.20 0.97 45.64
C LYS F 131 3.78 2.32 46.24
N GLU F 132 3.10 2.31 47.39
CA GLU F 132 2.72 3.58 48.01
C GLU F 132 3.91 4.34 48.59
N ARG F 133 4.93 3.62 49.08
CA ARG F 133 6.12 4.31 49.61
C ARG F 133 6.94 4.96 48.52
N PHE F 134 6.92 4.41 47.31
CA PHE F 134 7.54 5.11 46.18
C PHE F 134 6.87 6.46 45.93
N THR F 135 5.53 6.53 46.00
CA THR F 135 4.85 7.81 45.88
C THR F 135 5.32 8.78 46.97
N THR F 136 5.40 8.30 48.21
CA THR F 136 5.85 9.17 49.31
C THR F 136 7.27 9.68 49.06
N LEU F 137 8.16 8.81 48.60
CA LEU F 137 9.52 9.24 48.30
C LEU F 137 9.51 10.36 47.25
N VAL F 138 8.76 10.16 46.17
CA VAL F 138 8.71 11.15 45.09
C VAL F 138 8.14 12.47 45.62
N GLN F 139 7.11 12.40 46.46
CA GLN F 139 6.57 13.60 47.08
C GLN F 139 7.59 14.30 47.98
N ASP F 140 8.30 13.53 48.82
CA ASP F 140 9.31 14.12 49.71
C ASP F 140 10.40 14.84 48.93
N LEU F 141 10.89 14.23 47.85
CA LEU F 141 11.93 14.87 47.04
C LEU F 141 11.38 16.14 46.38
N ALA F 142 10.21 16.06 45.74
CA ALA F 142 9.65 17.23 45.06
C ALA F 142 9.44 18.39 46.04
N ASN F 143 8.92 18.08 47.24
CA ASN F 143 8.70 19.12 48.24
C ASN F 143 9.99 19.75 48.70
N ALA F 144 11.00 18.93 49.01
CA ALA F 144 12.28 19.46 49.47
C ALA F 144 13.00 20.25 48.38
N PHE F 145 12.94 19.79 47.13
CA PHE F 145 13.53 20.55 46.02
C PHE F 145 12.85 21.92 45.89
N GLN F 146 11.51 21.96 45.96
CA GLN F 146 10.78 23.23 45.91
C GLN F 146 11.24 24.16 47.04
N GLN F 147 11.34 23.63 48.26
CA GLN F 147 11.73 24.46 49.40
C GLN F 147 13.17 24.96 49.27
N GLU F 148 14.10 24.08 48.86
CA GLU F 148 15.51 24.47 48.76
C GLU F 148 15.72 25.60 47.75
N ALA F 149 14.97 25.59 46.63
CA ALA F 149 15.17 26.64 45.62
C ALA F 149 14.81 28.00 46.17
N GLN F 150 13.81 28.04 47.05
CA GLN F 150 13.39 29.32 47.61
C GLN F 150 14.38 29.83 48.66
N THR F 151 14.98 28.93 49.43
CA THR F 151 15.97 29.34 50.42
C THR F 151 17.32 29.65 49.80
N SER F 152 17.72 28.92 48.75
CA SER F 152 19.04 29.12 48.14
C SER F 152 19.04 30.10 46.98
N GLY F 153 17.89 30.31 46.34
CA GLY F 153 17.86 31.14 45.15
C GLY F 153 18.49 30.53 43.92
N LYS F 154 18.93 29.27 43.97
CA LYS F 154 19.39 28.59 42.77
C LYS F 154 18.20 27.99 42.03
N GLU F 155 18.42 27.59 40.77
CA GLU F 155 17.36 26.97 39.99
C GLU F 155 16.90 25.68 40.66
N ARG F 156 15.59 25.49 40.76
CA ARG F 156 15.04 24.34 41.48
C ARG F 156 15.52 23.02 40.87
N LEU F 157 15.97 22.09 41.73
CA LEU F 157 16.44 20.79 41.26
C LEU F 157 15.30 20.01 40.61
N LEU F 158 15.59 19.39 39.46
CA LEU F 158 14.63 18.57 38.72
C LEU F 158 14.55 17.15 39.31
N LEU F 159 13.40 16.52 39.14
CA LEU F 159 13.17 15.14 39.59
C LEU F 159 12.53 14.37 38.43
N SER F 160 13.19 13.26 38.02
CA SER F 160 12.64 12.38 37.00
C SER F 160 12.71 10.94 37.50
N ALA F 161 12.06 10.03 36.78
CA ALA F 161 12.20 8.60 37.10
C ALA F 161 12.20 7.79 35.81
N ALA F 162 12.97 6.69 35.82
CA ALA F 162 13.02 5.71 34.73
C ALA F 162 12.06 4.58 35.06
N VAL F 163 11.06 4.35 34.22
CA VAL F 163 9.95 3.48 34.60
C VAL F 163 9.75 2.33 33.60
N PRO F 164 9.32 1.16 34.07
CA PRO F 164 9.21 -0.01 33.19
C PRO F 164 8.00 0.02 32.26
N ALA F 165 8.12 -0.74 31.16
CA ALA F 165 7.06 -0.92 30.16
C ALA F 165 6.13 -2.08 30.48
N GLY F 166 6.59 -3.06 31.24
CA GLY F 166 5.82 -4.29 31.41
C GLY F 166 4.65 -4.10 32.36
N GLN F 167 3.47 -4.57 31.95
CA GLN F 167 2.23 -4.30 32.70
C GLN F 167 2.29 -4.82 34.13
N THR F 168 2.98 -5.95 34.36
CA THR F 168 3.06 -6.51 35.71
C THR F 168 3.86 -5.61 36.64
N TYR F 169 5.01 -5.12 36.19
CA TYR F 169 5.80 -4.20 37.00
C TYR F 169 5.06 -2.90 37.26
N VAL F 170 4.38 -2.37 36.23
CA VAL F 170 3.66 -1.09 36.40
C VAL F 170 2.57 -1.25 37.47
N ASP F 171 1.79 -2.32 37.37
CA ASP F 171 0.69 -2.50 38.33
C ASP F 171 1.21 -2.76 39.73
N ALA F 172 2.33 -3.48 39.86
CA ALA F 172 2.86 -3.79 41.18
C ALA F 172 3.59 -2.61 41.84
N GLY F 173 4.05 -1.63 41.06
CA GLY F 173 4.97 -0.66 41.62
C GLY F 173 4.58 0.80 41.64
N TYR F 174 3.64 1.26 40.80
CA TYR F 174 3.54 2.69 40.45
C TYR F 174 2.11 3.19 40.56
N GLU F 175 1.91 4.24 41.36
CA GLU F 175 0.65 4.98 41.38
C GLU F 175 0.81 6.07 40.34
N VAL F 176 0.50 5.72 39.09
CA VAL F 176 0.96 6.48 37.94
C VAL F 176 0.48 7.93 38.01
N ASP F 177 -0.80 8.12 38.30
CA ASP F 177 -1.34 9.48 38.32
C ASP F 177 -0.70 10.34 39.40
N LYS F 178 -0.37 9.76 40.56
CA LYS F 178 0.17 10.57 41.64
C LYS F 178 1.64 10.93 41.40
N ILE F 179 2.46 9.94 41.03
CA ILE F 179 3.86 10.28 40.81
C ILE F 179 4.00 11.26 39.65
N ALA F 180 3.12 11.15 38.64
CA ALA F 180 3.21 12.01 37.47
C ALA F 180 3.06 13.49 37.84
N GLN F 181 2.29 13.80 38.89
CA GLN F 181 2.14 15.21 39.25
C GLN F 181 3.38 15.77 39.95
N ASN F 182 4.26 14.93 40.50
CA ASN F 182 5.44 15.38 41.22
C ASN F 182 6.75 15.22 40.46
N LEU F 183 6.74 14.47 39.36
CA LEU F 183 7.94 14.29 38.54
C LEU F 183 7.94 15.34 37.45
N ASP F 184 9.11 15.90 37.16
CA ASP F 184 9.20 16.85 36.06
C ASP F 184 9.06 16.13 34.71
N PHE F 185 9.58 14.89 34.62
CA PHE F 185 9.36 14.08 33.43
C PHE F 185 9.54 12.61 33.79
N VAL F 186 9.03 11.74 32.91
CA VAL F 186 8.92 10.31 33.15
C VAL F 186 9.63 9.62 32.00
N ASN F 187 10.73 8.91 32.30
CA ASN F 187 11.55 8.27 31.24
C ASN F 187 11.09 6.83 31.05
N LEU F 188 10.31 6.57 29.99
CA LEU F 188 9.71 5.25 29.74
C LEU F 188 10.72 4.32 29.08
N MET F 189 11.06 3.20 29.75
CA MET F 189 12.11 2.29 29.29
C MET F 189 11.51 1.32 28.27
N ALA F 190 11.28 1.82 27.05
CA ALA F 190 10.53 1.07 26.03
C ALA F 190 11.49 0.20 25.19
N TYR F 191 12.06 -0.80 25.86
CA TYR F 191 13.04 -1.70 25.26
C TYR F 191 13.14 -2.91 26.19
N ASP F 192 14.01 -3.88 25.84
CA ASP F 192 14.08 -5.14 26.58
C ASP F 192 12.74 -5.91 26.55
N PHE F 193 11.95 -5.77 25.47
CA PHE F 193 10.66 -6.46 25.39
C PHE F 193 10.82 -7.95 25.14
N HIS F 194 11.92 -8.36 24.52
CA HIS F 194 12.20 -9.76 24.23
C HIS F 194 13.68 -9.98 24.47
N GLY F 195 14.06 -11.21 24.66
CA GLY F 195 15.46 -11.47 24.98
C GLY F 195 15.70 -12.94 25.12
N SER F 196 16.96 -13.27 25.33
CA SER F 196 17.40 -14.65 25.19
C SER F 196 16.95 -15.52 26.35
N TRP F 197 16.20 -14.98 27.31
CA TRP F 197 15.44 -15.81 28.23
C TRP F 197 14.32 -16.56 27.53
N GLU F 198 13.82 -16.04 26.41
CA GLU F 198 12.80 -16.73 25.64
C GLU F 198 13.44 -17.73 24.69
N LYS F 199 12.65 -18.70 24.25
CA LYS F 199 13.13 -19.81 23.44
C LYS F 199 12.91 -19.59 21.94
N VAL F 200 12.48 -18.39 21.54
CA VAL F 200 12.32 -18.02 20.14
C VAL F 200 12.85 -16.59 19.97
N THR F 201 13.15 -16.23 18.72
CA THR F 201 13.60 -14.86 18.49
C THR F 201 12.45 -13.88 18.65
N GLY F 202 12.80 -12.66 19.07
CA GLY F 202 11.88 -11.55 19.23
C GLY F 202 12.65 -10.26 19.32
N HIS F 203 11.99 -9.16 19.00
CA HIS F 203 12.69 -7.88 18.87
C HIS F 203 12.78 -7.13 20.20
N ASN F 204 13.96 -6.56 20.43
CA ASN F 204 14.22 -5.73 21.63
C ASN F 204 13.16 -4.64 21.83
N SER F 205 12.71 -3.99 20.73
CA SER F 205 11.94 -2.75 20.87
C SER F 205 11.01 -2.56 19.67
N PRO F 206 10.05 -3.45 19.48
CA PRO F 206 9.11 -3.30 18.36
C PRO F 206 8.06 -2.22 18.65
N LEU F 207 7.68 -1.48 17.61
CA LEU F 207 6.72 -0.39 17.82
C LEU F 207 5.30 -0.90 18.08
N TYR F 208 4.88 -1.96 17.36
CA TYR F 208 3.53 -2.53 17.44
C TYR F 208 3.63 -4.04 17.61
N LYS F 209 2.49 -4.67 17.86
CA LYS F 209 2.47 -6.12 17.92
C LYS F 209 2.57 -6.72 16.52
N ARG F 210 2.98 -7.98 16.47
CA ARG F 210 2.83 -8.80 15.28
C ARG F 210 1.40 -9.32 15.20
N GLN F 211 0.94 -9.59 13.97
CA GLN F 211 -0.41 -10.11 13.78
C GLN F 211 -0.66 -11.39 14.57
N GLU F 212 0.34 -12.25 14.73
CA GLU F 212 0.14 -13.52 15.43
C GLU F 212 0.03 -13.38 16.94
N GLU F 213 0.43 -12.25 17.52
CA GLU F 213 0.47 -12.11 18.97
C GLU F 213 -0.89 -11.76 19.55
N SER F 214 -1.23 -12.37 20.67
CA SER F 214 -2.48 -12.07 21.36
C SER F 214 -2.28 -12.25 22.86
N GLY F 215 -3.27 -11.81 23.62
N GLY F 215 -3.27 -11.82 23.62
CA GLY F 215 -3.18 -11.93 25.06
CA GLY F 215 -3.18 -11.93 25.06
C GLY F 215 -2.05 -11.09 25.60
C GLY F 215 -2.04 -11.09 25.60
N ALA F 216 -1.34 -11.63 26.60
CA ALA F 216 -0.24 -10.89 27.23
C ALA F 216 0.83 -10.52 26.21
N ALA F 217 1.10 -11.41 25.25
CA ALA F 217 2.16 -11.17 24.28
C ALA F 217 1.86 -9.96 23.41
N ALA F 218 0.58 -9.58 23.30
CA ALA F 218 0.17 -8.45 22.49
C ALA F 218 0.52 -7.11 23.13
N SER F 219 0.98 -7.11 24.39
CA SER F 219 1.40 -5.89 25.07
C SER F 219 2.92 -5.71 25.06
N LEU F 220 3.66 -6.64 24.44
CA LEU F 220 5.12 -6.58 24.41
C LEU F 220 5.61 -5.70 23.25
N ASN F 221 5.22 -4.43 23.28
CA ASN F 221 5.62 -3.47 22.24
C ASN F 221 5.53 -2.05 22.78
N VAL F 222 6.19 -1.11 22.07
CA VAL F 222 6.28 0.28 22.50
C VAL F 222 4.88 0.91 22.63
N ASP F 223 4.06 0.72 21.61
CA ASP F 223 2.75 1.38 21.62
C ASP F 223 1.90 0.95 22.82
N ALA F 224 1.93 -0.34 23.17
CA ALA F 224 1.17 -0.82 24.32
C ALA F 224 1.66 -0.19 25.61
N ALA F 225 2.98 -0.06 25.76
CA ALA F 225 3.57 0.57 26.94
C ALA F 225 3.19 2.05 27.04
N VAL F 226 3.30 2.78 25.93
CA VAL F 226 2.91 4.20 25.89
C VAL F 226 1.44 4.38 26.27
N GLN F 227 0.55 3.61 25.65
CA GLN F 227 -0.86 3.75 25.97
C GLN F 227 -1.15 3.42 27.43
N GLN F 228 -0.40 2.48 28.02
CA GLN F 228 -0.63 2.17 29.43
C GLN F 228 -0.29 3.36 30.32
N TRP F 229 0.90 3.95 30.12
CA TRP F 229 1.29 5.09 30.94
C TRP F 229 0.36 6.30 30.73
N LEU F 230 -0.13 6.51 29.51
CA LEU F 230 -1.08 7.61 29.27
C LEU F 230 -2.43 7.33 29.89
N GLN F 231 -2.94 6.11 29.72
CA GLN F 231 -4.27 5.78 30.22
C GLN F 231 -4.33 5.81 31.75
N LYS F 232 -3.22 5.51 32.42
CA LYS F 232 -3.15 5.53 33.87
C LYS F 232 -2.87 6.90 34.44
N GLY F 233 -2.70 7.92 33.60
CA GLY F 233 -2.67 9.29 34.10
C GLY F 233 -1.41 10.11 33.92
N THR F 234 -0.44 9.66 33.12
CA THR F 234 0.70 10.52 32.80
C THR F 234 0.31 11.56 31.76
N PRO F 235 0.45 12.84 32.03
CA PRO F 235 0.25 13.84 30.96
C PRO F 235 1.21 13.53 29.83
N ALA F 236 0.71 13.62 28.59
CA ALA F 236 1.54 13.27 27.44
C ALA F 236 2.84 14.09 27.41
N SER F 237 2.76 15.38 27.77
CA SER F 237 3.95 16.23 27.69
C SER F 237 5.02 15.82 28.69
N LYS F 238 4.68 15.02 29.70
CA LYS F 238 5.68 14.58 30.67
C LYS F 238 6.26 13.21 30.33
N LEU F 239 5.67 12.48 29.38
CA LEU F 239 6.11 11.13 29.05
C LEU F 239 7.19 11.22 27.97
N ILE F 240 8.37 10.68 28.26
CA ILE F 240 9.53 10.77 27.38
C ILE F 240 9.81 9.36 26.86
N LEU F 241 9.79 9.18 25.53
CA LEU F 241 9.80 7.84 24.95
C LEU F 241 11.23 7.31 24.84
N GLY F 242 11.55 6.26 25.62
CA GLY F 242 12.87 5.63 25.52
C GLY F 242 13.09 4.90 24.21
N MET F 243 14.32 5.00 23.72
CA MET F 243 14.75 4.34 22.47
C MET F 243 16.15 3.79 22.67
N PRO F 244 16.40 2.57 22.17
CA PRO F 244 17.67 1.88 22.43
C PRO F 244 18.69 2.06 21.30
N THR F 245 19.93 2.46 21.62
CA THR F 245 21.04 2.36 20.66
C THR F 245 21.77 1.03 20.77
N TYR F 246 21.06 -0.03 21.16
CA TYR F 246 21.59 -1.39 21.21
C TYR F 246 20.49 -2.33 20.73
N GLY F 247 20.89 -3.56 20.38
CA GLY F 247 19.95 -4.62 20.06
C GLY F 247 20.13 -5.83 20.96
N ARG F 248 19.24 -6.80 20.78
CA ARG F 248 19.29 -8.05 21.54
C ARG F 248 19.44 -9.21 20.57
N SER F 249 20.39 -10.08 20.90
CA SER F 249 20.87 -11.14 20.01
C SER F 249 20.49 -12.53 20.52
N PHE F 250 20.37 -13.45 19.55
CA PHE F 250 20.02 -14.84 19.80
C PHE F 250 20.95 -15.77 19.03
N THR F 251 21.21 -16.96 19.58
CA THR F 251 21.73 -18.08 18.78
C THR F 251 20.55 -18.89 18.24
N LEU F 252 20.49 -19.02 16.91
CA LEU F 252 19.41 -19.76 16.26
C LEU F 252 19.62 -21.26 16.41
N ALA F 253 18.51 -21.99 16.58
CA ALA F 253 18.61 -23.45 16.55
C ALA F 253 19.06 -23.95 15.20
N SER F 254 18.68 -23.25 14.13
CA SER F 254 19.12 -23.64 12.80
C SER F 254 19.35 -22.40 11.95
N SER F 255 20.50 -22.34 11.28
CA SER F 255 20.77 -21.23 10.39
C SER F 255 19.78 -21.15 9.23
N SER F 256 18.96 -22.17 9.02
CA SER F 256 17.99 -22.12 7.94
C SER F 256 16.60 -21.64 8.35
N ASP F 257 16.39 -21.30 9.63
CA ASP F 257 15.14 -20.68 10.06
C ASP F 257 15.49 -19.40 10.80
N THR F 258 15.24 -18.27 10.14
CA THR F 258 15.72 -16.96 10.56
C THR F 258 14.56 -15.97 10.76
N ARG F 259 13.32 -16.44 10.79
CA ARG F 259 12.21 -15.51 10.95
C ARG F 259 12.12 -15.02 12.38
N VAL F 260 11.35 -13.94 12.58
CA VAL F 260 10.95 -13.57 13.93
CA VAL F 260 10.96 -13.57 13.93
C VAL F 260 10.06 -14.67 14.48
N GLY F 261 10.39 -15.13 15.68
CA GLY F 261 9.75 -16.31 16.26
C GLY F 261 10.38 -17.64 15.89
N ALA F 262 11.53 -17.65 15.22
CA ALA F 262 12.19 -18.92 14.97
C ALA F 262 12.83 -19.46 16.26
N PRO F 263 13.00 -20.78 16.38
CA PRO F 263 13.60 -21.35 17.59
C PRO F 263 15.01 -20.82 17.83
N ALA F 264 15.29 -20.50 19.09
CA ALA F 264 16.62 -20.07 19.50
C ALA F 264 17.11 -20.97 20.63
N THR F 265 18.43 -21.20 20.66
CA THR F 265 19.00 -22.05 21.70
C THR F 265 19.58 -21.24 22.87
N GLY F 266 19.63 -19.93 22.75
CA GLY F 266 20.22 -19.12 23.81
C GLY F 266 20.63 -17.76 23.27
N SER F 267 21.38 -17.04 24.11
CA SER F 267 21.83 -15.71 23.76
C SER F 267 22.76 -15.73 22.55
N GLY F 268 22.80 -14.62 21.82
CA GLY F 268 23.83 -14.46 20.81
C GLY F 268 25.23 -14.35 21.39
N THR F 269 26.22 -14.68 20.57
CA THR F 269 27.63 -14.53 20.94
C THR F 269 27.92 -13.11 21.45
N PRO F 270 28.71 -12.95 22.52
CA PRO F 270 29.08 -11.61 22.99
C PRO F 270 29.74 -10.79 21.90
N GLY F 271 29.45 -9.49 21.89
CA GLY F 271 30.11 -8.55 21.00
C GLY F 271 31.56 -8.35 21.38
N PRO F 272 32.40 -7.96 20.42
CA PRO F 272 33.83 -7.81 20.70
C PRO F 272 34.14 -6.71 21.69
N PHE F 273 33.31 -5.66 21.73
CA PHE F 273 33.52 -4.52 22.63
C PHE F 273 32.60 -4.54 23.84
N THR F 274 31.33 -4.88 23.68
CA THR F 274 30.42 -4.86 24.84
C THR F 274 30.50 -6.13 25.69
N LYS F 275 30.98 -7.25 25.12
CA LYS F 275 31.37 -8.43 25.92
C LYS F 275 30.25 -8.92 26.85
N GLU F 276 29.02 -9.02 26.32
CA GLU F 276 27.88 -9.44 27.12
C GLU F 276 26.89 -10.18 26.23
N GLY F 277 26.79 -11.50 26.40
CA GLY F 277 25.93 -12.30 25.55
C GLY F 277 24.50 -11.80 25.59
N GLY F 278 23.85 -11.84 24.42
CA GLY F 278 22.49 -11.37 24.30
C GLY F 278 22.32 -9.90 23.96
N MET F 279 23.39 -9.09 24.01
N MET F 279 23.37 -9.07 24.03
CA MET F 279 23.35 -7.66 23.73
CA MET F 279 23.26 -7.66 23.69
C MET F 279 24.39 -7.32 22.68
C MET F 279 24.39 -7.25 22.75
N LEU F 280 24.09 -6.32 21.85
CA LEU F 280 25.10 -5.71 20.97
C LEU F 280 24.85 -4.21 20.87
N ALA F 281 25.91 -3.43 20.88
CA ALA F 281 25.76 -2.00 20.61
C ALA F 281 25.44 -1.80 19.14
N TYR F 282 24.84 -0.64 18.82
CA TYR F 282 24.58 -0.34 17.41
C TYR F 282 25.88 -0.41 16.58
N TYR F 283 26.99 0.09 17.13
CA TYR F 283 28.25 0.06 16.37
C TYR F 283 28.80 -1.34 16.14
N GLU F 284 28.28 -2.36 16.87
CA GLU F 284 28.69 -3.74 16.67
C GLU F 284 27.86 -4.45 15.62
N VAL F 285 26.66 -3.95 15.33
CA VAL F 285 25.80 -4.60 14.34
C VAL F 285 25.72 -3.83 13.02
N CYS F 286 26.01 -2.52 13.02
CA CYS F 286 25.72 -1.70 11.83
C CYS F 286 26.63 -2.05 10.67
N SER F 287 27.74 -2.74 10.92
CA SER F 287 28.79 -2.96 9.94
C SER F 287 29.03 -4.42 9.59
N TRP F 288 28.13 -5.33 10.02
CA TRP F 288 28.30 -6.75 9.75
C TRP F 288 28.45 -7.00 8.25
N LYS F 289 29.47 -7.76 7.87
CA LYS F 289 29.65 -8.15 6.48
C LYS F 289 29.01 -9.52 6.24
N GLY F 290 28.49 -9.71 5.03
CA GLY F 290 27.92 -11.00 4.67
C GLY F 290 26.71 -11.41 5.48
N ALA F 291 25.94 -10.44 5.96
CA ALA F 291 24.71 -10.70 6.70
C ALA F 291 23.51 -10.33 5.83
N THR F 292 22.31 -10.60 6.35
CA THR F 292 21.06 -10.28 5.69
C THR F 292 20.20 -9.48 6.65
N LYS F 293 19.79 -8.29 6.23
CA LYS F 293 18.97 -7.40 7.04
C LYS F 293 17.56 -7.41 6.48
N GLN F 294 16.56 -7.52 7.38
CA GLN F 294 15.16 -7.51 7.01
C GLN F 294 14.40 -6.57 7.94
N ARG F 295 13.22 -6.11 7.52
CA ARG F 295 12.35 -5.33 8.38
C ARG F 295 11.13 -6.18 8.77
N ILE F 296 10.74 -6.11 10.05
CA ILE F 296 9.50 -6.72 10.50
C ILE F 296 8.36 -5.77 10.13
N GLN F 297 7.54 -6.18 9.14
CA GLN F 297 6.56 -5.25 8.57
C GLN F 297 5.55 -4.77 9.61
N ASP F 298 5.03 -5.67 10.44
CA ASP F 298 4.06 -5.24 11.46
C ASP F 298 4.69 -4.33 12.51
N GLN F 299 5.96 -4.54 12.82
CA GLN F 299 6.57 -3.92 14.00
C GLN F 299 7.45 -2.72 13.69
N LYS F 300 7.71 -2.42 12.40
CA LYS F 300 8.42 -1.23 11.96
C LYS F 300 9.87 -1.13 12.44
N VAL F 301 10.56 -2.26 12.59
CA VAL F 301 11.94 -2.28 13.10
C VAL F 301 12.71 -3.38 12.37
N PRO F 302 14.03 -3.27 12.31
CA PRO F 302 14.82 -4.27 11.56
C PRO F 302 15.40 -5.38 12.43
N TYR F 303 15.78 -6.45 11.76
CA TYR F 303 16.64 -7.48 12.35
C TYR F 303 17.67 -7.90 11.31
N ILE F 304 18.74 -8.52 11.78
CA ILE F 304 19.80 -8.96 10.90
C ILE F 304 20.26 -10.35 11.34
N PHE F 305 20.66 -11.17 10.37
CA PHE F 305 21.16 -12.51 10.70
C PHE F 305 22.37 -12.86 9.86
N ARG F 306 23.18 -13.76 10.40
CA ARG F 306 24.35 -14.28 9.69
C ARG F 306 24.71 -15.60 10.36
N ASP F 307 24.77 -16.67 9.57
CA ASP F 307 24.99 -18.02 10.10
C ASP F 307 23.91 -18.29 11.15
N ASN F 308 24.27 -18.69 12.37
CA ASN F 308 23.28 -18.94 13.41
C ASN F 308 23.12 -17.78 14.38
N GLN F 309 23.44 -16.55 13.97
CA GLN F 309 23.29 -15.37 14.83
C GLN F 309 22.20 -14.44 14.28
N TRP F 310 21.32 -13.97 15.18
CA TRP F 310 20.14 -13.18 14.84
C TRP F 310 20.05 -12.03 15.83
N VAL F 311 19.91 -10.80 15.34
CA VAL F 311 19.87 -9.63 16.22
C VAL F 311 18.72 -8.71 15.82
N GLY F 312 17.89 -8.34 16.79
CA GLY F 312 16.90 -7.30 16.59
C GLY F 312 17.42 -5.99 17.16
N PHE F 313 17.44 -4.94 16.32
CA PHE F 313 18.03 -3.67 16.76
C PHE F 313 17.25 -2.51 16.15
N ASP F 314 17.66 -1.27 16.46
CA ASP F 314 17.06 -0.07 15.90
C ASP F 314 18.06 0.64 14.98
N ASP F 315 17.55 1.18 13.88
CA ASP F 315 18.38 1.90 12.90
C ASP F 315 17.85 3.33 12.69
N VAL F 316 18.46 4.06 11.74
CA VAL F 316 18.05 5.44 11.50
C VAL F 316 16.57 5.50 11.14
N GLU F 317 16.11 4.59 10.29
CA GLU F 317 14.72 4.57 9.85
C GLU F 317 13.76 4.26 11.00
N SER F 318 14.12 3.33 11.90
CA SER F 318 13.16 3.06 12.98
C SER F 318 13.12 4.20 13.99
N PHE F 319 14.26 4.85 14.22
CA PHE F 319 14.26 6.07 15.05
C PHE F 319 13.36 7.15 14.45
N LYS F 320 13.40 7.34 13.12
CA LYS F 320 12.50 8.31 12.50
C LYS F 320 11.03 7.90 12.68
N THR F 321 10.72 6.62 12.51
CA THR F 321 9.35 6.17 12.68
C THR F 321 8.87 6.39 14.10
N LYS F 322 9.76 6.17 15.08
CA LYS F 322 9.40 6.33 16.48
C LYS F 322 9.23 7.81 16.87
N VAL F 323 9.98 8.73 16.24
CA VAL F 323 9.77 10.15 16.50
C VAL F 323 8.43 10.61 15.91
N SER F 324 8.10 10.18 14.69
CA SER F 324 6.77 10.51 14.18
C SER F 324 5.68 10.00 15.12
N TYR F 325 5.88 8.81 15.69
CA TYR F 325 4.90 8.24 16.62
C TYR F 325 4.78 9.10 17.88
N LEU F 326 5.92 9.46 18.48
CA LEU F 326 5.82 10.24 19.72
C LEU F 326 5.18 11.62 19.47
N LYS F 327 5.48 12.24 18.33
CA LYS F 327 4.84 13.51 18.00
C LYS F 327 3.33 13.34 17.81
N GLN F 328 2.92 12.26 17.13
CA GLN F 328 1.50 11.95 16.95
C GLN F 328 0.75 11.84 18.29
N LYS F 329 1.42 11.32 19.32
CA LYS F 329 0.84 11.14 20.65
C LYS F 329 1.03 12.37 21.53
N GLY F 330 1.74 13.39 21.05
CA GLY F 330 1.97 14.59 21.84
C GLY F 330 2.91 14.35 23.00
N LEU F 331 3.82 13.39 22.89
CA LEU F 331 4.71 13.10 24.00
C LEU F 331 5.74 14.21 24.16
N GLY F 332 6.42 14.20 25.31
CA GLY F 332 7.33 15.27 25.64
C GLY F 332 8.70 15.21 24.99
N GLY F 333 9.04 14.11 24.35
CA GLY F 333 10.33 13.98 23.68
C GLY F 333 10.77 12.54 23.66
N ALA F 334 12.07 12.36 23.41
CA ALA F 334 12.72 11.05 23.35
C ALA F 334 13.78 10.95 24.44
N MET F 335 13.99 9.70 24.89
CA MET F 335 15.05 9.35 25.82
C MET F 335 15.88 8.23 25.18
N VAL F 336 17.20 8.24 25.44
CA VAL F 336 18.10 7.29 24.77
C VAL F 336 18.98 6.53 25.76
N TRP F 337 18.97 5.20 25.67
CA TRP F 337 19.98 4.35 26.33
C TRP F 337 20.79 3.67 25.21
N ALA F 338 22.06 4.05 25.02
CA ALA F 338 22.83 5.07 25.77
C ALA F 338 23.84 5.74 24.83
N LEU F 339 24.47 6.83 25.30
CA LEU F 339 25.37 7.59 24.44
C LEU F 339 26.52 6.74 23.91
N ASP F 340 27.07 5.87 24.78
CA ASP F 340 28.26 5.09 24.42
C ASP F 340 27.96 3.88 23.53
N LEU F 341 26.71 3.58 23.20
CA LEU F 341 26.35 2.45 22.33
C LEU F 341 25.99 2.88 20.91
N ASP F 342 25.71 4.16 20.70
CA ASP F 342 25.69 4.74 19.35
C ASP F 342 27.14 4.77 18.82
N ASP F 343 27.30 4.98 17.51
CA ASP F 343 28.64 5.21 16.93
C ASP F 343 29.09 6.63 17.24
N PHE F 344 29.53 6.83 18.51
CA PHE F 344 29.70 8.17 19.07
C PHE F 344 30.85 8.96 18.44
N ALA F 345 31.82 8.28 17.80
CA ALA F 345 32.97 8.97 17.21
C ALA F 345 33.18 8.56 15.76
N GLY F 346 32.14 8.03 15.11
CA GLY F 346 32.25 7.69 13.67
C GLY F 346 33.33 6.66 13.36
N PHE F 347 33.50 5.66 14.23
CA PHE F 347 34.57 4.68 14.06
C PHE F 347 34.10 3.35 13.46
N SER F 348 32.81 3.19 13.15
CA SER F 348 32.32 1.87 12.71
C SER F 348 31.33 1.91 11.54
N CYS F 349 30.31 2.76 11.62
CA CYS F 349 29.11 2.63 10.77
C CYS F 349 29.16 3.41 9.47
N ASN F 350 30.18 4.25 9.25
CA ASN F 350 30.25 5.08 8.05
C ASN F 350 29.05 6.03 7.91
N GLN F 351 28.54 6.49 9.08
CA GLN F 351 27.40 7.42 9.13
C GLN F 351 27.70 8.69 9.91
N GLY F 352 29.00 9.02 10.16
CA GLY F 352 29.35 10.20 10.95
C GLY F 352 29.22 9.94 12.44
N ARG F 353 29.33 11.03 13.22
CA ARG F 353 29.19 10.96 14.68
C ARG F 353 27.72 10.79 15.10
N TYR F 354 27.47 9.92 16.07
CA TYR F 354 26.14 9.76 16.67
C TYR F 354 25.04 9.61 15.63
N PRO F 355 25.14 8.65 14.70
CA PRO F 355 24.10 8.58 13.65
C PRO F 355 22.71 8.40 14.21
N LEU F 356 22.53 7.58 15.28
CA LEU F 356 21.17 7.38 15.80
C LEU F 356 20.70 8.59 16.59
N ILE F 357 21.53 9.11 17.49
CA ILE F 357 21.05 10.20 18.35
C ILE F 357 20.94 11.52 17.57
N GLN F 358 21.88 11.78 16.62
CA GLN F 358 21.69 12.95 15.76
C GLN F 358 20.39 12.87 14.96
N THR F 359 19.93 11.65 14.58
CA THR F 359 18.63 11.53 13.94
C THR F 359 17.52 12.05 14.84
N LEU F 360 17.58 11.70 16.13
CA LEU F 360 16.58 12.22 17.06
C LEU F 360 16.66 13.74 17.16
N ARG F 361 17.88 14.28 17.30
CA ARG F 361 18.02 15.73 17.42
C ARG F 361 17.45 16.46 16.21
N GLN F 362 17.71 15.95 14.98
CA GLN F 362 17.17 16.60 13.78
C GLN F 362 15.65 16.45 13.69
N GLU F 363 15.12 15.26 13.97
CA GLU F 363 13.70 15.02 13.79
C GLU F 363 12.86 15.74 14.85
N LEU F 364 13.38 15.89 16.07
CA LEU F 364 12.67 16.59 17.15
C LEU F 364 12.71 18.11 16.96
N SER F 365 13.59 18.60 16.08
CA SER F 365 13.85 20.02 15.90
C SER F 365 12.81 20.71 15.03
C25 QGB G . -38.37 6.40 17.44
C14 QGB G . -46.05 1.43 12.78
C20 QGB G . -41.53 5.71 15.27
C21 QGB G . -40.55 5.75 16.50
C22 QGB G . -40.86 5.13 17.76
C23 QGB G . -39.94 5.16 18.80
C10 QGB G . -44.80 2.66 14.47
C12 QGB G . -45.17 3.68 12.28
C01 QGB G . -42.57 9.51 12.78
C02 QGB G . -43.10 8.62 13.93
C04 QGB G . -42.67 7.87 16.07
C05 QGB G . -42.93 6.41 15.60
C07 QGB G . -43.38 7.19 13.44
C08 QGB G . -44.02 5.07 14.09
C09 QGB G . -44.66 4.09 15.06
C13 QGB G . -44.94 5.11 12.86
C17 QGB G . -46.92 -0.53 12.73
C24 QGB G . -38.69 5.77 18.65
C26 QGB G . -39.28 6.36 16.38
N06 QGB G . -43.82 6.34 14.49
N11 QGB G . -45.65 2.70 13.28
N15 QGB G . -45.82 0.98 11.52
N16 QGB G . -46.39 -0.25 11.49
N18 QGB G . -46.69 0.50 13.53
N19 QGB G . -47.56 -1.72 13.11
O03 QGB G . -42.21 8.65 15.01
CL1 QGB G . -37.57 5.83 19.98
NA NA H . -52.47 8.41 12.38
C25 QGB I . -21.81 25.51 6.35
C14 QGB I . -16.56 20.80 0.00
C20 QGB I . -18.56 25.60 4.22
C21 QGB I . -19.60 25.84 5.39
C22 QGB I . -19.22 26.55 6.53
C23 QGB I . -20.15 26.75 7.58
C10 QGB I . -18.04 22.19 1.31
C12 QGB I . -15.92 23.16 0.48
C01 QGB I . -16.40 29.35 2.47
C02 QGB I . -17.57 28.36 2.17
C04 QGB I . -19.59 27.55 2.97
C05 QGB I . -19.07 26.09 2.81
C07 QGB I . -17.05 26.92 1.99
C08 QGB I . -17.60 24.66 1.72
C09 QGB I . -18.64 23.62 1.42
C13 QGB I . -16.55 24.56 0.60
C17 QGB I . -16.56 18.76 -0.64
C24 QGB I . -21.43 26.24 7.49
C26 QGB I . -20.87 25.31 5.32
N06 QGB I . -18.07 25.95 1.80
N11 QGB I . -16.98 22.13 0.29
N15 QGB I . -15.30 20.36 0.18
N16 QGB I . -15.31 19.07 -0.22
N18 QGB I . -17.34 19.81 -0.50
N19 QGB I . -16.96 17.54 -1.17
O03 QGB I . -18.54 28.45 3.18
CL1 QGB I . -22.57 26.51 8.79
NA NA J . -12.23 25.00 8.13
C25 QGB K . -23.09 -23.41 -32.05
C14 QGB K . -18.65 -18.06 -24.55
C20 QGB K . -21.19 -22.59 -28.78
C21 QGB K . -22.30 -22.61 -29.90
C22 QGB K . -23.45 -21.79 -29.79
C23 QGB K . -24.42 -21.78 -30.81
C10 QGB K . -20.33 -19.22 -25.83
C12 QGB K . -18.30 -20.47 -25.05
C01 QGB K . -19.48 -26.62 -26.95
C02 QGB K . -20.51 -25.49 -26.74
C04 QGB K . -22.40 -24.44 -27.52
C05 QGB K . -21.74 -23.05 -27.35
C07 QGB K . -19.85 -24.11 -26.51
C08 QGB K . -20.14 -21.80 -26.24
C09 QGB K . -21.05 -20.59 -25.99
C13 QGB K . -19.03 -21.81 -25.19
C17 QGB K . -18.40 -16.05 -23.90
C24 QGB K . -24.24 -22.59 -31.93
C26 QGB K . -22.14 -23.41 -31.02
N06 QGB K . -20.73 -23.02 -26.34
N11 QGB K . -19.23 -19.33 -24.86
N15 QGB K . -17.33 -17.79 -24.71
N16 QGB K . -17.18 -16.51 -24.30
N18 QGB K . -19.32 -16.99 -24.06
N19 QGB K . -18.67 -14.77 -23.38
O03 QGB K . -21.46 -25.44 -27.77
CL1 QGB K . -25.46 -22.58 -33.19
NA NA L . -2.87 -22.35 -7.97
C25 QGB M . 37.65 17.85 9.19
C14 QGB M . 33.22 22.21 2.07
C20 QGB M . 34.62 17.62 6.77
C21 QGB M . 35.55 17.46 8.02
C22 QGB M . 35.06 16.77 9.14
C23 QGB M . 35.87 16.61 10.27
C10 QGB M . 32.44 19.97 2.61
C12 QGB M . 34.55 20.83 3.61
C01 QGB M . 32.75 13.74 4.78
C02 QGB M . 33.88 14.79 4.64
C04 QGB M . 35.76 15.61 5.66
C05 QGB M . 35.26 17.03 5.42
C07 QGB M . 33.36 16.21 4.39
C08 QGB M . 33.90 18.43 4.08
C09 QGB M . 32.99 18.57 2.86
C13 QGB M . 35.07 19.41 3.87
C17 QGB M . 33.32 24.24 1.34
C24 QGB M . 37.14 17.17 10.32
C26 QGB M . 36.85 17.99 8.05
N06 QGB M . 34.41 17.19 4.29
N11 QGB M . 33.59 20.90 2.47
N15 QGB M . 31.96 22.72 2.10
N16 QGB M . 32.01 23.99 1.62
N18 QGB M . 34.06 23.17 1.62
N19 QGB M . 33.77 25.43 0.78
O03 QGB M . 34.70 14.73 5.79
CL1 QGB M . 38.18 16.96 11.71
C1 GOL N . 58.40 22.28 -7.90
O1 GOL N . 57.86 22.05 -6.62
C2 GOL N . 59.24 21.02 -8.34
O2 GOL N . 59.81 20.35 -7.28
C3 GOL N . 58.19 20.15 -9.13
O3 GOL N . 57.36 21.07 -9.80
NA NA O . 53.98 18.61 10.24
C25 QGB P . 38.22 -24.11 -29.07
C14 QGB P . 31.91 -27.49 -23.15
C20 QGB P . 34.83 -23.25 -27.39
C21 QGB P . 36.02 -23.29 -28.42
C22 QGB P . 35.94 -22.60 -29.64
C23 QGB P . 37.02 -22.66 -30.54
C10 QGB P . 33.66 -26.40 -24.39
C12 QGB P . 31.60 -25.13 -23.87
C01 QGB P . 32.86 -19.22 -26.02
C02 QGB P . 33.90 -20.29 -25.58
C04 QGB P . 35.88 -21.28 -26.15
C05 QGB P . 35.23 -22.67 -25.98
C07 QGB P . 33.22 -21.64 -25.40
C08 QGB P . 33.53 -23.91 -24.94
C09 QGB P . 34.41 -25.07 -24.50
C13 QGB P . 32.36 -23.77 -23.93
C17 QGB P . 31.63 -29.49 -22.43
C24 QGB P . 38.15 -23.41 -30.27
C26 QGB P . 37.16 -24.05 -28.16
N06 QGB P . 34.12 -22.69 -25.04
N11 QGB P . 32.51 -26.26 -23.48
N15 QGB P . 30.62 -27.79 -23.40
N16 QGB P . 30.43 -29.05 -22.93
N18 QGB P . 32.56 -28.55 -22.58
N19 QGB P . 31.83 -30.72 -21.83
O03 QGB P . 34.96 -20.32 -26.53
CL1 QGB P . 39.47 -23.44 -31.42
NA NA Q . 21.21 -43.55 -39.19
C25 QGB R . 23.19 -2.70 26.25
C14 QGB R . 17.41 1.86 31.76
C20 QGB R . 21.28 -3.10 29.57
C21 QGB R . 22.37 -3.27 28.45
C22 QGB R . 23.49 -4.11 28.63
C23 QGB R . 24.46 -4.25 27.61
C10 QGB R . 18.58 0.41 30.21
C12 QGB R . 17.79 -0.50 32.40
C01 QGB R . 19.37 -6.79 31.93
C02 QGB R . 19.15 -5.77 30.78
C04 QGB R . 19.95 -5.02 28.76
C05 QGB R . 19.82 -3.55 29.18
C07 QGB R . 19.01 -4.31 31.28
C08 QGB R . 18.85 -2.07 30.66
C09 QGB R . 18.63 -1.01 29.63
C13 QGB R . 17.81 -1.90 31.77
C17 QGB R . 16.89 3.95 31.82
C24 QGB R . 24.30 -3.53 26.43
C26 QGB R . 22.23 -2.60 27.25
N06 QGB R . 18.87 -3.36 30.24
N11 QGB R . 17.61 0.53 31.33
N15 QGB R . 17.62 2.25 33.01
N16 QGB R . 17.30 3.56 33.06
N18 QGB R . 16.98 2.89 31.00
N19 QGB R . 16.46 5.21 31.46
O03 QGB R . 20.16 -5.88 29.83
CL1 QGB R . 25.47 -3.69 25.16
NA NA S . 39.35 16.71 26.88
#